data_2YXF
# 
_entry.id   2YXF 
# 
_audit_conform.dict_name       mmcif_pdbx.dic 
_audit_conform.dict_version    5.397 
_audit_conform.dict_location   http://mmcif.pdb.org/dictionaries/ascii/mmcif_pdbx.dic 
# 
loop_
_database_2.database_id 
_database_2.database_code 
_database_2.pdbx_database_accession 
_database_2.pdbx_DOI 
PDB   2YXF         pdb_00002yxf 10.2210/pdb2yxf/pdb 
RCSB  RCSB027255   ?            ?                   
WWPDB D_1000027255 ?            ?                   
# 
loop_
_pdbx_audit_revision_history.ordinal 
_pdbx_audit_revision_history.data_content_type 
_pdbx_audit_revision_history.major_revision 
_pdbx_audit_revision_history.minor_revision 
_pdbx_audit_revision_history.revision_date 
1 'Structure model' 1 0 2007-10-30 
2 'Structure model' 1 1 2011-07-13 
3 'Structure model' 1 2 2023-10-25 
4 'Structure model' 1 3 2024-10-23 
# 
_pdbx_audit_revision_details.ordinal             1 
_pdbx_audit_revision_details.revision_ordinal    1 
_pdbx_audit_revision_details.data_content_type   'Structure model' 
_pdbx_audit_revision_details.provider            repository 
_pdbx_audit_revision_details.type                'Initial release' 
_pdbx_audit_revision_details.description         ? 
_pdbx_audit_revision_details.details             ? 
# 
loop_
_pdbx_audit_revision_group.ordinal 
_pdbx_audit_revision_group.revision_ordinal 
_pdbx_audit_revision_group.data_content_type 
_pdbx_audit_revision_group.group 
1 2 'Structure model' 'Version format compliance' 
2 3 'Structure model' 'Data collection'           
3 3 'Structure model' 'Database references'       
4 3 'Structure model' 'Refinement description'    
5 4 'Structure model' 'Structure summary'         
# 
loop_
_pdbx_audit_revision_category.ordinal 
_pdbx_audit_revision_category.revision_ordinal 
_pdbx_audit_revision_category.data_content_type 
_pdbx_audit_revision_category.category 
1 3 'Structure model' chem_comp_atom                
2 3 'Structure model' chem_comp_bond                
3 3 'Structure model' database_2                    
4 3 'Structure model' pdbx_initial_refinement_model 
5 3 'Structure model' struct_ref_seq_dif            
6 4 'Structure model' pdbx_entry_details            
7 4 'Structure model' pdbx_modification_feature     
# 
loop_
_pdbx_audit_revision_item.ordinal 
_pdbx_audit_revision_item.revision_ordinal 
_pdbx_audit_revision_item.data_content_type 
_pdbx_audit_revision_item.item 
1 3 'Structure model' '_database_2.pdbx_DOI'                
2 3 'Structure model' '_database_2.pdbx_database_accession' 
3 3 'Structure model' '_struct_ref_seq_dif.details'         
# 
_pdbx_database_status.status_code                     REL 
_pdbx_database_status.entry_id                        2YXF 
_pdbx_database_status.recvd_initial_deposition_date   2007-04-26 
_pdbx_database_status.deposit_site                    PDBJ 
_pdbx_database_status.process_site                    PDBJ 
_pdbx_database_status.status_code_sf                  REL 
_pdbx_database_status.status_code_mr                  ? 
_pdbx_database_status.SG_entry                        ? 
_pdbx_database_status.pdb_format_compatible           Y 
_pdbx_database_status.status_code_cs                  ? 
_pdbx_database_status.status_code_nmr_data            ? 
_pdbx_database_status.methods_development_category    ? 
# 
_pdbx_database_related.db_name        PDB 
_pdbx_database_related.db_id          2D4F 
_pdbx_database_related.details        'the same protein at 1.7A resolution' 
_pdbx_database_related.content_type   unspecified 
# 
loop_
_audit_author.name 
_audit_author.pdbx_ordinal 
'Iwata, K.'    1 
'Matsuura, T.' 2 
'Nakagawa, A.' 3 
'Goto, Y.'     4 
# 
_citation.id                        primary 
_citation.title                     'High-resolution Crystal Structure of {beta}2-Microglobulin Formed at pH 7.0' 
_citation.journal_abbrev            'J.Biochem.(Tokyo)' 
_citation.journal_volume            142 
_citation.page_first                413 
_citation.page_last                 419 
_citation.year                      2007 
_citation.journal_id_ASTM           JOBIAO 
_citation.country                   JA 
_citation.journal_id_ISSN           0021-924X 
_citation.journal_id_CSD            0418 
_citation.book_publisher            ? 
_citation.pdbx_database_id_PubMed   17646174 
_citation.pdbx_database_id_DOI      10.1093/jb/mvm148 
# 
loop_
_citation_author.citation_id 
_citation_author.name 
_citation_author.ordinal 
_citation_author.identifier_ORCID 
primary 'Iwata, K.'    1 ? 
primary 'Matsuura, T.' 2 ? 
primary 'Sakurai, K.'  3 ? 
primary 'Nakagawa, A.' 4 ? 
primary 'Goto, Y.'     5 ? 
# 
loop_
_entity.id 
_entity.type 
_entity.src_method 
_entity.pdbx_description 
_entity.formula_weight 
_entity.pdbx_number_of_molecules 
_entity.pdbx_ec 
_entity.pdbx_mutation 
_entity.pdbx_fragment 
_entity.details 
1 polymer man Beta-2-microglobulin 11879.356 1  ? ? ? ? 
2 water   nat water                18.015    91 ? ? ? ? 
# 
_entity_poly.entity_id                      1 
_entity_poly.type                           'polypeptide(L)' 
_entity_poly.nstd_linkage                   no 
_entity_poly.nstd_monomer                   no 
_entity_poly.pdbx_seq_one_letter_code       
;MIQRTPKIQVYSRHPAENGKSNFLNCYVSGFHPSDIEVDLLKNGERIEKVEHSDLSFSKDWSFYLLYYTEFTPTEKDEYA
CRVNHVTLSQPKIVKWDRDM
;
_entity_poly.pdbx_seq_one_letter_code_can   
;MIQRTPKIQVYSRHPAENGKSNFLNCYVSGFHPSDIEVDLLKNGERIEKVEHSDLSFSKDWSFYLLYYTEFTPTEKDEYA
CRVNHVTLSQPKIVKWDRDM
;
_entity_poly.pdbx_strand_id                 A 
_entity_poly.pdbx_target_identifier         ? 
# 
_pdbx_entity_nonpoly.entity_id   2 
_pdbx_entity_nonpoly.name        water 
_pdbx_entity_nonpoly.comp_id     HOH 
# 
loop_
_entity_poly_seq.entity_id 
_entity_poly_seq.num 
_entity_poly_seq.mon_id 
_entity_poly_seq.hetero 
1 1   MET n 
1 2   ILE n 
1 3   GLN n 
1 4   ARG n 
1 5   THR n 
1 6   PRO n 
1 7   LYS n 
1 8   ILE n 
1 9   GLN n 
1 10  VAL n 
1 11  TYR n 
1 12  SER n 
1 13  ARG n 
1 14  HIS n 
1 15  PRO n 
1 16  ALA n 
1 17  GLU n 
1 18  ASN n 
1 19  GLY n 
1 20  LYS n 
1 21  SER n 
1 22  ASN n 
1 23  PHE n 
1 24  LEU n 
1 25  ASN n 
1 26  CYS n 
1 27  TYR n 
1 28  VAL n 
1 29  SER n 
1 30  GLY n 
1 31  PHE n 
1 32  HIS n 
1 33  PRO n 
1 34  SER n 
1 35  ASP n 
1 36  ILE n 
1 37  GLU n 
1 38  VAL n 
1 39  ASP n 
1 40  LEU n 
1 41  LEU n 
1 42  LYS n 
1 43  ASN n 
1 44  GLY n 
1 45  GLU n 
1 46  ARG n 
1 47  ILE n 
1 48  GLU n 
1 49  LYS n 
1 50  VAL n 
1 51  GLU n 
1 52  HIS n 
1 53  SER n 
1 54  ASP n 
1 55  LEU n 
1 56  SER n 
1 57  PHE n 
1 58  SER n 
1 59  LYS n 
1 60  ASP n 
1 61  TRP n 
1 62  SER n 
1 63  PHE n 
1 64  TYR n 
1 65  LEU n 
1 66  LEU n 
1 67  TYR n 
1 68  TYR n 
1 69  THR n 
1 70  GLU n 
1 71  PHE n 
1 72  THR n 
1 73  PRO n 
1 74  THR n 
1 75  GLU n 
1 76  LYS n 
1 77  ASP n 
1 78  GLU n 
1 79  TYR n 
1 80  ALA n 
1 81  CYS n 
1 82  ARG n 
1 83  VAL n 
1 84  ASN n 
1 85  HIS n 
1 86  VAL n 
1 87  THR n 
1 88  LEU n 
1 89  SER n 
1 90  GLN n 
1 91  PRO n 
1 92  LYS n 
1 93  ILE n 
1 94  VAL n 
1 95  LYS n 
1 96  TRP n 
1 97  ASP n 
1 98  ARG n 
1 99  ASP n 
1 100 MET n 
# 
_entity_src_gen.entity_id                          1 
_entity_src_gen.pdbx_src_id                        1 
_entity_src_gen.pdbx_alt_source_flag               sample 
_entity_src_gen.pdbx_seq_type                      ? 
_entity_src_gen.pdbx_beg_seq_num                   ? 
_entity_src_gen.pdbx_end_seq_num                   ? 
_entity_src_gen.gene_src_common_name               human 
_entity_src_gen.gene_src_genus                     Homo 
_entity_src_gen.pdbx_gene_src_gene                 B2M 
_entity_src_gen.gene_src_species                   ? 
_entity_src_gen.gene_src_strain                    ? 
_entity_src_gen.gene_src_tissue                    ? 
_entity_src_gen.gene_src_tissue_fraction           ? 
_entity_src_gen.gene_src_details                   ? 
_entity_src_gen.pdbx_gene_src_fragment             ? 
_entity_src_gen.pdbx_gene_src_scientific_name      'Homo sapiens' 
_entity_src_gen.pdbx_gene_src_ncbi_taxonomy_id     9606 
_entity_src_gen.pdbx_gene_src_variant              ? 
_entity_src_gen.pdbx_gene_src_cell_line            ? 
_entity_src_gen.pdbx_gene_src_atcc                 ? 
_entity_src_gen.pdbx_gene_src_organ                ? 
_entity_src_gen.pdbx_gene_src_organelle            ? 
_entity_src_gen.pdbx_gene_src_cell                 ? 
_entity_src_gen.pdbx_gene_src_cellular_location    ? 
_entity_src_gen.host_org_common_name               ? 
_entity_src_gen.pdbx_host_org_scientific_name      'Escherichia coli' 
_entity_src_gen.pdbx_host_org_ncbi_taxonomy_id     562 
_entity_src_gen.host_org_genus                     Escherichia 
_entity_src_gen.pdbx_host_org_gene                 ? 
_entity_src_gen.pdbx_host_org_organ                ? 
_entity_src_gen.host_org_species                   ? 
_entity_src_gen.pdbx_host_org_tissue               ? 
_entity_src_gen.pdbx_host_org_tissue_fraction      ? 
_entity_src_gen.pdbx_host_org_strain               'BL21 (DE3) pLysS' 
_entity_src_gen.pdbx_host_org_variant              ? 
_entity_src_gen.pdbx_host_org_cell_line            ? 
_entity_src_gen.pdbx_host_org_atcc                 ? 
_entity_src_gen.pdbx_host_org_culture_collection   ? 
_entity_src_gen.pdbx_host_org_cell                 ? 
_entity_src_gen.pdbx_host_org_organelle            ? 
_entity_src_gen.pdbx_host_org_cellular_location    ? 
_entity_src_gen.pdbx_host_org_vector_type          plasmid 
_entity_src_gen.pdbx_host_org_vector               ? 
_entity_src_gen.host_org_details                   ? 
_entity_src_gen.expression_system_id               ? 
_entity_src_gen.plasmid_name                       pHIKARU1a 
_entity_src_gen.plasmid_details                    ? 
_entity_src_gen.pdbx_description                   ? 
# 
loop_
_chem_comp.id 
_chem_comp.type 
_chem_comp.mon_nstd_flag 
_chem_comp.name 
_chem_comp.pdbx_synonyms 
_chem_comp.formula 
_chem_comp.formula_weight 
ALA 'L-peptide linking' y ALANINE         ? 'C3 H7 N O2'     89.093  
ARG 'L-peptide linking' y ARGININE        ? 'C6 H15 N4 O2 1' 175.209 
ASN 'L-peptide linking' y ASPARAGINE      ? 'C4 H8 N2 O3'    132.118 
ASP 'L-peptide linking' y 'ASPARTIC ACID' ? 'C4 H7 N O4'     133.103 
CYS 'L-peptide linking' y CYSTEINE        ? 'C3 H7 N O2 S'   121.158 
GLN 'L-peptide linking' y GLUTAMINE       ? 'C5 H10 N2 O3'   146.144 
GLU 'L-peptide linking' y 'GLUTAMIC ACID' ? 'C5 H9 N O4'     147.129 
GLY 'peptide linking'   y GLYCINE         ? 'C2 H5 N O2'     75.067  
HIS 'L-peptide linking' y HISTIDINE       ? 'C6 H10 N3 O2 1' 156.162 
HOH non-polymer         . WATER           ? 'H2 O'           18.015  
ILE 'L-peptide linking' y ISOLEUCINE      ? 'C6 H13 N O2'    131.173 
LEU 'L-peptide linking' y LEUCINE         ? 'C6 H13 N O2'    131.173 
LYS 'L-peptide linking' y LYSINE          ? 'C6 H15 N2 O2 1' 147.195 
MET 'L-peptide linking' y METHIONINE      ? 'C5 H11 N O2 S'  149.211 
PHE 'L-peptide linking' y PHENYLALANINE   ? 'C9 H11 N O2'    165.189 
PRO 'L-peptide linking' y PROLINE         ? 'C5 H9 N O2'     115.130 
SER 'L-peptide linking' y SERINE          ? 'C3 H7 N O3'     105.093 
THR 'L-peptide linking' y THREONINE       ? 'C4 H9 N O3'     119.119 
TRP 'L-peptide linking' y TRYPTOPHAN      ? 'C11 H12 N2 O2'  204.225 
TYR 'L-peptide linking' y TYROSINE        ? 'C9 H11 N O3'    181.189 
VAL 'L-peptide linking' y VALINE          ? 'C5 H11 N O2'    117.146 
# 
loop_
_pdbx_poly_seq_scheme.asym_id 
_pdbx_poly_seq_scheme.entity_id 
_pdbx_poly_seq_scheme.seq_id 
_pdbx_poly_seq_scheme.mon_id 
_pdbx_poly_seq_scheme.ndb_seq_num 
_pdbx_poly_seq_scheme.pdb_seq_num 
_pdbx_poly_seq_scheme.auth_seq_num 
_pdbx_poly_seq_scheme.pdb_mon_id 
_pdbx_poly_seq_scheme.auth_mon_id 
_pdbx_poly_seq_scheme.pdb_strand_id 
_pdbx_poly_seq_scheme.pdb_ins_code 
_pdbx_poly_seq_scheme.hetero 
A 1 1   MET 1   0  0  MET MET A . n 
A 1 2   ILE 2   1  1  ILE ILE A . n 
A 1 3   GLN 3   2  2  GLN GLN A . n 
A 1 4   ARG 4   3  3  ARG ARG A . n 
A 1 5   THR 5   4  4  THR THR A . n 
A 1 6   PRO 6   5  5  PRO PRO A . n 
A 1 7   LYS 7   6  6  LYS LYS A . n 
A 1 8   ILE 8   7  7  ILE ILE A . n 
A 1 9   GLN 9   8  8  GLN GLN A . n 
A 1 10  VAL 10  9  9  VAL VAL A . n 
A 1 11  TYR 11  10 10 TYR TYR A . n 
A 1 12  SER 12  11 11 SER SER A . n 
A 1 13  ARG 13  12 12 ARG ARG A . n 
A 1 14  HIS 14  13 13 HIS HIS A . n 
A 1 15  PRO 15  14 14 PRO PRO A . n 
A 1 16  ALA 16  15 15 ALA ALA A . n 
A 1 17  GLU 17  16 16 GLU GLU A . n 
A 1 18  ASN 18  17 17 ASN ASN A . n 
A 1 19  GLY 19  18 18 GLY GLY A . n 
A 1 20  LYS 20  19 19 LYS LYS A . n 
A 1 21  SER 21  20 20 SER SER A . n 
A 1 22  ASN 22  21 21 ASN ASN A . n 
A 1 23  PHE 23  22 22 PHE PHE A . n 
A 1 24  LEU 24  23 23 LEU LEU A . n 
A 1 25  ASN 25  24 24 ASN ASN A . n 
A 1 26  CYS 26  25 25 CYS CYS A . n 
A 1 27  TYR 27  26 26 TYR TYR A . n 
A 1 28  VAL 28  27 27 VAL VAL A . n 
A 1 29  SER 29  28 28 SER SER A . n 
A 1 30  GLY 30  29 29 GLY GLY A . n 
A 1 31  PHE 31  30 30 PHE PHE A . n 
A 1 32  HIS 32  31 31 HIS HIS A . n 
A 1 33  PRO 33  32 32 PRO PRO A . n 
A 1 34  SER 34  33 33 SER SER A . n 
A 1 35  ASP 35  34 34 ASP ASP A . n 
A 1 36  ILE 36  35 35 ILE ILE A . n 
A 1 37  GLU 37  36 36 GLU GLU A . n 
A 1 38  VAL 38  37 37 VAL VAL A . n 
A 1 39  ASP 39  38 38 ASP ASP A . n 
A 1 40  LEU 40  39 39 LEU LEU A . n 
A 1 41  LEU 41  40 40 LEU LEU A . n 
A 1 42  LYS 42  41 41 LYS LYS A . n 
A 1 43  ASN 43  42 42 ASN ASN A . n 
A 1 44  GLY 44  43 43 GLY GLY A . n 
A 1 45  GLU 45  44 44 GLU GLU A . n 
A 1 46  ARG 46  45 45 ARG ARG A . n 
A 1 47  ILE 47  46 46 ILE ILE A . n 
A 1 48  GLU 48  47 47 GLU GLU A . n 
A 1 49  LYS 49  48 48 LYS LYS A . n 
A 1 50  VAL 50  49 49 VAL VAL A . n 
A 1 51  GLU 51  50 50 GLU GLU A . n 
A 1 52  HIS 52  51 51 HIS HIS A . n 
A 1 53  SER 53  52 52 SER SER A . n 
A 1 54  ASP 54  53 53 ASP ASP A . n 
A 1 55  LEU 55  54 54 LEU LEU A . n 
A 1 56  SER 56  55 55 SER SER A . n 
A 1 57  PHE 57  56 56 PHE PHE A . n 
A 1 58  SER 58  57 57 SER SER A . n 
A 1 59  LYS 59  58 58 LYS LYS A . n 
A 1 60  ASP 60  59 59 ASP ASP A . n 
A 1 61  TRP 61  60 60 TRP TRP A . n 
A 1 62  SER 62  61 61 SER SER A . n 
A 1 63  PHE 63  62 62 PHE PHE A . n 
A 1 64  TYR 64  63 63 TYR TYR A . n 
A 1 65  LEU 65  64 64 LEU LEU A . n 
A 1 66  LEU 66  65 65 LEU LEU A . n 
A 1 67  TYR 67  66 66 TYR TYR A . n 
A 1 68  TYR 68  67 67 TYR TYR A . n 
A 1 69  THR 69  68 68 THR THR A . n 
A 1 70  GLU 70  69 69 GLU GLU A . n 
A 1 71  PHE 71  70 70 PHE PHE A . n 
A 1 72  THR 72  71 71 THR THR A . n 
A 1 73  PRO 73  72 72 PRO PRO A . n 
A 1 74  THR 74  73 73 THR THR A . n 
A 1 75  GLU 75  74 74 GLU GLU A . n 
A 1 76  LYS 76  75 75 LYS LYS A . n 
A 1 77  ASP 77  76 76 ASP ASP A . n 
A 1 78  GLU 78  77 77 GLU GLU A . n 
A 1 79  TYR 79  78 78 TYR TYR A . n 
A 1 80  ALA 80  79 79 ALA ALA A . n 
A 1 81  CYS 81  80 80 CYS CYS A . n 
A 1 82  ARG 82  81 81 ARG ARG A . n 
A 1 83  VAL 83  82 82 VAL VAL A . n 
A 1 84  ASN 84  83 83 ASN ASN A . n 
A 1 85  HIS 85  84 84 HIS HIS A . n 
A 1 86  VAL 86  85 85 VAL VAL A . n 
A 1 87  THR 87  86 86 THR THR A . n 
A 1 88  LEU 88  87 87 LEU LEU A . n 
A 1 89  SER 89  88 88 SER SER A . n 
A 1 90  GLN 90  89 89 GLN GLN A . n 
A 1 91  PRO 91  90 90 PRO PRO A . n 
A 1 92  LYS 92  91 91 LYS LYS A . n 
A 1 93  ILE 93  92 92 ILE ILE A . n 
A 1 94  VAL 94  93 93 VAL VAL A . n 
A 1 95  LYS 95  94 94 LYS LYS A . n 
A 1 96  TRP 96  95 95 TRP TRP A . n 
A 1 97  ASP 97  96 96 ASP ASP A . n 
A 1 98  ARG 98  97 97 ARG ARG A . n 
A 1 99  ASP 99  98 98 ASP ASP A . n 
A 1 100 MET 100 99 ?  ?   ?   A . n 
# 
loop_
_pdbx_nonpoly_scheme.asym_id 
_pdbx_nonpoly_scheme.entity_id 
_pdbx_nonpoly_scheme.mon_id 
_pdbx_nonpoly_scheme.ndb_seq_num 
_pdbx_nonpoly_scheme.pdb_seq_num 
_pdbx_nonpoly_scheme.auth_seq_num 
_pdbx_nonpoly_scheme.pdb_mon_id 
_pdbx_nonpoly_scheme.auth_mon_id 
_pdbx_nonpoly_scheme.pdb_strand_id 
_pdbx_nonpoly_scheme.pdb_ins_code 
B 2 HOH 1  100 1   HOH HOH A . 
B 2 HOH 2  101 2   HOH HOH A . 
B 2 HOH 3  102 3   HOH HOH A . 
B 2 HOH 4  103 4   HOH HOH A . 
B 2 HOH 5  104 5   HOH HOH A . 
B 2 HOH 6  105 6   HOH HOH A . 
B 2 HOH 7  106 7   HOH HOH A . 
B 2 HOH 8  107 8   HOH HOH A . 
B 2 HOH 9  108 9   HOH HOH A . 
B 2 HOH 10 109 10  HOH HOH A . 
B 2 HOH 11 110 11  HOH HOH A . 
B 2 HOH 12 111 12  HOH HOH A . 
B 2 HOH 13 112 13  HOH HOH A . 
B 2 HOH 14 113 14  HOH HOH A . 
B 2 HOH 15 114 15  HOH HOH A . 
B 2 HOH 16 115 16  HOH HOH A . 
B 2 HOH 17 116 17  HOH HOH A . 
B 2 HOH 18 117 18  HOH HOH A . 
B 2 HOH 19 118 19  HOH HOH A . 
B 2 HOH 20 119 20  HOH HOH A . 
B 2 HOH 21 120 21  HOH HOH A . 
B 2 HOH 22 121 22  HOH HOH A . 
B 2 HOH 23 122 23  HOH HOH A . 
B 2 HOH 24 123 24  HOH HOH A . 
B 2 HOH 25 124 25  HOH HOH A . 
B 2 HOH 26 125 26  HOH HOH A . 
B 2 HOH 27 126 27  HOH HOH A . 
B 2 HOH 28 127 28  HOH HOH A . 
B 2 HOH 29 128 29  HOH HOH A . 
B 2 HOH 30 129 30  HOH HOH A . 
B 2 HOH 31 130 31  HOH HOH A . 
B 2 HOH 32 131 32  HOH HOH A . 
B 2 HOH 33 132 33  HOH HOH A . 
B 2 HOH 34 133 34  HOH HOH A . 
B 2 HOH 35 134 35  HOH HOH A . 
B 2 HOH 36 135 36  HOH HOH A . 
B 2 HOH 37 136 37  HOH HOH A . 
B 2 HOH 38 137 38  HOH HOH A . 
B 2 HOH 39 138 39  HOH HOH A . 
B 2 HOH 40 139 40  HOH HOH A . 
B 2 HOH 41 140 41  HOH HOH A . 
B 2 HOH 42 141 42  HOH HOH A . 
B 2 HOH 43 142 43  HOH HOH A . 
B 2 HOH 44 143 44  HOH HOH A . 
B 2 HOH 45 144 45  HOH HOH A . 
B 2 HOH 46 145 46  HOH HOH A . 
B 2 HOH 47 146 47  HOH HOH A . 
B 2 HOH 48 147 48  HOH HOH A . 
B 2 HOH 49 148 49  HOH HOH A . 
B 2 HOH 50 149 50  HOH HOH A . 
B 2 HOH 51 150 51  HOH HOH A . 
B 2 HOH 52 151 52  HOH HOH A . 
B 2 HOH 53 152 53  HOH HOH A . 
B 2 HOH 54 153 54  HOH HOH A . 
B 2 HOH 55 154 55  HOH HOH A . 
B 2 HOH 56 155 56  HOH HOH A . 
B 2 HOH 57 156 57  HOH HOH A . 
B 2 HOH 58 157 59  HOH HOH A . 
B 2 HOH 59 158 60  HOH HOH A . 
B 2 HOH 60 159 61  HOH HOH A . 
B 2 HOH 61 160 62  HOH HOH A . 
B 2 HOH 62 161 63  HOH HOH A . 
B 2 HOH 63 162 64  HOH HOH A . 
B 2 HOH 64 163 65  HOH HOH A . 
B 2 HOH 65 164 68  HOH HOH A . 
B 2 HOH 66 165 69  HOH HOH A . 
B 2 HOH 67 166 70  HOH HOH A . 
B 2 HOH 68 167 71  HOH HOH A . 
B 2 HOH 69 168 72  HOH HOH A . 
B 2 HOH 70 169 73  HOH HOH A . 
B 2 HOH 71 170 74  HOH HOH A . 
B 2 HOH 72 171 75  HOH HOH A . 
B 2 HOH 73 172 77  HOH HOH A . 
B 2 HOH 74 173 82  HOH HOH A . 
B 2 HOH 75 174 83  HOH HOH A . 
B 2 HOH 76 175 84  HOH HOH A . 
B 2 HOH 77 176 85  HOH HOH A . 
B 2 HOH 78 177 86  HOH HOH A . 
B 2 HOH 79 178 87  HOH HOH A . 
B 2 HOH 80 179 88  HOH HOH A . 
B 2 HOH 81 180 90  HOH HOH A . 
B 2 HOH 82 181 91  HOH HOH A . 
B 2 HOH 83 182 92  HOH HOH A . 
B 2 HOH 84 183 93  HOH HOH A . 
B 2 HOH 85 184 94  HOH HOH A . 
B 2 HOH 86 185 95  HOH HOH A . 
B 2 HOH 87 186 96  HOH HOH A . 
B 2 HOH 88 187 97  HOH HOH A . 
B 2 HOH 89 188 98  HOH HOH A . 
B 2 HOH 90 189 99  HOH HOH A . 
B 2 HOH 91 190 100 HOH HOH A . 
# 
loop_
_software.name 
_software.classification 
_software.version 
_software.citation_id 
_software.pdbx_ordinal 
MOLREP phasing          .        ? 1 
REFMAC refinement       5.2.0019 ? 2 
MOSFLM 'data reduction' .        ? 3 
SCALA  'data scaling'   .        ? 4 
# 
_cell.entry_id           2YXF 
_cell.length_a           77.644 
_cell.length_b           28.907 
_cell.length_c           54.397 
_cell.angle_alpha        90.00 
_cell.angle_beta         121.59 
_cell.angle_gamma        90.00 
_cell.Z_PDB              4 
_cell.pdbx_unique_axis   ? 
_cell.length_a_esd       ? 
_cell.length_b_esd       ? 
_cell.length_c_esd       ? 
_cell.angle_alpha_esd    ? 
_cell.angle_beta_esd     ? 
_cell.angle_gamma_esd    ? 
# 
_symmetry.entry_id                         2YXF 
_symmetry.space_group_name_H-M             'C 1 2 1' 
_symmetry.pdbx_full_space_group_name_H-M   ? 
_symmetry.cell_setting                     ? 
_symmetry.Int_Tables_number                5 
_symmetry.space_group_name_Hall            ? 
# 
_exptl.entry_id          2YXF 
_exptl.method            'X-RAY DIFFRACTION' 
_exptl.crystals_number   1 
# 
_exptl_crystal.id                    1 
_exptl_crystal.density_meas          ? 
_exptl_crystal.density_Matthews      2.19 
_exptl_crystal.density_percent_sol   43.78 
_exptl_crystal.description           ? 
_exptl_crystal.F_000                 ? 
_exptl_crystal.preparation           ? 
# 
_exptl_crystal_grow.crystal_id      1 
_exptl_crystal_grow.method          'VAPOR DIFFUSION, HANGING DROP' 
_exptl_crystal_grow.temp            288 
_exptl_crystal_grow.temp_details    ? 
_exptl_crystal_grow.pH              7.00 
_exptl_crystal_grow.pdbx_details    
'25% PEG 4000, 25% Glycerol, 0.06M ammoniumacetate, 0.1M MOPS, pH 7.00, VAPOR DIFFUSION, HANGING DROP, temperature 288K' 
_exptl_crystal_grow.pdbx_pH_range   . 
# 
_diffrn.id                     1 
_diffrn.ambient_temp           90.0 
_diffrn.ambient_temp_details   ? 
_diffrn.crystal_id             1 
# 
_diffrn_detector.diffrn_id              1 
_diffrn_detector.detector               CCD 
_diffrn_detector.type                   'Bruker DIP-6040' 
_diffrn_detector.pdbx_collection_date   2005-12-05 
_diffrn_detector.details                ? 
# 
_diffrn_radiation.diffrn_id                        1 
_diffrn_radiation.wavelength_id                    1 
_diffrn_radiation.pdbx_monochromatic_or_laue_m_l   M 
_diffrn_radiation.monochromator                    ? 
_diffrn_radiation.pdbx_diffrn_protocol             'SINGLE WAVELENGTH' 
_diffrn_radiation.pdbx_scattering_type             x-ray 
# 
_diffrn_radiation_wavelength.id           1 
_diffrn_radiation_wavelength.wavelength   0.65 
_diffrn_radiation_wavelength.wt           1.0 
# 
_diffrn_source.diffrn_id                   1 
_diffrn_source.source                      SYNCHROTRON 
_diffrn_source.type                        'SPRING-8 BEAMLINE BL44XU' 
_diffrn_source.pdbx_synchrotron_site       SPring-8 
_diffrn_source.pdbx_synchrotron_beamline   BL44XU 
_diffrn_source.pdbx_wavelength             0.65 
_diffrn_source.pdbx_wavelength_list        0.65 
# 
_reflns.entry_id                     2YXF 
_reflns.observed_criterion_sigma_I   0 
_reflns.observed_criterion_sigma_F   0 
_reflns.d_resolution_low             26.630 
_reflns.d_resolution_high            1.130 
_reflns.number_obs                   38852 
_reflns.number_all                   38852 
_reflns.percent_possible_obs         100.0 
_reflns.pdbx_Rmerge_I_obs            0.05100 
_reflns.pdbx_Rsym_value              ? 
_reflns.pdbx_netI_over_sigmaI        12.4000 
_reflns.B_iso_Wilson_estimate        9.459 
_reflns.pdbx_redundancy              3.800 
_reflns.R_free_details               ? 
_reflns.limit_h_max                  ? 
_reflns.limit_h_min                  ? 
_reflns.limit_k_max                  ? 
_reflns.limit_k_min                  ? 
_reflns.limit_l_max                  ? 
_reflns.limit_l_min                  ? 
_reflns.observed_criterion_F_max     ? 
_reflns.observed_criterion_F_min     ? 
_reflns.pdbx_chi_squared             ? 
_reflns.pdbx_scaling_rejects         ? 
_reflns.pdbx_diffrn_id               1 
_reflns.pdbx_ordinal                 1 
# 
_reflns_shell.d_res_high             1.13 
_reflns_shell.d_res_low              1.19 
_reflns_shell.percent_possible_all   100.0 
_reflns_shell.Rmerge_I_obs           0.33200 
_reflns_shell.pdbx_Rsym_value        ? 
_reflns_shell.meanI_over_sigI_obs    4.000 
_reflns_shell.pdbx_redundancy        3.70 
_reflns_shell.number_unique_all      5630 
_reflns_shell.percent_possible_obs   ? 
_reflns_shell.number_measured_all    ? 
_reflns_shell.number_measured_obs    ? 
_reflns_shell.number_unique_obs      ? 
_reflns_shell.pdbx_chi_squared       ? 
_reflns_shell.pdbx_diffrn_id         ? 
_reflns_shell.pdbx_ordinal           1 
# 
_refine.entry_id                                 2YXF 
_refine.ls_number_reflns_obs                     36904 
_refine.ls_number_reflns_all                     38852 
_refine.pdbx_ls_sigma_I                          ? 
_refine.pdbx_ls_sigma_F                          0.000 
_refine.pdbx_data_cutoff_high_absF               ? 
_refine.pdbx_data_cutoff_low_absF                ? 
_refine.pdbx_data_cutoff_high_rms_absF           ? 
_refine.ls_d_res_low                             26.49 
_refine.ls_d_res_high                            1.13 
_refine.ls_percent_reflns_obs                    99.98 
_refine.ls_R_factor_obs                          0.18436 
_refine.ls_R_factor_all                          ? 
_refine.ls_R_factor_R_work                       0.1838 
_refine.ls_R_factor_R_free                       0.19486 
_refine.ls_R_factor_R_free_error                 ? 
_refine.ls_R_factor_R_free_error_details         ? 
_refine.ls_percent_reflns_R_free                 5.000 
_refine.ls_number_reflns_R_free                  1948 
_refine.ls_number_parameters                     ? 
_refine.ls_number_restraints                     ? 
_refine.occupancy_min                            ? 
_refine.occupancy_max                            ? 
_refine.correlation_coeff_Fo_to_Fc               0.962 
_refine.correlation_coeff_Fo_to_Fc_free          0.959 
_refine.B_iso_mean                               11.113 
_refine.aniso_B[1][1]                            -0.38000 
_refine.aniso_B[2][2]                            0.23000 
_refine.aniso_B[3][3]                            0.12000 
_refine.aniso_B[1][2]                            0.00000 
_refine.aniso_B[1][3]                            -0.03000 
_refine.aniso_B[2][3]                            0.00000 
_refine.solvent_model_details                    MASK 
_refine.solvent_model_param_ksol                 ? 
_refine.solvent_model_param_bsol                 ? 
_refine.pdbx_solvent_vdw_probe_radii             1.40 
_refine.pdbx_solvent_ion_probe_radii             0.80 
_refine.pdbx_solvent_shrinkage_radii             0.80 
_refine.pdbx_ls_cross_valid_method               THROUGHOUT 
_refine.details                                  'HYDROGENS HAVE BEEN ADDED IN THE RIDING POSITIONS' 
_refine.pdbx_starting_model                      'PDB ENTRY 2D4F' 
_refine.pdbx_method_to_determine_struct          'MOLECULAR REPLACEMENT' 
_refine.pdbx_isotropic_thermal_model             ? 
_refine.pdbx_stereochemistry_target_values       'MAXIMUM LIKELIHOOD' 
_refine.pdbx_stereochem_target_val_spec_case     ? 
_refine.pdbx_R_Free_selection_details            RANDOM 
_refine.pdbx_overall_ESU_R                       0.038 
_refine.pdbx_overall_ESU_R_Free                  0.035 
_refine.overall_SU_ML                            0.020 
_refine.overall_SU_B                             0.910 
_refine.ls_redundancy_reflns_obs                 ? 
_refine.B_iso_min                                ? 
_refine.B_iso_max                                ? 
_refine.overall_SU_R_Cruickshank_DPI             ? 
_refine.overall_SU_R_free                        ? 
_refine.ls_wR_factor_R_free                      ? 
_refine.ls_wR_factor_R_work                      ? 
_refine.overall_FOM_free_R_set                   ? 
_refine.overall_FOM_work_R_set                   ? 
_refine.pdbx_refine_id                           'X-RAY DIFFRACTION' 
_refine.pdbx_diffrn_id                           1 
_refine.pdbx_TLS_residual_ADP_flag               ? 
_refine.pdbx_overall_phase_error                 ? 
_refine.pdbx_overall_SU_R_free_Cruickshank_DPI   ? 
_refine.pdbx_overall_SU_R_Blow_DPI               ? 
_refine.pdbx_overall_SU_R_free_Blow_DPI          ? 
# 
_refine_hist.pdbx_refine_id                   'X-RAY DIFFRACTION' 
_refine_hist.cycle_id                         LAST 
_refine_hist.pdbx_number_atoms_protein        828 
_refine_hist.pdbx_number_atoms_nucleic_acid   0 
_refine_hist.pdbx_number_atoms_ligand         0 
_refine_hist.number_atoms_solvent             91 
_refine_hist.number_atoms_total               919 
_refine_hist.d_res_high                       1.13 
_refine_hist.d_res_low                        26.49 
# 
loop_
_refine_ls_restr.type 
_refine_ls_restr.dev_ideal 
_refine_ls_restr.dev_ideal_target 
_refine_ls_restr.weight 
_refine_ls_restr.number 
_refine_ls_restr.pdbx_refine_id 
_refine_ls_restr.pdbx_restraint_function 
r_bond_refined_d             0.006  0.022  ? 853  'X-RAY DIFFRACTION' ? 
r_bond_other_d               0.001  0.020  ? 591  'X-RAY DIFFRACTION' ? 
r_angle_refined_deg          1.227  1.942  ? 1156 'X-RAY DIFFRACTION' ? 
r_angle_other_deg            0.744  3.003  ? 1431 'X-RAY DIFFRACTION' ? 
r_dihedral_angle_1_deg       6.909  5.000  ? 98   'X-RAY DIFFRACTION' ? 
r_dihedral_angle_2_deg       33.353 24.000 ? 45   'X-RAY DIFFRACTION' ? 
r_dihedral_angle_3_deg       11.286 15.000 ? 148  'X-RAY DIFFRACTION' ? 
r_dihedral_angle_4_deg       21.752 15.000 ? 5    'X-RAY DIFFRACTION' ? 
r_chiral_restr               0.080  0.200  ? 120  'X-RAY DIFFRACTION' ? 
r_gen_planes_refined         0.004  0.020  ? 939  'X-RAY DIFFRACTION' ? 
r_gen_planes_other           0.001  0.020  ? 180  'X-RAY DIFFRACTION' ? 
r_nbd_refined                0.200  0.200  ? 132  'X-RAY DIFFRACTION' ? 
r_nbd_other                  0.195  0.200  ? 596  'X-RAY DIFFRACTION' ? 
r_nbtor_refined              0.175  0.200  ? 399  'X-RAY DIFFRACTION' ? 
r_nbtor_other                0.084  0.200  ? 467  'X-RAY DIFFRACTION' ? 
r_xyhbond_nbd_refined        0.139  0.200  ? 67   'X-RAY DIFFRACTION' ? 
r_xyhbond_nbd_other          ?      ?      ? ?    'X-RAY DIFFRACTION' ? 
r_metal_ion_refined          ?      ?      ? ?    'X-RAY DIFFRACTION' ? 
r_metal_ion_other            ?      ?      ? ?    'X-RAY DIFFRACTION' ? 
r_symmetry_vdw_refined       0.207  0.200  ? 7    'X-RAY DIFFRACTION' ? 
r_symmetry_vdw_other         0.142  0.200  ? 30   'X-RAY DIFFRACTION' ? 
r_symmetry_hbond_refined     0.150  0.200  ? 12   'X-RAY DIFFRACTION' ? 
r_symmetry_hbond_other       ?      ?      ? ?    'X-RAY DIFFRACTION' ? 
r_symmetry_metal_ion_refined ?      ?      ? ?    'X-RAY DIFFRACTION' ? 
r_symmetry_metal_ion_other   ?      ?      ? ?    'X-RAY DIFFRACTION' ? 
r_mcbond_it                  1.187  1.500  ? 646  'X-RAY DIFFRACTION' ? 
r_mcbond_other               0.302  1.500  ? 195  'X-RAY DIFFRACTION' ? 
r_mcangle_it                 1.369  2.000  ? 812  'X-RAY DIFFRACTION' ? 
r_scbond_it                  1.978  3.000  ? 431  'X-RAY DIFFRACTION' ? 
r_scangle_it                 2.541  4.500  ? 344  'X-RAY DIFFRACTION' ? 
r_rigid_bond_restr           2.029  3.000  ? 1836 'X-RAY DIFFRACTION' ? 
r_sphericity_free            2.980  3.000  ? 91   'X-RAY DIFFRACTION' ? 
r_sphericity_bonded          1.845  3.000  ? 1420 'X-RAY DIFFRACTION' ? 
# 
_refine_ls_shell.pdbx_total_number_of_bins_used   20 
_refine_ls_shell.d_res_high                       1.13 
_refine_ls_shell.d_res_low                        1.159 
_refine_ls_shell.number_reflns_R_work             2701 
_refine_ls_shell.R_factor_R_work                  0.188 
_refine_ls_shell.percent_reflns_obs               100.00 
_refine_ls_shell.R_factor_R_free                  0.221 
_refine_ls_shell.R_factor_R_free_error            ? 
_refine_ls_shell.percent_reflns_R_free            ? 
_refine_ls_shell.number_reflns_R_free             152 
_refine_ls_shell.number_reflns_all                ? 
_refine_ls_shell.R_factor_all                     ? 
_refine_ls_shell.redundancy_reflns_obs            ? 
_refine_ls_shell.number_reflns_obs                ? 
_refine_ls_shell.pdbx_refine_id                   'X-RAY DIFFRACTION' 
# 
_struct.entry_id                  2YXF 
_struct.title                     'The high resolution crystal structure of beta2-microglobulin under physiological conditions' 
_struct.pdbx_model_details        ? 
_struct.pdbx_CASP_flag            ? 
_struct.pdbx_model_type_details   ? 
# 
_struct_keywords.entry_id        2YXF 
_struct_keywords.pdbx_keywords   'IMMUNE SYSTEM' 
_struct_keywords.text            'IMMUNE SYSTEM' 
# 
loop_
_struct_asym.id 
_struct_asym.pdbx_blank_PDB_chainid_flag 
_struct_asym.pdbx_modified 
_struct_asym.entity_id 
_struct_asym.details 
A N N 1 ? 
B N N 2 ? 
# 
_struct_ref.id                         1 
_struct_ref.db_name                    UNP 
_struct_ref.db_code                    B2MG_HUMAN 
_struct_ref.pdbx_db_accession          P61769 
_struct_ref.entity_id                  1 
_struct_ref.pdbx_seq_one_letter_code   
;IQRTPKIQVYSRHPAENGKSNFLNCYVSGFHPSDIEVDLLKNGERIEKVEHSDLSFSKDWSFYLLYYTEFTPTEKDEYAC
RVNHVTLSQPKIVKWDRDM
;
_struct_ref.pdbx_align_begin           21 
_struct_ref.pdbx_db_isoform            ? 
# 
_struct_ref_seq.align_id                      1 
_struct_ref_seq.ref_id                        1 
_struct_ref_seq.pdbx_PDB_id_code              2YXF 
_struct_ref_seq.pdbx_strand_id                A 
_struct_ref_seq.seq_align_beg                 2 
_struct_ref_seq.pdbx_seq_align_beg_ins_code   ? 
_struct_ref_seq.seq_align_end                 100 
_struct_ref_seq.pdbx_seq_align_end_ins_code   ? 
_struct_ref_seq.pdbx_db_accession             P61769 
_struct_ref_seq.db_align_beg                  21 
_struct_ref_seq.pdbx_db_align_beg_ins_code    ? 
_struct_ref_seq.db_align_end                  119 
_struct_ref_seq.pdbx_db_align_end_ins_code    ? 
_struct_ref_seq.pdbx_auth_seq_align_beg       1 
_struct_ref_seq.pdbx_auth_seq_align_end       99 
# 
_struct_ref_seq_dif.align_id                     1 
_struct_ref_seq_dif.pdbx_pdb_id_code             2YXF 
_struct_ref_seq_dif.mon_id                       MET 
_struct_ref_seq_dif.pdbx_pdb_strand_id           A 
_struct_ref_seq_dif.seq_num                      1 
_struct_ref_seq_dif.pdbx_pdb_ins_code            ? 
_struct_ref_seq_dif.pdbx_seq_db_name             UNP 
_struct_ref_seq_dif.pdbx_seq_db_accession_code   P61769 
_struct_ref_seq_dif.db_mon_id                    ? 
_struct_ref_seq_dif.pdbx_seq_db_seq_num          ? 
_struct_ref_seq_dif.details                      'expression tag' 
_struct_ref_seq_dif.pdbx_auth_seq_num            0 
_struct_ref_seq_dif.pdbx_ordinal                 1 
# 
_pdbx_struct_assembly.id                   1 
_pdbx_struct_assembly.details              author_defined_assembly 
_pdbx_struct_assembly.method_details       ? 
_pdbx_struct_assembly.oligomeric_details   monomeric 
_pdbx_struct_assembly.oligomeric_count     1 
# 
_pdbx_struct_assembly_gen.assembly_id       1 
_pdbx_struct_assembly_gen.oper_expression   1 
_pdbx_struct_assembly_gen.asym_id_list      A,B 
# 
_pdbx_struct_oper_list.id                   1 
_pdbx_struct_oper_list.type                 'identity operation' 
_pdbx_struct_oper_list.name                 1_555 
_pdbx_struct_oper_list.symmetry_operation   x,y,z 
_pdbx_struct_oper_list.matrix[1][1]         1.0000000000 
_pdbx_struct_oper_list.matrix[1][2]         0.0000000000 
_pdbx_struct_oper_list.matrix[1][3]         0.0000000000 
_pdbx_struct_oper_list.vector[1]            0.0000000000 
_pdbx_struct_oper_list.matrix[2][1]         0.0000000000 
_pdbx_struct_oper_list.matrix[2][2]         1.0000000000 
_pdbx_struct_oper_list.matrix[2][3]         0.0000000000 
_pdbx_struct_oper_list.vector[2]            0.0000000000 
_pdbx_struct_oper_list.matrix[3][1]         0.0000000000 
_pdbx_struct_oper_list.matrix[3][2]         0.0000000000 
_pdbx_struct_oper_list.matrix[3][3]         1.0000000000 
_pdbx_struct_oper_list.vector[3]            0.0000000000 
# 
_struct_biol.id        1 
_struct_biol.details   ? 
# 
_struct_conf.conf_type_id            HELX_P 
_struct_conf.id                      HELX_P1 
_struct_conf.pdbx_PDB_helix_id       1 
_struct_conf.beg_label_comp_id       PRO 
_struct_conf.beg_label_asym_id       A 
_struct_conf.beg_label_seq_id        15 
_struct_conf.pdbx_beg_PDB_ins_code   ? 
_struct_conf.end_label_comp_id       GLY 
_struct_conf.end_label_asym_id       A 
_struct_conf.end_label_seq_id        19 
_struct_conf.pdbx_end_PDB_ins_code   ? 
_struct_conf.beg_auth_comp_id        PRO 
_struct_conf.beg_auth_asym_id        A 
_struct_conf.beg_auth_seq_id         14 
_struct_conf.end_auth_comp_id        GLY 
_struct_conf.end_auth_asym_id        A 
_struct_conf.end_auth_seq_id         18 
_struct_conf.pdbx_PDB_helix_class    5 
_struct_conf.details                 ? 
_struct_conf.pdbx_PDB_helix_length   5 
# 
_struct_conf_type.id          HELX_P 
_struct_conf_type.criteria    ? 
_struct_conf_type.reference   ? 
# 
_struct_conn.id                            disulf1 
_struct_conn.conn_type_id                  disulf 
_struct_conn.pdbx_leaving_atom_flag        ? 
_struct_conn.pdbx_PDB_id                   ? 
_struct_conn.ptnr1_label_asym_id           A 
_struct_conn.ptnr1_label_comp_id           CYS 
_struct_conn.ptnr1_label_seq_id            26 
_struct_conn.ptnr1_label_atom_id           SG 
_struct_conn.pdbx_ptnr1_label_alt_id       ? 
_struct_conn.pdbx_ptnr1_PDB_ins_code       ? 
_struct_conn.pdbx_ptnr1_standard_comp_id   ? 
_struct_conn.ptnr1_symmetry                1_555 
_struct_conn.ptnr2_label_asym_id           A 
_struct_conn.ptnr2_label_comp_id           CYS 
_struct_conn.ptnr2_label_seq_id            81 
_struct_conn.ptnr2_label_atom_id           SG 
_struct_conn.pdbx_ptnr2_label_alt_id       ? 
_struct_conn.pdbx_ptnr2_PDB_ins_code       ? 
_struct_conn.ptnr1_auth_asym_id            A 
_struct_conn.ptnr1_auth_comp_id            CYS 
_struct_conn.ptnr1_auth_seq_id             25 
_struct_conn.ptnr2_auth_asym_id            A 
_struct_conn.ptnr2_auth_comp_id            CYS 
_struct_conn.ptnr2_auth_seq_id             80 
_struct_conn.ptnr2_symmetry                1_555 
_struct_conn.pdbx_ptnr3_label_atom_id      ? 
_struct_conn.pdbx_ptnr3_label_seq_id       ? 
_struct_conn.pdbx_ptnr3_label_comp_id      ? 
_struct_conn.pdbx_ptnr3_label_asym_id      ? 
_struct_conn.pdbx_ptnr3_label_alt_id       ? 
_struct_conn.pdbx_ptnr3_PDB_ins_code       ? 
_struct_conn.details                       ? 
_struct_conn.pdbx_dist_value               2.024 
_struct_conn.pdbx_value_order              ? 
_struct_conn.pdbx_role                     ? 
# 
_struct_conn_type.id          disulf 
_struct_conn_type.criteria    ? 
_struct_conn_type.reference   ? 
# 
_pdbx_modification_feature.ordinal                            1 
_pdbx_modification_feature.label_comp_id                      CYS 
_pdbx_modification_feature.label_asym_id                      A 
_pdbx_modification_feature.label_seq_id                       26 
_pdbx_modification_feature.label_alt_id                       ? 
_pdbx_modification_feature.modified_residue_label_comp_id     CYS 
_pdbx_modification_feature.modified_residue_label_asym_id     A 
_pdbx_modification_feature.modified_residue_label_seq_id      81 
_pdbx_modification_feature.modified_residue_label_alt_id      ? 
_pdbx_modification_feature.auth_comp_id                       CYS 
_pdbx_modification_feature.auth_asym_id                       A 
_pdbx_modification_feature.auth_seq_id                        25 
_pdbx_modification_feature.PDB_ins_code                       ? 
_pdbx_modification_feature.symmetry                           1_555 
_pdbx_modification_feature.modified_residue_auth_comp_id      CYS 
_pdbx_modification_feature.modified_residue_auth_asym_id      A 
_pdbx_modification_feature.modified_residue_auth_seq_id       80 
_pdbx_modification_feature.modified_residue_PDB_ins_code      ? 
_pdbx_modification_feature.modified_residue_symmetry          1_555 
_pdbx_modification_feature.comp_id_linking_atom               SG 
_pdbx_modification_feature.modified_residue_id_linking_atom   SG 
_pdbx_modification_feature.modified_residue_id                . 
_pdbx_modification_feature.ref_pcm_id                         . 
_pdbx_modification_feature.ref_comp_id                        . 
_pdbx_modification_feature.type                               None 
_pdbx_modification_feature.category                           'Disulfide bridge' 
# 
_struct_mon_prot_cis.pdbx_id                1 
_struct_mon_prot_cis.label_comp_id          HIS 
_struct_mon_prot_cis.label_seq_id           32 
_struct_mon_prot_cis.label_asym_id          A 
_struct_mon_prot_cis.label_alt_id           . 
_struct_mon_prot_cis.pdbx_PDB_ins_code      ? 
_struct_mon_prot_cis.auth_comp_id           HIS 
_struct_mon_prot_cis.auth_seq_id            31 
_struct_mon_prot_cis.auth_asym_id           A 
_struct_mon_prot_cis.pdbx_label_comp_id_2   PRO 
_struct_mon_prot_cis.pdbx_label_seq_id_2    33 
_struct_mon_prot_cis.pdbx_label_asym_id_2   A 
_struct_mon_prot_cis.pdbx_PDB_ins_code_2    ? 
_struct_mon_prot_cis.pdbx_auth_comp_id_2    PRO 
_struct_mon_prot_cis.pdbx_auth_seq_id_2     32 
_struct_mon_prot_cis.pdbx_auth_asym_id_2    A 
_struct_mon_prot_cis.pdbx_PDB_model_num     1 
_struct_mon_prot_cis.pdbx_omega_angle       -3.05 
# 
loop_
_struct_sheet.id 
_struct_sheet.type 
_struct_sheet.number_strands 
_struct_sheet.details 
A ? 4 ? 
B ? 4 ? 
# 
loop_
_struct_sheet_order.sheet_id 
_struct_sheet_order.range_id_1 
_struct_sheet_order.range_id_2 
_struct_sheet_order.offset 
_struct_sheet_order.sense 
A 1 2 ? anti-parallel 
A 2 3 ? anti-parallel 
A 3 4 ? anti-parallel 
B 1 2 ? anti-parallel 
B 2 3 ? anti-parallel 
B 3 4 ? anti-parallel 
# 
loop_
_struct_sheet_range.sheet_id 
_struct_sheet_range.id 
_struct_sheet_range.beg_label_comp_id 
_struct_sheet_range.beg_label_asym_id 
_struct_sheet_range.beg_label_seq_id 
_struct_sheet_range.pdbx_beg_PDB_ins_code 
_struct_sheet_range.end_label_comp_id 
_struct_sheet_range.end_label_asym_id 
_struct_sheet_range.end_label_seq_id 
_struct_sheet_range.pdbx_end_PDB_ins_code 
_struct_sheet_range.beg_auth_comp_id 
_struct_sheet_range.beg_auth_asym_id 
_struct_sheet_range.beg_auth_seq_id 
_struct_sheet_range.end_auth_comp_id 
_struct_sheet_range.end_auth_asym_id 
_struct_sheet_range.end_auth_seq_id 
A 1 LYS A 7  ? ARG A 13 ? LYS A 6  ARG A 12 
A 2 PHE A 23 ? PHE A 31 ? PHE A 22 PHE A 30 
A 3 PHE A 63 ? GLU A 70 ? PHE A 62 GLU A 69 
A 4 HIS A 52 ? PHE A 57 ? HIS A 51 PHE A 56 
B 1 GLU A 45 ? ARG A 46 ? GLU A 44 ARG A 45 
B 2 GLU A 37 ? LYS A 42 ? GLU A 36 LYS A 41 
B 3 TYR A 79 ? ASN A 84 ? TYR A 78 ASN A 83 
B 4 LYS A 92 ? LYS A 95 ? LYS A 91 LYS A 94 
# 
loop_
_pdbx_struct_sheet_hbond.sheet_id 
_pdbx_struct_sheet_hbond.range_id_1 
_pdbx_struct_sheet_hbond.range_id_2 
_pdbx_struct_sheet_hbond.range_1_label_atom_id 
_pdbx_struct_sheet_hbond.range_1_label_comp_id 
_pdbx_struct_sheet_hbond.range_1_label_asym_id 
_pdbx_struct_sheet_hbond.range_1_label_seq_id 
_pdbx_struct_sheet_hbond.range_1_PDB_ins_code 
_pdbx_struct_sheet_hbond.range_1_auth_atom_id 
_pdbx_struct_sheet_hbond.range_1_auth_comp_id 
_pdbx_struct_sheet_hbond.range_1_auth_asym_id 
_pdbx_struct_sheet_hbond.range_1_auth_seq_id 
_pdbx_struct_sheet_hbond.range_2_label_atom_id 
_pdbx_struct_sheet_hbond.range_2_label_comp_id 
_pdbx_struct_sheet_hbond.range_2_label_asym_id 
_pdbx_struct_sheet_hbond.range_2_label_seq_id 
_pdbx_struct_sheet_hbond.range_2_PDB_ins_code 
_pdbx_struct_sheet_hbond.range_2_auth_atom_id 
_pdbx_struct_sheet_hbond.range_2_auth_comp_id 
_pdbx_struct_sheet_hbond.range_2_auth_asym_id 
_pdbx_struct_sheet_hbond.range_2_auth_seq_id 
A 1 2 N TYR A 11 ? N TYR A 10 O ASN A 25 ? O ASN A 24 
A 2 3 N VAL A 28 ? N VAL A 27 O LEU A 65 ? O LEU A 64 
A 3 4 O LEU A 66 ? O LEU A 65 N ASP A 54 ? N ASP A 53 
B 1 2 O GLU A 45 ? O GLU A 44 N LYS A 42 ? N LYS A 41 
B 2 3 N LEU A 41 ? N LEU A 40 O ALA A 80 ? O ALA A 79 
B 3 4 N CYS A 81 ? N CYS A 80 O VAL A 94 ? O VAL A 93 
# 
_pdbx_entry_details.entry_id                   2YXF 
_pdbx_entry_details.compound_details           ? 
_pdbx_entry_details.source_details             ? 
_pdbx_entry_details.nonpolymer_details         ? 
_pdbx_entry_details.sequence_details           ? 
_pdbx_entry_details.has_ligand_of_interest     ? 
_pdbx_entry_details.has_protein_modification   Y 
# 
_pdbx_validate_torsion.id              1 
_pdbx_validate_torsion.PDB_model_num   1 
_pdbx_validate_torsion.auth_comp_id    SER 
_pdbx_validate_torsion.auth_asym_id    A 
_pdbx_validate_torsion.auth_seq_id     57 
_pdbx_validate_torsion.PDB_ins_code    ? 
_pdbx_validate_torsion.label_alt_id    ? 
_pdbx_validate_torsion.phi             -105.61 
_pdbx_validate_torsion.psi             -91.98 
# 
_pdbx_unobs_or_zero_occ_residues.id               1 
_pdbx_unobs_or_zero_occ_residues.PDB_model_num    1 
_pdbx_unobs_or_zero_occ_residues.polymer_flag     Y 
_pdbx_unobs_or_zero_occ_residues.occupancy_flag   1 
_pdbx_unobs_or_zero_occ_residues.auth_asym_id     A 
_pdbx_unobs_or_zero_occ_residues.auth_comp_id     MET 
_pdbx_unobs_or_zero_occ_residues.auth_seq_id      99 
_pdbx_unobs_or_zero_occ_residues.PDB_ins_code     ? 
_pdbx_unobs_or_zero_occ_residues.label_asym_id    A 
_pdbx_unobs_or_zero_occ_residues.label_comp_id    MET 
_pdbx_unobs_or_zero_occ_residues.label_seq_id     100 
# 
loop_
_chem_comp_atom.comp_id 
_chem_comp_atom.atom_id 
_chem_comp_atom.type_symbol 
_chem_comp_atom.pdbx_aromatic_flag 
_chem_comp_atom.pdbx_stereo_config 
_chem_comp_atom.pdbx_ordinal 
ALA N    N N N 1   
ALA CA   C N S 2   
ALA C    C N N 3   
ALA O    O N N 4   
ALA CB   C N N 5   
ALA OXT  O N N 6   
ALA H    H N N 7   
ALA H2   H N N 8   
ALA HA   H N N 9   
ALA HB1  H N N 10  
ALA HB2  H N N 11  
ALA HB3  H N N 12  
ALA HXT  H N N 13  
ARG N    N N N 14  
ARG CA   C N S 15  
ARG C    C N N 16  
ARG O    O N N 17  
ARG CB   C N N 18  
ARG CG   C N N 19  
ARG CD   C N N 20  
ARG NE   N N N 21  
ARG CZ   C N N 22  
ARG NH1  N N N 23  
ARG NH2  N N N 24  
ARG OXT  O N N 25  
ARG H    H N N 26  
ARG H2   H N N 27  
ARG HA   H N N 28  
ARG HB2  H N N 29  
ARG HB3  H N N 30  
ARG HG2  H N N 31  
ARG HG3  H N N 32  
ARG HD2  H N N 33  
ARG HD3  H N N 34  
ARG HE   H N N 35  
ARG HH11 H N N 36  
ARG HH12 H N N 37  
ARG HH21 H N N 38  
ARG HH22 H N N 39  
ARG HXT  H N N 40  
ASN N    N N N 41  
ASN CA   C N S 42  
ASN C    C N N 43  
ASN O    O N N 44  
ASN CB   C N N 45  
ASN CG   C N N 46  
ASN OD1  O N N 47  
ASN ND2  N N N 48  
ASN OXT  O N N 49  
ASN H    H N N 50  
ASN H2   H N N 51  
ASN HA   H N N 52  
ASN HB2  H N N 53  
ASN HB3  H N N 54  
ASN HD21 H N N 55  
ASN HD22 H N N 56  
ASN HXT  H N N 57  
ASP N    N N N 58  
ASP CA   C N S 59  
ASP C    C N N 60  
ASP O    O N N 61  
ASP CB   C N N 62  
ASP CG   C N N 63  
ASP OD1  O N N 64  
ASP OD2  O N N 65  
ASP OXT  O N N 66  
ASP H    H N N 67  
ASP H2   H N N 68  
ASP HA   H N N 69  
ASP HB2  H N N 70  
ASP HB3  H N N 71  
ASP HD2  H N N 72  
ASP HXT  H N N 73  
CYS N    N N N 74  
CYS CA   C N R 75  
CYS C    C N N 76  
CYS O    O N N 77  
CYS CB   C N N 78  
CYS SG   S N N 79  
CYS OXT  O N N 80  
CYS H    H N N 81  
CYS H2   H N N 82  
CYS HA   H N N 83  
CYS HB2  H N N 84  
CYS HB3  H N N 85  
CYS HG   H N N 86  
CYS HXT  H N N 87  
GLN N    N N N 88  
GLN CA   C N S 89  
GLN C    C N N 90  
GLN O    O N N 91  
GLN CB   C N N 92  
GLN CG   C N N 93  
GLN CD   C N N 94  
GLN OE1  O N N 95  
GLN NE2  N N N 96  
GLN OXT  O N N 97  
GLN H    H N N 98  
GLN H2   H N N 99  
GLN HA   H N N 100 
GLN HB2  H N N 101 
GLN HB3  H N N 102 
GLN HG2  H N N 103 
GLN HG3  H N N 104 
GLN HE21 H N N 105 
GLN HE22 H N N 106 
GLN HXT  H N N 107 
GLU N    N N N 108 
GLU CA   C N S 109 
GLU C    C N N 110 
GLU O    O N N 111 
GLU CB   C N N 112 
GLU CG   C N N 113 
GLU CD   C N N 114 
GLU OE1  O N N 115 
GLU OE2  O N N 116 
GLU OXT  O N N 117 
GLU H    H N N 118 
GLU H2   H N N 119 
GLU HA   H N N 120 
GLU HB2  H N N 121 
GLU HB3  H N N 122 
GLU HG2  H N N 123 
GLU HG3  H N N 124 
GLU HE2  H N N 125 
GLU HXT  H N N 126 
GLY N    N N N 127 
GLY CA   C N N 128 
GLY C    C N N 129 
GLY O    O N N 130 
GLY OXT  O N N 131 
GLY H    H N N 132 
GLY H2   H N N 133 
GLY HA2  H N N 134 
GLY HA3  H N N 135 
GLY HXT  H N N 136 
HIS N    N N N 137 
HIS CA   C N S 138 
HIS C    C N N 139 
HIS O    O N N 140 
HIS CB   C N N 141 
HIS CG   C Y N 142 
HIS ND1  N Y N 143 
HIS CD2  C Y N 144 
HIS CE1  C Y N 145 
HIS NE2  N Y N 146 
HIS OXT  O N N 147 
HIS H    H N N 148 
HIS H2   H N N 149 
HIS HA   H N N 150 
HIS HB2  H N N 151 
HIS HB3  H N N 152 
HIS HD1  H N N 153 
HIS HD2  H N N 154 
HIS HE1  H N N 155 
HIS HE2  H N N 156 
HIS HXT  H N N 157 
HOH O    O N N 158 
HOH H1   H N N 159 
HOH H2   H N N 160 
ILE N    N N N 161 
ILE CA   C N S 162 
ILE C    C N N 163 
ILE O    O N N 164 
ILE CB   C N S 165 
ILE CG1  C N N 166 
ILE CG2  C N N 167 
ILE CD1  C N N 168 
ILE OXT  O N N 169 
ILE H    H N N 170 
ILE H2   H N N 171 
ILE HA   H N N 172 
ILE HB   H N N 173 
ILE HG12 H N N 174 
ILE HG13 H N N 175 
ILE HG21 H N N 176 
ILE HG22 H N N 177 
ILE HG23 H N N 178 
ILE HD11 H N N 179 
ILE HD12 H N N 180 
ILE HD13 H N N 181 
ILE HXT  H N N 182 
LEU N    N N N 183 
LEU CA   C N S 184 
LEU C    C N N 185 
LEU O    O N N 186 
LEU CB   C N N 187 
LEU CG   C N N 188 
LEU CD1  C N N 189 
LEU CD2  C N N 190 
LEU OXT  O N N 191 
LEU H    H N N 192 
LEU H2   H N N 193 
LEU HA   H N N 194 
LEU HB2  H N N 195 
LEU HB3  H N N 196 
LEU HG   H N N 197 
LEU HD11 H N N 198 
LEU HD12 H N N 199 
LEU HD13 H N N 200 
LEU HD21 H N N 201 
LEU HD22 H N N 202 
LEU HD23 H N N 203 
LEU HXT  H N N 204 
LYS N    N N N 205 
LYS CA   C N S 206 
LYS C    C N N 207 
LYS O    O N N 208 
LYS CB   C N N 209 
LYS CG   C N N 210 
LYS CD   C N N 211 
LYS CE   C N N 212 
LYS NZ   N N N 213 
LYS OXT  O N N 214 
LYS H    H N N 215 
LYS H2   H N N 216 
LYS HA   H N N 217 
LYS HB2  H N N 218 
LYS HB3  H N N 219 
LYS HG2  H N N 220 
LYS HG3  H N N 221 
LYS HD2  H N N 222 
LYS HD3  H N N 223 
LYS HE2  H N N 224 
LYS HE3  H N N 225 
LYS HZ1  H N N 226 
LYS HZ2  H N N 227 
LYS HZ3  H N N 228 
LYS HXT  H N N 229 
MET N    N N N 230 
MET CA   C N S 231 
MET C    C N N 232 
MET O    O N N 233 
MET CB   C N N 234 
MET CG   C N N 235 
MET SD   S N N 236 
MET CE   C N N 237 
MET OXT  O N N 238 
MET H    H N N 239 
MET H2   H N N 240 
MET HA   H N N 241 
MET HB2  H N N 242 
MET HB3  H N N 243 
MET HG2  H N N 244 
MET HG3  H N N 245 
MET HE1  H N N 246 
MET HE2  H N N 247 
MET HE3  H N N 248 
MET HXT  H N N 249 
PHE N    N N N 250 
PHE CA   C N S 251 
PHE C    C N N 252 
PHE O    O N N 253 
PHE CB   C N N 254 
PHE CG   C Y N 255 
PHE CD1  C Y N 256 
PHE CD2  C Y N 257 
PHE CE1  C Y N 258 
PHE CE2  C Y N 259 
PHE CZ   C Y N 260 
PHE OXT  O N N 261 
PHE H    H N N 262 
PHE H2   H N N 263 
PHE HA   H N N 264 
PHE HB2  H N N 265 
PHE HB3  H N N 266 
PHE HD1  H N N 267 
PHE HD2  H N N 268 
PHE HE1  H N N 269 
PHE HE2  H N N 270 
PHE HZ   H N N 271 
PHE HXT  H N N 272 
PRO N    N N N 273 
PRO CA   C N S 274 
PRO C    C N N 275 
PRO O    O N N 276 
PRO CB   C N N 277 
PRO CG   C N N 278 
PRO CD   C N N 279 
PRO OXT  O N N 280 
PRO H    H N N 281 
PRO HA   H N N 282 
PRO HB2  H N N 283 
PRO HB3  H N N 284 
PRO HG2  H N N 285 
PRO HG3  H N N 286 
PRO HD2  H N N 287 
PRO HD3  H N N 288 
PRO HXT  H N N 289 
SER N    N N N 290 
SER CA   C N S 291 
SER C    C N N 292 
SER O    O N N 293 
SER CB   C N N 294 
SER OG   O N N 295 
SER OXT  O N N 296 
SER H    H N N 297 
SER H2   H N N 298 
SER HA   H N N 299 
SER HB2  H N N 300 
SER HB3  H N N 301 
SER HG   H N N 302 
SER HXT  H N N 303 
THR N    N N N 304 
THR CA   C N S 305 
THR C    C N N 306 
THR O    O N N 307 
THR CB   C N R 308 
THR OG1  O N N 309 
THR CG2  C N N 310 
THR OXT  O N N 311 
THR H    H N N 312 
THR H2   H N N 313 
THR HA   H N N 314 
THR HB   H N N 315 
THR HG1  H N N 316 
THR HG21 H N N 317 
THR HG22 H N N 318 
THR HG23 H N N 319 
THR HXT  H N N 320 
TRP N    N N N 321 
TRP CA   C N S 322 
TRP C    C N N 323 
TRP O    O N N 324 
TRP CB   C N N 325 
TRP CG   C Y N 326 
TRP CD1  C Y N 327 
TRP CD2  C Y N 328 
TRP NE1  N Y N 329 
TRP CE2  C Y N 330 
TRP CE3  C Y N 331 
TRP CZ2  C Y N 332 
TRP CZ3  C Y N 333 
TRP CH2  C Y N 334 
TRP OXT  O N N 335 
TRP H    H N N 336 
TRP H2   H N N 337 
TRP HA   H N N 338 
TRP HB2  H N N 339 
TRP HB3  H N N 340 
TRP HD1  H N N 341 
TRP HE1  H N N 342 
TRP HE3  H N N 343 
TRP HZ2  H N N 344 
TRP HZ3  H N N 345 
TRP HH2  H N N 346 
TRP HXT  H N N 347 
TYR N    N N N 348 
TYR CA   C N S 349 
TYR C    C N N 350 
TYR O    O N N 351 
TYR CB   C N N 352 
TYR CG   C Y N 353 
TYR CD1  C Y N 354 
TYR CD2  C Y N 355 
TYR CE1  C Y N 356 
TYR CE2  C Y N 357 
TYR CZ   C Y N 358 
TYR OH   O N N 359 
TYR OXT  O N N 360 
TYR H    H N N 361 
TYR H2   H N N 362 
TYR HA   H N N 363 
TYR HB2  H N N 364 
TYR HB3  H N N 365 
TYR HD1  H N N 366 
TYR HD2  H N N 367 
TYR HE1  H N N 368 
TYR HE2  H N N 369 
TYR HH   H N N 370 
TYR HXT  H N N 371 
VAL N    N N N 372 
VAL CA   C N S 373 
VAL C    C N N 374 
VAL O    O N N 375 
VAL CB   C N N 376 
VAL CG1  C N N 377 
VAL CG2  C N N 378 
VAL OXT  O N N 379 
VAL H    H N N 380 
VAL H2   H N N 381 
VAL HA   H N N 382 
VAL HB   H N N 383 
VAL HG11 H N N 384 
VAL HG12 H N N 385 
VAL HG13 H N N 386 
VAL HG21 H N N 387 
VAL HG22 H N N 388 
VAL HG23 H N N 389 
VAL HXT  H N N 390 
# 
loop_
_chem_comp_bond.comp_id 
_chem_comp_bond.atom_id_1 
_chem_comp_bond.atom_id_2 
_chem_comp_bond.value_order 
_chem_comp_bond.pdbx_aromatic_flag 
_chem_comp_bond.pdbx_stereo_config 
_chem_comp_bond.pdbx_ordinal 
ALA N   CA   sing N N 1   
ALA N   H    sing N N 2   
ALA N   H2   sing N N 3   
ALA CA  C    sing N N 4   
ALA CA  CB   sing N N 5   
ALA CA  HA   sing N N 6   
ALA C   O    doub N N 7   
ALA C   OXT  sing N N 8   
ALA CB  HB1  sing N N 9   
ALA CB  HB2  sing N N 10  
ALA CB  HB3  sing N N 11  
ALA OXT HXT  sing N N 12  
ARG N   CA   sing N N 13  
ARG N   H    sing N N 14  
ARG N   H2   sing N N 15  
ARG CA  C    sing N N 16  
ARG CA  CB   sing N N 17  
ARG CA  HA   sing N N 18  
ARG C   O    doub N N 19  
ARG C   OXT  sing N N 20  
ARG CB  CG   sing N N 21  
ARG CB  HB2  sing N N 22  
ARG CB  HB3  sing N N 23  
ARG CG  CD   sing N N 24  
ARG CG  HG2  sing N N 25  
ARG CG  HG3  sing N N 26  
ARG CD  NE   sing N N 27  
ARG CD  HD2  sing N N 28  
ARG CD  HD3  sing N N 29  
ARG NE  CZ   sing N N 30  
ARG NE  HE   sing N N 31  
ARG CZ  NH1  sing N N 32  
ARG CZ  NH2  doub N N 33  
ARG NH1 HH11 sing N N 34  
ARG NH1 HH12 sing N N 35  
ARG NH2 HH21 sing N N 36  
ARG NH2 HH22 sing N N 37  
ARG OXT HXT  sing N N 38  
ASN N   CA   sing N N 39  
ASN N   H    sing N N 40  
ASN N   H2   sing N N 41  
ASN CA  C    sing N N 42  
ASN CA  CB   sing N N 43  
ASN CA  HA   sing N N 44  
ASN C   O    doub N N 45  
ASN C   OXT  sing N N 46  
ASN CB  CG   sing N N 47  
ASN CB  HB2  sing N N 48  
ASN CB  HB3  sing N N 49  
ASN CG  OD1  doub N N 50  
ASN CG  ND2  sing N N 51  
ASN ND2 HD21 sing N N 52  
ASN ND2 HD22 sing N N 53  
ASN OXT HXT  sing N N 54  
ASP N   CA   sing N N 55  
ASP N   H    sing N N 56  
ASP N   H2   sing N N 57  
ASP CA  C    sing N N 58  
ASP CA  CB   sing N N 59  
ASP CA  HA   sing N N 60  
ASP C   O    doub N N 61  
ASP C   OXT  sing N N 62  
ASP CB  CG   sing N N 63  
ASP CB  HB2  sing N N 64  
ASP CB  HB3  sing N N 65  
ASP CG  OD1  doub N N 66  
ASP CG  OD2  sing N N 67  
ASP OD2 HD2  sing N N 68  
ASP OXT HXT  sing N N 69  
CYS N   CA   sing N N 70  
CYS N   H    sing N N 71  
CYS N   H2   sing N N 72  
CYS CA  C    sing N N 73  
CYS CA  CB   sing N N 74  
CYS CA  HA   sing N N 75  
CYS C   O    doub N N 76  
CYS C   OXT  sing N N 77  
CYS CB  SG   sing N N 78  
CYS CB  HB2  sing N N 79  
CYS CB  HB3  sing N N 80  
CYS SG  HG   sing N N 81  
CYS OXT HXT  sing N N 82  
GLN N   CA   sing N N 83  
GLN N   H    sing N N 84  
GLN N   H2   sing N N 85  
GLN CA  C    sing N N 86  
GLN CA  CB   sing N N 87  
GLN CA  HA   sing N N 88  
GLN C   O    doub N N 89  
GLN C   OXT  sing N N 90  
GLN CB  CG   sing N N 91  
GLN CB  HB2  sing N N 92  
GLN CB  HB3  sing N N 93  
GLN CG  CD   sing N N 94  
GLN CG  HG2  sing N N 95  
GLN CG  HG3  sing N N 96  
GLN CD  OE1  doub N N 97  
GLN CD  NE2  sing N N 98  
GLN NE2 HE21 sing N N 99  
GLN NE2 HE22 sing N N 100 
GLN OXT HXT  sing N N 101 
GLU N   CA   sing N N 102 
GLU N   H    sing N N 103 
GLU N   H2   sing N N 104 
GLU CA  C    sing N N 105 
GLU CA  CB   sing N N 106 
GLU CA  HA   sing N N 107 
GLU C   O    doub N N 108 
GLU C   OXT  sing N N 109 
GLU CB  CG   sing N N 110 
GLU CB  HB2  sing N N 111 
GLU CB  HB3  sing N N 112 
GLU CG  CD   sing N N 113 
GLU CG  HG2  sing N N 114 
GLU CG  HG3  sing N N 115 
GLU CD  OE1  doub N N 116 
GLU CD  OE2  sing N N 117 
GLU OE2 HE2  sing N N 118 
GLU OXT HXT  sing N N 119 
GLY N   CA   sing N N 120 
GLY N   H    sing N N 121 
GLY N   H2   sing N N 122 
GLY CA  C    sing N N 123 
GLY CA  HA2  sing N N 124 
GLY CA  HA3  sing N N 125 
GLY C   O    doub N N 126 
GLY C   OXT  sing N N 127 
GLY OXT HXT  sing N N 128 
HIS N   CA   sing N N 129 
HIS N   H    sing N N 130 
HIS N   H2   sing N N 131 
HIS CA  C    sing N N 132 
HIS CA  CB   sing N N 133 
HIS CA  HA   sing N N 134 
HIS C   O    doub N N 135 
HIS C   OXT  sing N N 136 
HIS CB  CG   sing N N 137 
HIS CB  HB2  sing N N 138 
HIS CB  HB3  sing N N 139 
HIS CG  ND1  sing Y N 140 
HIS CG  CD2  doub Y N 141 
HIS ND1 CE1  doub Y N 142 
HIS ND1 HD1  sing N N 143 
HIS CD2 NE2  sing Y N 144 
HIS CD2 HD2  sing N N 145 
HIS CE1 NE2  sing Y N 146 
HIS CE1 HE1  sing N N 147 
HIS NE2 HE2  sing N N 148 
HIS OXT HXT  sing N N 149 
HOH O   H1   sing N N 150 
HOH O   H2   sing N N 151 
ILE N   CA   sing N N 152 
ILE N   H    sing N N 153 
ILE N   H2   sing N N 154 
ILE CA  C    sing N N 155 
ILE CA  CB   sing N N 156 
ILE CA  HA   sing N N 157 
ILE C   O    doub N N 158 
ILE C   OXT  sing N N 159 
ILE CB  CG1  sing N N 160 
ILE CB  CG2  sing N N 161 
ILE CB  HB   sing N N 162 
ILE CG1 CD1  sing N N 163 
ILE CG1 HG12 sing N N 164 
ILE CG1 HG13 sing N N 165 
ILE CG2 HG21 sing N N 166 
ILE CG2 HG22 sing N N 167 
ILE CG2 HG23 sing N N 168 
ILE CD1 HD11 sing N N 169 
ILE CD1 HD12 sing N N 170 
ILE CD1 HD13 sing N N 171 
ILE OXT HXT  sing N N 172 
LEU N   CA   sing N N 173 
LEU N   H    sing N N 174 
LEU N   H2   sing N N 175 
LEU CA  C    sing N N 176 
LEU CA  CB   sing N N 177 
LEU CA  HA   sing N N 178 
LEU C   O    doub N N 179 
LEU C   OXT  sing N N 180 
LEU CB  CG   sing N N 181 
LEU CB  HB2  sing N N 182 
LEU CB  HB3  sing N N 183 
LEU CG  CD1  sing N N 184 
LEU CG  CD2  sing N N 185 
LEU CG  HG   sing N N 186 
LEU CD1 HD11 sing N N 187 
LEU CD1 HD12 sing N N 188 
LEU CD1 HD13 sing N N 189 
LEU CD2 HD21 sing N N 190 
LEU CD2 HD22 sing N N 191 
LEU CD2 HD23 sing N N 192 
LEU OXT HXT  sing N N 193 
LYS N   CA   sing N N 194 
LYS N   H    sing N N 195 
LYS N   H2   sing N N 196 
LYS CA  C    sing N N 197 
LYS CA  CB   sing N N 198 
LYS CA  HA   sing N N 199 
LYS C   O    doub N N 200 
LYS C   OXT  sing N N 201 
LYS CB  CG   sing N N 202 
LYS CB  HB2  sing N N 203 
LYS CB  HB3  sing N N 204 
LYS CG  CD   sing N N 205 
LYS CG  HG2  sing N N 206 
LYS CG  HG3  sing N N 207 
LYS CD  CE   sing N N 208 
LYS CD  HD2  sing N N 209 
LYS CD  HD3  sing N N 210 
LYS CE  NZ   sing N N 211 
LYS CE  HE2  sing N N 212 
LYS CE  HE3  sing N N 213 
LYS NZ  HZ1  sing N N 214 
LYS NZ  HZ2  sing N N 215 
LYS NZ  HZ3  sing N N 216 
LYS OXT HXT  sing N N 217 
MET N   CA   sing N N 218 
MET N   H    sing N N 219 
MET N   H2   sing N N 220 
MET CA  C    sing N N 221 
MET CA  CB   sing N N 222 
MET CA  HA   sing N N 223 
MET C   O    doub N N 224 
MET C   OXT  sing N N 225 
MET CB  CG   sing N N 226 
MET CB  HB2  sing N N 227 
MET CB  HB3  sing N N 228 
MET CG  SD   sing N N 229 
MET CG  HG2  sing N N 230 
MET CG  HG3  sing N N 231 
MET SD  CE   sing N N 232 
MET CE  HE1  sing N N 233 
MET CE  HE2  sing N N 234 
MET CE  HE3  sing N N 235 
MET OXT HXT  sing N N 236 
PHE N   CA   sing N N 237 
PHE N   H    sing N N 238 
PHE N   H2   sing N N 239 
PHE CA  C    sing N N 240 
PHE CA  CB   sing N N 241 
PHE CA  HA   sing N N 242 
PHE C   O    doub N N 243 
PHE C   OXT  sing N N 244 
PHE CB  CG   sing N N 245 
PHE CB  HB2  sing N N 246 
PHE CB  HB3  sing N N 247 
PHE CG  CD1  doub Y N 248 
PHE CG  CD2  sing Y N 249 
PHE CD1 CE1  sing Y N 250 
PHE CD1 HD1  sing N N 251 
PHE CD2 CE2  doub Y N 252 
PHE CD2 HD2  sing N N 253 
PHE CE1 CZ   doub Y N 254 
PHE CE1 HE1  sing N N 255 
PHE CE2 CZ   sing Y N 256 
PHE CE2 HE2  sing N N 257 
PHE CZ  HZ   sing N N 258 
PHE OXT HXT  sing N N 259 
PRO N   CA   sing N N 260 
PRO N   CD   sing N N 261 
PRO N   H    sing N N 262 
PRO CA  C    sing N N 263 
PRO CA  CB   sing N N 264 
PRO CA  HA   sing N N 265 
PRO C   O    doub N N 266 
PRO C   OXT  sing N N 267 
PRO CB  CG   sing N N 268 
PRO CB  HB2  sing N N 269 
PRO CB  HB3  sing N N 270 
PRO CG  CD   sing N N 271 
PRO CG  HG2  sing N N 272 
PRO CG  HG3  sing N N 273 
PRO CD  HD2  sing N N 274 
PRO CD  HD3  sing N N 275 
PRO OXT HXT  sing N N 276 
SER N   CA   sing N N 277 
SER N   H    sing N N 278 
SER N   H2   sing N N 279 
SER CA  C    sing N N 280 
SER CA  CB   sing N N 281 
SER CA  HA   sing N N 282 
SER C   O    doub N N 283 
SER C   OXT  sing N N 284 
SER CB  OG   sing N N 285 
SER CB  HB2  sing N N 286 
SER CB  HB3  sing N N 287 
SER OG  HG   sing N N 288 
SER OXT HXT  sing N N 289 
THR N   CA   sing N N 290 
THR N   H    sing N N 291 
THR N   H2   sing N N 292 
THR CA  C    sing N N 293 
THR CA  CB   sing N N 294 
THR CA  HA   sing N N 295 
THR C   O    doub N N 296 
THR C   OXT  sing N N 297 
THR CB  OG1  sing N N 298 
THR CB  CG2  sing N N 299 
THR CB  HB   sing N N 300 
THR OG1 HG1  sing N N 301 
THR CG2 HG21 sing N N 302 
THR CG2 HG22 sing N N 303 
THR CG2 HG23 sing N N 304 
THR OXT HXT  sing N N 305 
TRP N   CA   sing N N 306 
TRP N   H    sing N N 307 
TRP N   H2   sing N N 308 
TRP CA  C    sing N N 309 
TRP CA  CB   sing N N 310 
TRP CA  HA   sing N N 311 
TRP C   O    doub N N 312 
TRP C   OXT  sing N N 313 
TRP CB  CG   sing N N 314 
TRP CB  HB2  sing N N 315 
TRP CB  HB3  sing N N 316 
TRP CG  CD1  doub Y N 317 
TRP CG  CD2  sing Y N 318 
TRP CD1 NE1  sing Y N 319 
TRP CD1 HD1  sing N N 320 
TRP CD2 CE2  doub Y N 321 
TRP CD2 CE3  sing Y N 322 
TRP NE1 CE2  sing Y N 323 
TRP NE1 HE1  sing N N 324 
TRP CE2 CZ2  sing Y N 325 
TRP CE3 CZ3  doub Y N 326 
TRP CE3 HE3  sing N N 327 
TRP CZ2 CH2  doub Y N 328 
TRP CZ2 HZ2  sing N N 329 
TRP CZ3 CH2  sing Y N 330 
TRP CZ3 HZ3  sing N N 331 
TRP CH2 HH2  sing N N 332 
TRP OXT HXT  sing N N 333 
TYR N   CA   sing N N 334 
TYR N   H    sing N N 335 
TYR N   H2   sing N N 336 
TYR CA  C    sing N N 337 
TYR CA  CB   sing N N 338 
TYR CA  HA   sing N N 339 
TYR C   O    doub N N 340 
TYR C   OXT  sing N N 341 
TYR CB  CG   sing N N 342 
TYR CB  HB2  sing N N 343 
TYR CB  HB3  sing N N 344 
TYR CG  CD1  doub Y N 345 
TYR CG  CD2  sing Y N 346 
TYR CD1 CE1  sing Y N 347 
TYR CD1 HD1  sing N N 348 
TYR CD2 CE2  doub Y N 349 
TYR CD2 HD2  sing N N 350 
TYR CE1 CZ   doub Y N 351 
TYR CE1 HE1  sing N N 352 
TYR CE2 CZ   sing Y N 353 
TYR CE2 HE2  sing N N 354 
TYR CZ  OH   sing N N 355 
TYR OH  HH   sing N N 356 
TYR OXT HXT  sing N N 357 
VAL N   CA   sing N N 358 
VAL N   H    sing N N 359 
VAL N   H2   sing N N 360 
VAL CA  C    sing N N 361 
VAL CA  CB   sing N N 362 
VAL CA  HA   sing N N 363 
VAL C   O    doub N N 364 
VAL C   OXT  sing N N 365 
VAL CB  CG1  sing N N 366 
VAL CB  CG2  sing N N 367 
VAL CB  HB   sing N N 368 
VAL CG1 HG11 sing N N 369 
VAL CG1 HG12 sing N N 370 
VAL CG1 HG13 sing N N 371 
VAL CG2 HG21 sing N N 372 
VAL CG2 HG22 sing N N 373 
VAL CG2 HG23 sing N N 374 
VAL OXT HXT  sing N N 375 
# 
_pdbx_initial_refinement_model.id               1 
_pdbx_initial_refinement_model.entity_id_list   ? 
_pdbx_initial_refinement_model.type             'experimental model' 
_pdbx_initial_refinement_model.source_name      PDB 
_pdbx_initial_refinement_model.accession_code   2D4F 
_pdbx_initial_refinement_model.details          'PDB ENTRY 2D4F' 
# 
_atom_sites.entry_id                    2YXF 
_atom_sites.fract_transf_matrix[1][1]   -0.01047911 
_atom_sites.fract_transf_matrix[1][2]   -0.00532791 
_atom_sites.fract_transf_matrix[1][3]   0.00950771 
_atom_sites.fract_transf_matrix[2][1]   -0.02419771 
_atom_sites.fract_transf_matrix[2][2]   0.00408323 
_atom_sites.fract_transf_matrix[2][3]   -0.02438183 
_atom_sites.fract_transf_matrix[3][1]   -0.00463394 
_atom_sites.fract_transf_matrix[3][2]   -0.02105026 
_atom_sites.fract_transf_matrix[3][3]   0.00107365 
_atom_sites.fract_transf_vector[1]      0.027248 
_atom_sites.fract_transf_vector[2]      -0.496512 
_atom_sites.fract_transf_vector[3]      -0.182052 
# 
loop_
_atom_type.symbol 
C 
N 
O 
S 
# 
loop_
_atom_site.group_PDB 
_atom_site.id 
_atom_site.type_symbol 
_atom_site.label_atom_id 
_atom_site.label_alt_id 
_atom_site.label_comp_id 
_atom_site.label_asym_id 
_atom_site.label_entity_id 
_atom_site.label_seq_id 
_atom_site.pdbx_PDB_ins_code 
_atom_site.Cartn_x 
_atom_site.Cartn_y 
_atom_site.Cartn_z 
_atom_site.occupancy 
_atom_site.B_iso_or_equiv 
_atom_site.pdbx_formal_charge 
_atom_site.auth_seq_id 
_atom_site.auth_comp_id 
_atom_site.auth_asym_id 
_atom_site.auth_atom_id 
_atom_site.pdbx_PDB_model_num 
ATOM   1   N N   . MET A 1 1  ? -10.126 -15.611 19.204  1.00 10.99 ? 0   MET A N   1 
ATOM   2   C CA  . MET A 1 1  ? -9.780  -14.481 18.303  1.00 10.68 ? 0   MET A CA  1 
ATOM   3   C C   . MET A 1 1  ? -8.281  -14.447 18.058  1.00 9.77  ? 0   MET A C   1 
ATOM   4   O O   . MET A 1 1  ? -7.490  -14.955 18.849  1.00 9.73  ? 0   MET A O   1 
ATOM   5   C CB  . MET A 1 1  ? -10.255 -13.144 18.894  1.00 11.61 ? 0   MET A CB  1 
ATOM   6   C CG  . MET A 1 1  ? -9.582  -12.717 20.196  1.00 11.68 ? 0   MET A CG  1 
ATOM   7   S SD  . MET A 1 1  ? -7.932  -11.990 20.030  1.00 12.08 ? 0   MET A SD  1 
ATOM   8   C CE  . MET A 1 1  ? -8.328  -10.341 19.458  1.00 13.52 ? 0   MET A CE  1 
ATOM   9   N N   . ILE A 1 2  ? -7.906  -13.849 16.935  1.00 9.56  ? 1   ILE A N   1 
ATOM   10  C CA  . ILE A 1 2  ? -6.514  -13.576 16.644  1.00 9.72  ? 1   ILE A CA  1 
ATOM   11  C C   . ILE A 1 2  ? -6.423  -12.229 15.946  1.00 8.83  ? 1   ILE A C   1 
ATOM   12  O O   . ILE A 1 2  ? -7.301  -11.855 15.153  1.00 9.30  ? 1   ILE A O   1 
ATOM   13  C CB  . ILE A 1 2  ? -5.881  -14.706 15.808  1.00 10.57 ? 1   ILE A CB  1 
ATOM   14  C CG1 . ILE A 1 2  ? -4.362  -14.543 15.734  1.00 11.84 ? 1   ILE A CG1 1 
ATOM   15  C CG2 . ILE A 1 2  ? -6.504  -14.776 14.429  1.00 12.08 ? 1   ILE A CG2 1 
ATOM   16  C CD1 . ILE A 1 2  ? -3.646  -15.800 15.284  1.00 12.63 ? 1   ILE A CD1 1 
ATOM   17  N N   . GLN A 1 3  ? -5.372  -11.490 16.258  1.00 8.03  ? 2   GLN A N   1 
ATOM   18  C CA  . GLN A 1 3  ? -5.099  -10.270 15.536  1.00 8.38  ? 2   GLN A CA  1 
ATOM   19  C C   . GLN A 1 3  ? -3.613  -10.176 15.248  1.00 7.62  ? 2   GLN A C   1 
ATOM   20  O O   . GLN A 1 3  ? -2.763  -10.562 16.065  1.00 7.67  ? 2   GLN A O   1 
ATOM   21  C CB  . GLN A 1 3  ? -5.643  -9.039  16.258  1.00 8.49  ? 2   GLN A CB  1 
ATOM   22  C CG  . GLN A 1 3  ? -5.041  -8.820  17.621  1.00 9.06  ? 2   GLN A CG  1 
ATOM   23  C CD  . GLN A 1 3  ? -5.771  -7.756  18.423  1.00 9.43  ? 2   GLN A CD  1 
ATOM   24  O OE1 . GLN A 1 3  ? -6.968  -7.521  18.236  1.00 11.58 ? 2   GLN A OE1 1 
ATOM   25  N NE2 . GLN A 1 3  ? -5.056  -7.120  19.333  1.00 9.37  ? 2   GLN A NE2 1 
ATOM   26  N N   . ARG A 1 4  ? -3.322  -9.700  14.045  1.00 7.74  ? 3   ARG A N   1 
ATOM   27  C CA  . ARG A 1 4  ? -1.961  -9.621  13.533  1.00 9.17  ? 3   ARG A CA  1 
ATOM   28  C C   . ARG A 1 4  ? -1.794  -8.294  12.810  1.00 8.43  ? 3   ARG A C   1 
ATOM   29  O O   . ARG A 1 4  ? -2.604  -7.940  11.949  1.00 8.43  ? 3   ARG A O   1 
ATOM   30  C CB  . ARG A 1 4  ? -1.689  -10.766 12.561  1.00 9.64  ? 3   ARG A CB  1 
ATOM   31  C CG  . ARG A 1 4  ? -1.843  -12.161 13.180  1.00 13.02 ? 3   ARG A CG  1 
ATOM   32  C CD  . ARG A 1 4  ? -1.707  -13.268 12.173  1.00 15.73 ? 3   ARG A CD  1 
ATOM   33  N NE  . ARG A 1 4  ? -2.354  -12.883 10.938  1.00 20.30 ? 3   ARG A NE  1 
ATOM   34  C CZ  . ARG A 1 4  ? -1.910  -13.168 9.724   1.00 21.57 ? 3   ARG A CZ  1 
ATOM   35  N NH1 . ARG A 1 4  ? -0.800  -13.872 9.514   1.00 22.89 ? 3   ARG A NH1 1 
ATOM   36  N NH2 . ARG A 1 4  ? -2.596  -12.706 8.704   1.00 21.99 ? 3   ARG A NH2 1 
ATOM   37  N N   . THR A 1 5  ? -0.734  -7.580  13.171  1.00 8.77  ? 4   THR A N   1 
ATOM   38  C CA  . THR A 1 5  ? -0.386  -6.298  12.583  1.00 9.67  ? 4   THR A CA  1 
ATOM   39  C C   . THR A 1 5  ? 0.062   -6.513  11.137  1.00 9.39  ? 4   THR A C   1 
ATOM   40  O O   . THR A 1 5  ? 0.841   -7.416  10.864  1.00 9.45  ? 4   THR A O   1 
ATOM   41  C CB  . THR A 1 5  ? 0.817   -5.667  13.373  1.00 10.46 ? 4   THR A CB  1 
ATOM   42  O OG1 . THR A 1 5  ? 0.479   -5.502  14.758  1.00 11.67 ? 4   THR A OG1 1 
ATOM   43  C CG2 . THR A 1 5  ? 1.270   -4.337  12.792  1.00 11.18 ? 4   THR A CG2 1 
ATOM   44  N N   . PRO A 1 6  ? -0.416  -5.681  10.196  1.00 9.98  ? 5   PRO A N   1 
ATOM   45  C CA  . PRO A 1 6  ? 0.044   -5.782  8.821   1.00 10.61 ? 5   PRO A CA  1 
ATOM   46  C C   . PRO A 1 6  ? 1.524   -5.459  8.660   1.00 10.71 ? 5   PRO A C   1 
ATOM   47  O O   . PRO A 1 6  ? 2.012   -4.519  9.278   1.00 10.92 ? 5   PRO A O   1 
ATOM   48  C CB  . PRO A 1 6  ? -0.787  -4.705  8.102   1.00 11.24 ? 5   PRO A CB  1 
ATOM   49  C CG  . PRO A 1 6  ? -1.196  -3.763  9.147   1.00 12.21 ? 5   PRO A CG  1 
ATOM   50  C CD  . PRO A 1 6  ? -1.412  -4.606  10.351  1.00 10.91 ? 5   PRO A CD  1 
ATOM   51  N N   . LYS A 1 7  ? 2.224   -6.229  7.833   1.00 10.87 ? 6   LYS A N   1 
ATOM   52  C CA  . LYS A 1 7  ? 3.504   -5.797  7.278   1.00 10.88 ? 6   LYS A CA  1 
ATOM   53  C C   . LYS A 1 7  ? 3.178   -4.908  6.082   1.00 9.47  ? 6   LYS A C   1 
ATOM   54  O O   . LYS A 1 7  ? 2.218   -5.169  5.357   1.00 8.95  ? 6   LYS A O   1 
ATOM   55  C CB  . LYS A 1 7  ? 4.345   -6.999  6.848   1.00 11.98 ? 6   LYS A CB  1 
ATOM   56  C CG  . LYS A 1 7  ? 5.721   -6.651  6.286   1.00 13.46 ? 6   LYS A CG  1 
ATOM   57  C CD  . LYS A 1 7  ? 6.447   -7.895  5.784   1.00 14.91 ? 6   LYS A CD  1 
ATOM   58  C CE  . LYS A 1 7  ? 7.852   -7.565  5.318   1.00 16.71 ? 6   LYS A CE  1 
ATOM   59  N NZ  . LYS A 1 7  ? 8.642   -8.773  4.942   1.00 18.43 ? 6   LYS A NZ  1 
ATOM   60  N N   . ILE A 1 8  ? 3.954   -3.846  5.903   1.00 9.26  ? 7   ILE A N   1 
ATOM   61  C CA  . ILE A 1 8  ? 3.679   -2.850  4.877   1.00 9.53  ? 7   ILE A CA  1 
ATOM   62  C C   . ILE A 1 8  ? 4.940   -2.626  4.048   1.00 9.61  ? 7   ILE A C   1 
ATOM   63  O O   . ILE A 1 8  ? 5.990   -2.285  4.588   1.00 10.65 ? 7   ILE A O   1 
ATOM   64  C CB  . ILE A 1 8  ? 3.230   -1.527  5.518   1.00 9.64  ? 7   ILE A CB  1 
ATOM   65  C CG1 . ILE A 1 8  ? 1.984   -1.728  6.385   1.00 10.02 ? 7   ILE A CG1 1 
ATOM   66  C CG2 . ILE A 1 8  ? 2.938   -0.482  4.445   1.00 10.33 ? 7   ILE A CG2 1 
ATOM   67  C CD1 . ILE A 1 8  ? 1.735   -0.583  7.339   1.00 10.65 ? 7   ILE A CD1 1 
ATOM   68  N N   . GLN A 1 9  ? 4.838   -2.824  2.738   1.00 9.24  ? 8   GLN A N   1 
ATOM   69  C CA  . GLN A 1 9  ? 5.947   -2.622  1.810   1.00 9.90  ? 8   GLN A CA  1 
ATOM   70  C C   . GLN A 1 9  ? 5.489   -1.685  0.713   1.00 9.39  ? 8   GLN A C   1 
ATOM   71  O O   . GLN A 1 9  ? 4.392   -1.848  0.180   1.00 9.74  ? 8   GLN A O   1 
ATOM   72  C CB  . GLN A 1 9  ? 6.389   -3.956  1.218   1.00 10.30 ? 8   GLN A CB  1 
ATOM   73  C CG  . GLN A 1 9  ? 6.990   -4.889  2.253   1.00 11.73 ? 8   GLN A CG  1 
ATOM   74  C CD  . GLN A 1 9  ? 7.169   -6.291  1.735   1.00 12.36 ? 8   GLN A CD  1 
ATOM   75  O OE1 . GLN A 1 9  ? 6.206   -7.039  1.599   1.00 14.52 ? 8   GLN A OE1 1 
ATOM   76  N NE2 . GLN A 1 9  ? 8.409   -6.667  1.464   1.00 16.43 ? 8   GLN A NE2 1 
ATOM   77  N N   . VAL A 1 10 ? 6.336   -0.714  0.383   1.00 9.02  ? 9   VAL A N   1 
ATOM   78  C CA  . VAL A 1 10 ? 6.014   0.297   -0.612  1.00 9.40  ? 9   VAL A CA  1 
ATOM   79  C C   . VAL A 1 10 ? 7.113   0.284   -1.667  1.00 9.30  ? 9   VAL A C   1 
ATOM   80  O O   . VAL A 1 10 ? 8.297   0.382   -1.351  1.00 10.15 ? 9   VAL A O   1 
ATOM   81  C CB  . VAL A 1 10 ? 5.911   1.686   0.037   1.00 9.59  ? 9   VAL A CB  1 
ATOM   82  C CG1 . VAL A 1 10 ? 5.487   2.734   -0.992  1.00 11.03 ? 9   VAL A CG1 1 
ATOM   83  C CG2 . VAL A 1 10 ? 4.939   1.651   1.215   1.00 10.04 ? 9   VAL A CG2 1 
ATOM   84  N N   . TYR A 1 11 ? 6.721   0.146   -2.926  1.00 9.19  ? 10  TYR A N   1 
ATOM   85  C CA  . TYR A 1 11 ? 7.690   -0.045  -4.004  1.00 9.52  ? 10  TYR A CA  1 
ATOM   86  C C   . TYR A 1 11 ? 7.078   0.323   -5.337  1.00 9.31  ? 10  TYR A C   1 
ATOM   87  O O   . TYR A 1 11 ? 5.863   0.474   -5.457  1.00 9.71  ? 10  TYR A O   1 
ATOM   88  C CB  . TYR A 1 11 ? 8.180   -1.499  -4.029  1.00 10.09 ? 10  TYR A CB  1 
ATOM   89  C CG  . TYR A 1 11 ? 7.078   -2.520  -4.167  1.00 9.98  ? 10  TYR A CG  1 
ATOM   90  C CD1 . TYR A 1 11 ? 6.426   -3.012  -3.045  1.00 11.04 ? 10  TYR A CD1 1 
ATOM   91  C CD2 . TYR A 1 11 ? 6.677   -2.988  -5.413  1.00 10.03 ? 10  TYR A CD2 1 
ATOM   92  C CE1 . TYR A 1 11 ? 5.418   -3.945  -3.156  1.00 12.17 ? 10  TYR A CE1 1 
ATOM   93  C CE2 . TYR A 1 11 ? 5.657   -3.924  -5.537  1.00 10.76 ? 10  TYR A CE2 1 
ATOM   94  C CZ  . TYR A 1 11 ? 5.030   -4.400  -4.396  1.00 11.45 ? 10  TYR A CZ  1 
ATOM   95  O OH  . TYR A 1 11 ? 4.026   -5.334  -4.487  1.00 13.07 ? 10  TYR A OH  1 
ATOM   96  N N   . SER A 1 12 ? 7.929   0.476   -6.346  1.00 9.48  ? 11  SER A N   1 
ATOM   97  C CA  . SER A 1 12 ? 7.470   0.835   -7.678  1.00 9.67  ? 11  SER A CA  1 
ATOM   98  C C   . SER A 1 12 ? 7.798   -0.271  -8.666  1.00 9.51  ? 11  SER A C   1 
ATOM   99  O O   . SER A 1 12 ? 8.770   -1.011  -8.492  1.00 10.30 ? 11  SER A O   1 
ATOM   100 C CB  . SER A 1 12 ? 8.088   2.158   -8.118  1.00 10.25 ? 11  SER A CB  1 
ATOM   101 O OG  . SER A 1 12 ? 9.490   2.061   -8.214  1.00 12.07 ? 11  SER A OG  1 
ATOM   102 N N   . ARG A 1 13 ? 6.963   -0.399  -9.690  1.00 9.23  ? 12  ARG A N   1 
ATOM   103 C CA  . ARG A 1 13 ? 7.169   -1.385  -10.752 1.00 9.55  ? 12  ARG A CA  1 
ATOM   104 C C   . ARG A 1 13 ? 6.760   -0.805  -12.088 1.00 9.60  ? 12  ARG A C   1 
ATOM   105 O O   . ARG A 1 13 ? 5.756   -0.092  -12.191 1.00 10.41 ? 12  ARG A O   1 
ATOM   106 C CB  . ARG A 1 13 ? 6.315   -2.628  -10.526 1.00 9.94  ? 12  ARG A CB  1 
ATOM   107 C CG  . ARG A 1 13 ? 6.642   -3.417  -9.283  1.00 10.54 ? 12  ARG A CG  1 
ATOM   108 C CD  . ARG A 1 13 ? 7.944   -4.158  -9.409  1.00 11.29 ? 12  ARG A CD  1 
ATOM   109 N NE  . ARG A 1 13 ? 8.169   -5.027  -8.260  1.00 12.44 ? 12  ARG A NE  1 
ATOM   110 C CZ  . ARG A 1 13 ? 8.946   -4.727  -7.227  1.00 12.55 ? 12  ARG A CZ  1 
ATOM   111 N NH1 . ARG A 1 13 ? 9.594   -3.575  -7.151  1.00 13.11 ? 12  ARG A NH1 1 
ATOM   112 N NH2 . ARG A 1 13 ? 9.078   -5.606  -6.244  1.00 13.83 ? 12  ARG A NH2 1 
ATOM   113 N N   . HIS A 1 14 ? 7.535   -1.147  -13.114 1.00 9.15  ? 13  HIS A N   1 
ATOM   114 C CA  . HIS A 1 14 ? 7.190   -0.881  -14.505 1.00 9.59  ? 13  HIS A CA  1 
ATOM   115 C C   . HIS A 1 14 ? 6.715   -2.188  -15.128 1.00 9.55  ? 13  HIS A C   1 
ATOM   116 O O   . HIS A 1 14 ? 7.465   -3.167  -15.137 1.00 9.79  ? 13  HIS A O   1 
ATOM   117 C CB  . HIS A 1 14 ? 8.421   -0.421  -15.292 1.00 9.82  ? 13  HIS A CB  1 
ATOM   118 C CG  . HIS A 1 14 ? 9.095   0.784   -14.726 1.00 10.80 ? 13  HIS A CG  1 
ATOM   119 N ND1 . HIS A 1 14 ? 8.723   2.069   -15.058 1.00 12.52 ? 13  HIS A ND1 1 
ATOM   120 C CD2 . HIS A 1 14 ? 10.132  0.902   -13.864 1.00 12.69 ? 13  HIS A CD2 1 
ATOM   121 C CE1 . HIS A 1 14 ? 9.502   2.923   -14.422 1.00 13.25 ? 13  HIS A CE1 1 
ATOM   122 N NE2 . HIS A 1 14 ? 10.358  2.243   -13.684 1.00 14.10 ? 13  HIS A NE2 1 
ATOM   123 N N   . PRO A 1 15 ? 5.489   -2.227  -15.668 1.00 10.20 ? 14  PRO A N   1 
ATOM   124 C CA  . PRO A 1 15 ? 5.079   -3.462  -16.340 1.00 10.83 ? 14  PRO A CA  1 
ATOM   125 C C   . PRO A 1 15 ? 5.950   -3.676  -17.572 1.00 11.09 ? 14  PRO A C   1 
ATOM   126 O O   . PRO A 1 15 ? 6.202   -2.736  -18.322 1.00 11.67 ? 14  PRO A O   1 
ATOM   127 C CB  . PRO A 1 15 ? 3.620   -3.195  -16.722 1.00 11.43 ? 14  PRO A CB  1 
ATOM   128 C CG  . PRO A 1 15 ? 3.511   -1.730  -16.782 1.00 12.15 ? 14  PRO A CG  1 
ATOM   129 C CD  . PRO A 1 15 ? 4.448   -1.191  -15.754 1.00 10.97 ? 14  PRO A CD  1 
ATOM   130 N N   . ALA A 1 16 ? 6.444   -4.889  -17.762 1.00 11.40 ? 15  ALA A N   1 
ATOM   131 C CA  . ALA A 1 16 ? 7.404   -5.143  -18.836 1.00 12.36 ? 15  ALA A CA  1 
ATOM   132 C C   . ALA A 1 16 ? 6.827   -4.897  -20.231 1.00 13.17 ? 15  ALA A C   1 
ATOM   133 O O   . ALA A 1 16 ? 7.572   -4.559  -21.145 1.00 13.65 ? 15  ALA A O   1 
ATOM   134 C CB  . ALA A 1 16 ? 7.952   -6.556  -18.733 1.00 12.35 ? 15  ALA A CB  1 
ATOM   135 N N   . GLU A 1 17 ? 5.516   -5.064  -20.385 1.00 14.55 ? 16  GLU A N   1 
ATOM   136 C CA  . GLU A 1 17 ? 4.845   -4.821  -21.665 1.00 15.90 ? 16  GLU A CA  1 
ATOM   137 C C   . GLU A 1 17 ? 4.655   -3.329  -21.967 1.00 16.53 ? 16  GLU A C   1 
ATOM   138 O O   . GLU A 1 17 ? 4.346   -2.960  -23.102 1.00 17.61 ? 16  GLU A O   1 
ATOM   139 C CB  . GLU A 1 17 ? 3.495   -5.558  -21.726 1.00 17.21 ? 16  GLU A CB  1 
ATOM   140 C CG  . GLU A 1 17 ? 2.403   -5.051  -20.779 1.00 19.66 ? 16  GLU A CG  1 
ATOM   141 C CD  . GLU A 1 17 ? 2.480   -5.615  -19.361 1.00 21.94 ? 16  GLU A CD  1 
ATOM   142 O OE1 . GLU A 1 17 ? 1.478   -5.476  -18.626 1.00 24.07 ? 16  GLU A OE1 1 
ATOM   143 O OE2 . GLU A 1 17 ? 3.527   -6.178  -18.971 1.00 23.00 ? 16  GLU A OE2 1 
ATOM   144 N N   . ASN A 1 18 ? 4.837   -2.479  -20.957 1.00 16.64 ? 17  ASN A N   1 
ATOM   145 C CA  . ASN A 1 18 ? 4.697   -1.035  -21.120 1.00 16.53 ? 17  ASN A CA  1 
ATOM   146 C C   . ASN A 1 18 ? 5.641   -0.331  -20.153 1.00 15.92 ? 17  ASN A C   1 
ATOM   147 O O   . ASN A 1 18 ? 5.213   0.271   -19.166 1.00 15.40 ? 17  ASN A O   1 
ATOM   148 C CB  . ASN A 1 18 ? 3.241   -0.621  -20.882 1.00 17.40 ? 17  ASN A CB  1 
ATOM   149 C CG  . ASN A 1 18 ? 2.970   0.832   -21.252 1.00 18.48 ? 17  ASN A CG  1 
ATOM   150 O OD1 . ASN A 1 18 ? 3.799   1.498   -21.869 1.00 22.00 ? 17  ASN A OD1 1 
ATOM   151 N ND2 . ASN A 1 18 ? 1.802   1.329   -20.863 1.00 21.59 ? 17  ASN A ND2 1 
ATOM   152 N N   . GLY A 1 19 ? 6.932   -0.409  -20.454 1.00 15.23 ? 18  GLY A N   1 
ATOM   153 C CA  . GLY A 1 19 ? 7.980   -0.044  -19.511 1.00 15.56 ? 18  GLY A CA  1 
ATOM   154 C C   . GLY A 1 19 ? 8.048   1.416   -19.132 1.00 15.48 ? 18  GLY A C   1 
ATOM   155 O O   . GLY A 1 19 ? 8.655   1.754   -18.118 1.00 15.69 ? 18  GLY A O   1 
ATOM   156 N N   . LYS A 1 20 ? 7.449   2.285   -19.947 1.00 15.30 ? 19  LYS A N   1 
ATOM   157 C CA  . LYS A 1 20 ? 7.385   3.710   -19.635 1.00 15.61 ? 19  LYS A CA  1 
ATOM   158 C C   . LYS A 1 20 ? 6.403   3.997   -18.502 1.00 15.47 ? 19  LYS A C   1 
ATOM   159 O O   . LYS A 1 20 ? 6.532   5.006   -17.807 1.00 16.83 ? 19  LYS A O   1 
ATOM   160 C CB  . LYS A 1 20 ? 7.012   4.519   -20.882 1.00 16.43 ? 19  LYS A CB  1 
ATOM   161 C CG  . LYS A 1 20 ? 8.074   4.485   -21.971 1.00 18.54 ? 19  LYS A CG  1 
ATOM   162 C CD  . LYS A 1 20 ? 9.237   5.390   -21.614 1.00 20.35 ? 19  LYS A CD  1 
ATOM   163 C CE  . LYS A 1 20 ? 10.432  5.176   -22.515 1.00 20.81 ? 19  LYS A CE  1 
ATOM   164 N NZ  . LYS A 1 20 ? 11.661  5.709   -21.874 1.00 21.97 ? 19  LYS A NZ  1 
ATOM   165 N N   . SER A 1 21 ? 5.415   3.125   -18.330 1.00 14.24 ? 20  SER A N   1 
ATOM   166 C CA  . SER A 1 21 ? 4.479   3.250   -17.219 1.00 14.17 ? 20  SER A CA  1 
ATOM   167 C C   . SER A 1 21 ? 5.152   2.836   -15.917 1.00 12.99 ? 20  SER A C   1 
ATOM   168 O O   . SER A 1 21 ? 6.031   1.971   -15.905 1.00 12.82 ? 20  SER A O   1 
ATOM   169 C CB  . SER A 1 21 ? 3.245   2.387   -17.453 1.00 15.04 ? 20  SER A CB  1 
ATOM   170 O OG  . SER A 1 21 ? 2.434   2.928   -18.479 1.00 18.74 ? 20  SER A OG  1 
ATOM   171 N N   . ASN A 1 22 ? 4.723   3.456   -14.825 1.00 12.20 ? 21  ASN A N   1 
ATOM   172 C CA  . ASN A 1 22 ? 5.281   3.206   -13.502 1.00 11.76 ? 21  ASN A CA  1 
ATOM   173 C C   . ASN A 1 22 ? 4.137   3.150   -12.507 1.00 11.06 ? 21  ASN A C   1 
ATOM   174 O O   . ASN A 1 22 ? 3.221   3.969   -12.568 1.00 11.07 ? 21  ASN A O   1 
ATOM   175 C CB  . ASN A 1 22 ? 6.254   4.332   -13.140 1.00 12.11 ? 21  ASN A CB  1 
ATOM   176 C CG  . ASN A 1 22 ? 7.266   3.936   -12.076 1.00 12.74 ? 21  ASN A CG  1 
ATOM   177 O OD1 . ASN A 1 22 ? 7.236   2.828   -11.538 1.00 14.30 ? 21  ASN A OD1 1 
ATOM   178 N ND2 . ASN A 1 22 ? 8.180   4.852   -11.775 1.00 14.29 ? 21  ASN A ND2 1 
ATOM   179 N N   . PHE A 1 23 ? 4.184   2.177   -11.606 1.00 10.35 ? 22  PHE A N   1 
ATOM   180 C CA  . PHE A 1 23 ? 3.124   1.969   -10.636 1.00 10.10 ? 22  PHE A CA  1 
ATOM   181 C C   . PHE A 1 23 ? 3.672   2.024   -9.234  1.00 9.36  ? 22  PHE A C   1 
ATOM   182 O O   . PHE A 1 23 ? 4.701   1.425   -8.939  1.00 9.47  ? 22  PHE A O   1 
ATOM   183 C CB  . PHE A 1 23 ? 2.453   0.629   -10.889 1.00 11.27 ? 22  PHE A CB  1 
ATOM   184 C CG  . PHE A 1 23 ? 1.624   0.621   -12.133 1.00 11.83 ? 22  PHE A CG  1 
ATOM   185 C CD1 . PHE A 1 23 ? 0.245   0.719   -12.062 1.00 12.73 ? 22  PHE A CD1 1 
ATOM   186 C CD2 . PHE A 1 23 ? 2.224   0.584   -13.387 1.00 13.20 ? 22  PHE A CD2 1 
ATOM   187 C CE1 . PHE A 1 23 ? -0.525  0.734   -13.214 1.00 14.06 ? 22  PHE A CE1 1 
ATOM   188 C CE2 . PHE A 1 23 ? 1.457   0.606   -14.539 1.00 13.65 ? 22  PHE A CE2 1 
ATOM   189 C CZ  . PHE A 1 23 ? 0.083   0.679   -14.449 1.00 14.57 ? 22  PHE A CZ  1 
ATOM   190 N N   . LEU A 1 24 ? 2.980   2.778   -8.392  1.00 8.67  ? 23  LEU A N   1 
ATOM   191 C CA  . LEU A 1 24 ? 3.271   2.849   -6.974  1.00 8.87  ? 23  LEU A CA  1 
ATOM   192 C C   . LEU A 1 24 ? 2.430   1.792   -6.284  1.00 8.51  ? 23  LEU A C   1 
ATOM   193 O O   . LEU A 1 24 ? 1.209   1.765   -6.442  1.00 8.73  ? 23  LEU A O   1 
ATOM   194 C CB  . LEU A 1 24 ? 2.921   4.235   -6.440  1.00 9.15  ? 23  LEU A CB  1 
ATOM   195 C CG  . LEU A 1 24 ? 3.154   4.460   -4.947  1.00 9.74  ? 23  LEU A CG  1 
ATOM   196 C CD1 . LEU A 1 24 ? 4.615   4.261   -4.588  1.00 11.58 ? 23  LEU A CD1 1 
ATOM   197 C CD2 . LEU A 1 24 ? 2.676   5.835   -4.538  1.00 10.47 ? 23  LEU A CD2 1 
ATOM   198 N N   . ASN A 1 25 ? 3.101   0.922   -5.530  1.00 8.47  ? 24  ASN A N   1 
ATOM   199 C CA  . ASN A 1 25 ? 2.472   -0.217  -4.864  1.00 8.25  ? 24  ASN A CA  1 
ATOM   200 C C   . ASN A 1 25 ? 2.604   -0.117  -3.361  1.00 8.34  ? 24  ASN A C   1 
ATOM   201 O O   . ASN A 1 25 ? 3.670   0.200   -2.856  1.00 8.69  ? 24  ASN A O   1 
ATOM   202 C CB  . ASN A 1 25 ? 3.155   -1.526  -5.264  1.00 8.53  ? 24  ASN A CB  1 
ATOM   203 C CG  . ASN A 1 25 ? 2.990   -1.854  -6.718  1.00 9.76  ? 24  ASN A CG  1 
ATOM   204 O OD1 . ASN A 1 25 ? 3.655   -1.284  -7.592  1.00 12.79 ? 24  ASN A OD1 1 
ATOM   205 N ND2 . ASN A 1 25 ? 2.113   -2.788  -6.991  1.00 10.86 ? 24  ASN A ND2 1 
ATOM   206 N N   . CYS A 1 26 ? 1.522   -0.448  -2.661  1.00 8.30  ? 25  CYS A N   1 
ATOM   207 C CA  . CYS A 1 26 ? 1.558   -0.697  -1.234  1.00 8.51  ? 25  CYS A CA  1 
ATOM   208 C C   . CYS A 1 26 ? 1.034   -2.107  -1.017  1.00 8.42  ? 25  CYS A C   1 
ATOM   209 O O   . CYS A 1 26 ? -0.127  -2.402  -1.314  1.00 8.95  ? 25  CYS A O   1 
ATOM   210 C CB  . CYS A 1 26 ? 0.703   0.321   -0.493  1.00 8.77  ? 25  CYS A CB  1 
ATOM   211 S SG  . CYS A 1 26 ? 0.824   0.151   1.293   1.00 10.06 ? 25  CYS A SG  1 
ATOM   212 N N   . TYR A 1 27 ? 1.910   -2.976  -0.523  1.00 8.10  ? 26  TYR A N   1 
ATOM   213 C CA  . TYR A 1 27 ? 1.554   -4.355  -0.250  1.00 8.25  ? 26  TYR A CA  1 
ATOM   214 C C   . TYR A 1 27 ? 1.451   -4.524  1.257   1.00 7.78  ? 26  TYR A C   1 
ATOM   215 O O   . TYR A 1 27 ? 2.432   -4.359  1.985   1.00 7.99  ? 26  TYR A O   1 
ATOM   216 C CB  . TYR A 1 27 ? 2.595   -5.302  -0.844  1.00 9.34  ? 26  TYR A CB  1 
ATOM   217 C CG  . TYR A 1 27 ? 2.325   -6.763  -0.572  1.00 9.62  ? 26  TYR A CG  1 
ATOM   218 C CD1 . TYR A 1 27 ? 1.100   -7.342  -0.867  1.00 10.87 ? 26  TYR A CD1 1 
ATOM   219 C CD2 . TYR A 1 27 ? 3.317   -7.576  -0.030  1.00 10.92 ? 26  TYR A CD2 1 
ATOM   220 C CE1 . TYR A 1 27 ? 0.870   -8.693  -0.623  1.00 11.42 ? 26  TYR A CE1 1 
ATOM   221 C CE2 . TYR A 1 27 ? 3.097   -8.917  0.213   1.00 11.79 ? 26  TYR A CE2 1 
ATOM   222 C CZ  . TYR A 1 27 ? 1.878   -9.466  -0.079  1.00 11.78 ? 26  TYR A CZ  1 
ATOM   223 O OH  . TYR A 1 27 ? 1.673   -10.803 0.164   1.00 13.66 ? 26  TYR A OH  1 
ATOM   224 N N   . VAL A 1 28 ? 0.243   -4.846  1.716   1.00 7.51  ? 27  VAL A N   1 
ATOM   225 C CA  . VAL A 1 28 ? -0.104  -4.893  3.126   1.00 7.60  ? 27  VAL A CA  1 
ATOM   226 C C   . VAL A 1 28 ? -0.454  -6.348  3.428   1.00 7.71  ? 27  VAL A C   1 
ATOM   227 O O   . VAL A 1 28 ? -1.408  -6.881  2.867   1.00 8.08  ? 27  VAL A O   1 
ATOM   228 C CB  . VAL A 1 28 ? -1.289  -3.950  3.398   1.00 7.51  ? 27  VAL A CB  1 
ATOM   229 C CG1 . VAL A 1 28 ? -1.613  -3.907  4.872   1.00 8.41  ? 27  VAL A CG1 1 
ATOM   230 C CG2 . VAL A 1 28 ? -0.976  -2.548  2.887   1.00 8.85  ? 27  VAL A CG2 1 
ATOM   231 N N   . SER A 1 29 ? 0.347   -7.003  4.267   1.00 7.94  ? 28  SER A N   1 
ATOM   232 C CA  . SER A 1 29 ? 0.325   -8.454  4.306   1.00 8.16  ? 28  SER A CA  1 
ATOM   233 C C   . SER A 1 29 ? 0.199   -9.044  5.697   1.00 8.21  ? 28  SER A C   1 
ATOM   234 O O   . SER A 1 29 ? 0.701   -8.503  6.687   1.00 8.54  ? 28  SER A O   1 
ATOM   235 C CB  . SER A 1 29 ? 1.566   -9.021  3.614   1.00 8.69  ? 28  SER A CB  1 
ATOM   236 O OG  . SER A 1 29 ? 2.751   -8.607  4.255   1.00 9.88  ? 28  SER A OG  1 
ATOM   237 N N   . GLY A 1 30 ? -0.470  -10.189 5.740   1.00 8.16  ? 29  GLY A N   1 
ATOM   238 C CA  . GLY A 1 30 ? -0.537  -11.020 6.928   1.00 8.87  ? 29  GLY A CA  1 
ATOM   239 C C   . GLY A 1 30 ? -1.387  -10.467 8.049   1.00 9.09  ? 29  GLY A C   1 
ATOM   240 O O   . GLY A 1 30 ? -1.130  -10.778 9.202   1.00 11.08 ? 29  GLY A O   1 
ATOM   241 N N   . PHE A 1 31 ? -2.418  -9.691  7.736   1.00 8.33  ? 30  PHE A N   1 
ATOM   242 C CA  . PHE A 1 31 ? -3.164  -8.991  8.777   1.00 8.11  ? 30  PHE A CA  1 
ATOM   243 C C   . PHE A 1 31 ? -4.472  -9.677  9.138   1.00 7.89  ? 30  PHE A C   1 
ATOM   244 O O   . PHE A 1 31 ? -5.067  -10.412 8.347   1.00 7.63  ? 30  PHE A O   1 
ATOM   245 C CB  . PHE A 1 31 ? -3.377  -7.508  8.435   1.00 8.31  ? 30  PHE A CB  1 
ATOM   246 C CG  . PHE A 1 31 ? -4.146  -7.242  7.157   1.00 7.84  ? 30  PHE A CG  1 
ATOM   247 C CD1 . PHE A 1 31 ? -3.498  -7.166  5.927   1.00 7.66  ? 30  PHE A CD1 1 
ATOM   248 C CD2 . PHE A 1 31 ? -5.508  -6.990  7.195   1.00 8.11  ? 30  PHE A CD2 1 
ATOM   249 C CE1 . PHE A 1 31 ? -4.200  -6.890  4.767   1.00 8.01  ? 30  PHE A CE1 1 
ATOM   250 C CE2 . PHE A 1 31 ? -6.210  -6.705  6.038   1.00 8.25  ? 30  PHE A CE2 1 
ATOM   251 C CZ  . PHE A 1 31 ? -5.552  -6.653  4.827   1.00 8.07  ? 30  PHE A CZ  1 
ATOM   252 N N   . HIS A 1 32 ? -4.889  -9.441  10.372  1.00 7.39  ? 31  HIS A N   1 
ATOM   253 C CA  . HIS A 1 32 ? -6.174  -9.884  10.866  1.00 7.61  ? 31  HIS A CA  1 
ATOM   254 C C   . HIS A 1 32 ? -6.541  -9.003  12.048  1.00 7.57  ? 31  HIS A C   1 
ATOM   255 O O   . HIS A 1 32 ? -5.681  -8.688  12.853  1.00 7.28  ? 31  HIS A O   1 
ATOM   256 C CB  . HIS A 1 32 ? -6.143  -11.348 11.300  1.00 8.14  ? 31  HIS A CB  1 
ATOM   257 C CG  . HIS A 1 32 ? -7.505  -11.958 11.346  1.00 8.57  ? 31  HIS A CG  1 
ATOM   258 N ND1 . HIS A 1 32 ? -8.178  -12.221 12.517  1.00 9.80  ? 31  HIS A ND1 1 
ATOM   259 C CD2 . HIS A 1 32 ? -8.356  -12.286 10.346  1.00 10.01 ? 31  HIS A CD2 1 
ATOM   260 C CE1 . HIS A 1 32 ? -9.369  -12.725 12.233  1.00 10.82 ? 31  HIS A CE1 1 
ATOM   261 N NE2 . HIS A 1 32 ? -9.508  -12.763 10.922  1.00 11.01 ? 31  HIS A NE2 1 
ATOM   262 N N   . PRO A 1 33 ? -7.817  -8.594  12.168  1.00 8.15  ? 32  PRO A N   1 
ATOM   263 C CA  . PRO A 1 33 ? -8.939  -8.831  11.264  1.00 8.29  ? 32  PRO A CA  1 
ATOM   264 C C   . PRO A 1 33 ? -8.728  -8.131  9.928   1.00 7.54  ? 32  PRO A C   1 
ATOM   265 O O   . PRO A 1 33 ? -7.793  -7.341  9.748   1.00 7.43  ? 32  PRO A O   1 
ATOM   266 C CB  . PRO A 1 33 ? -10.130 -8.223  12.014  1.00 9.26  ? 32  PRO A CB  1 
ATOM   267 C CG  . PRO A 1 33 ? -9.541  -7.201  12.877  1.00 9.92  ? 32  PRO A CG  1 
ATOM   268 C CD  . PRO A 1 33 ? -8.223  -7.766  13.320  1.00 8.82  ? 32  PRO A CD  1 
ATOM   269 N N   . SER A 1 34 ? -9.617  -8.417  8.994   1.00 7.72  ? 33  SER A N   1 
ATOM   270 C CA  . SER A 1 34 ? -9.515  -7.864  7.656   1.00 7.80  ? 33  SER A CA  1 
ATOM   271 C C   . SER A 1 34 ? -9.882  -6.382  7.578   1.00 7.49  ? 33  SER A C   1 
ATOM   272 O O   . SER A 1 34 ? -9.502  -5.713  6.615   1.00 8.04  ? 33  SER A O   1 
ATOM   273 C CB  . SER A 1 34 ? -10.402 -8.660  6.708   1.00 8.23  ? 33  SER A CB  1 
ATOM   274 O OG  . SER A 1 34 ? -11.744 -8.606  7.149   1.00 8.77  ? 33  SER A OG  1 
ATOM   275 N N   . ASP A 1 35 ? -10.610 -5.858  8.561   1.00 7.09  ? 34  ASP A N   1 
ATOM   276 C CA  . ASP A 1 35 ? -10.948 -4.432  8.567   1.00 7.08  ? 34  ASP A CA  1 
ATOM   277 C C   . ASP A 1 35 ? -9.669  -3.621  8.450   1.00 6.81  ? 34  ASP A C   1 
ATOM   278 O O   . ASP A 1 35 ? -8.727  -3.849  9.209   1.00 7.18  ? 34  ASP A O   1 
ATOM   279 C CB  . ASP A 1 35 ? -11.625 -4.035  9.870   1.00 7.81  ? 34  ASP A CB  1 
ATOM   280 C CG  . ASP A 1 35 ? -12.870 -4.812  10.144  1.00 9.30  ? 34  ASP A CG  1 
ATOM   281 O OD1 . ASP A 1 35 ? -12.775 -6.058  10.245  1.00 11.43 ? 34  ASP A OD1 1 
ATOM   282 O OD2 . ASP A 1 35 ? -13.928 -4.170  10.274  1.00 12.32 ? 34  ASP A OD2 1 
ATOM   283 N N   . ILE A 1 36 ? -9.620  -2.668  7.530   1.00 6.66  ? 35  ILE A N   1 
ATOM   284 C CA  . ILE A 1 36 ? -8.402  -1.898  7.326   1.00 7.01  ? 35  ILE A CA  1 
ATOM   285 C C   . ILE A 1 36 ? -8.709  -0.673  6.480   1.00 7.11  ? 35  ILE A C   1 
ATOM   286 O O   . ILE A 1 36 ? -9.699  -0.641  5.742   1.00 7.59  ? 35  ILE A O   1 
ATOM   287 C CB  . ILE A 1 36 ? -7.306  -2.781  6.654   1.00 7.18  ? 35  ILE A CB  1 
ATOM   288 C CG1 . ILE A 1 36 ? -5.897  -2.238  6.916   1.00 7.23  ? 35  ILE A CG1 1 
ATOM   289 C CG2 . ILE A 1 36 ? -7.563  -2.959  5.150   1.00 8.24  ? 35  ILE A CG2 1 
ATOM   290 C CD1 . ILE A 1 36 ? -4.806  -3.247  6.621   1.00 7.95  ? 35  ILE A CD1 1 
ATOM   291 N N   . GLU A 1 37 ? -7.851  0.330   6.607   1.00 7.51  ? 36  GLU A N   1 
ATOM   292 C CA  . GLU A 1 37 ? -7.889  1.514   5.765   1.00 7.97  ? 36  GLU A CA  1 
ATOM   293 C C   . GLU A 1 37 ? -6.486  1.717   5.225   1.00 7.64  ? 36  GLU A C   1 
ATOM   294 O O   . GLU A 1 37 ? -5.524  1.705   5.986   1.00 8.28  ? 36  GLU A O   1 
ATOM   295 C CB  . GLU A 1 37 ? -8.314  2.728   6.581   1.00 8.38  ? 36  GLU A CB  1 
ATOM   296 C CG  . GLU A 1 37 ? -8.428  4.002   5.764   1.00 9.97  ? 36  GLU A CG  1 
ATOM   297 C CD  . GLU A 1 37 ? -8.915  5.183   6.572   1.00 12.46 ? 36  GLU A CD  1 
ATOM   298 O OE1 . GLU A 1 37 ? -8.756  5.176   7.812   1.00 16.38 ? 36  GLU A OE1 1 
ATOM   299 O OE2 . GLU A 1 37 ? -9.451  6.126   5.960   1.00 15.97 ? 36  GLU A OE2 1 
ATOM   300 N N   . VAL A 1 38 ? -6.370  1.888   3.912   1.00 7.79  ? 37  VAL A N   1 
ATOM   301 C CA  . VAL A 1 38 ? -5.074  2.002   3.251   1.00 8.04  ? 37  VAL A CA  1 
ATOM   302 C C   . VAL A 1 38 ? -5.153  3.108   2.215   1.00 8.16  ? 37  VAL A C   1 
ATOM   303 O O   . VAL A 1 38 ? -6.054  3.104   1.376   1.00 8.81  ? 37  VAL A O   1 
ATOM   304 C CB  . VAL A 1 38 ? -4.651  0.672   2.569   1.00 8.23  ? 37  VAL A CB  1 
ATOM   305 C CG1 . VAL A 1 38 ? -3.292  0.826   1.896   1.00 9.23  ? 37  VAL A CG1 1 
ATOM   306 C CG2 . VAL A 1 38 ? -4.638  -0.475  3.583   1.00 8.38  ? 37  VAL A CG2 1 
ATOM   307 N N   . ASP A 1 39 ? -4.209  4.046   2.273   1.00 8.56  ? 38  ASP A N   1 
ATOM   308 C CA  . ASP A 1 39 ? -4.100  5.093   1.265   1.00 9.04  ? 38  ASP A CA  1 
ATOM   309 C C   . ASP A 1 39 ? -2.684  5.220   0.763   1.00 9.06  ? 38  ASP A C   1 
ATOM   310 O O   . ASP A 1 39 ? -1.727  4.968   1.493   1.00 9.58  ? 38  ASP A O   1 
ATOM   311 C CB  . ASP A 1 39 ? -4.526  6.441   1.836   1.00 9.98  ? 38  ASP A CB  1 
ATOM   312 C CG  . ASP A 1 39 ? -6.008  6.552   1.977   1.00 11.80 ? 38  ASP A CG  1 
ATOM   313 O OD1 . ASP A 1 39 ? -6.697  6.544   0.941   1.00 12.84 ? 38  ASP A OD1 1 
ATOM   314 O OD2 . ASP A 1 39 ? -6.484  6.649   3.119   1.00 14.69 ? 38  ASP A OD2 1 
ATOM   315 N N   . LEU A 1 40 ? -2.561  5.617   -0.494  1.00 9.02  ? 39  LEU A N   1 
ATOM   316 C CA  . LEU A 1 40 ? -1.309  6.125   -1.012  1.00 9.58  ? 39  LEU A CA  1 
ATOM   317 C C   . LEU A 1 40 ? -1.331  7.627   -0.832  1.00 10.21 ? 39  LEU A C   1 
ATOM   318 O O   . LEU A 1 40 ? -2.378  8.255   -0.983  1.00 10.62 ? 39  LEU A O   1 
ATOM   319 C CB  . LEU A 1 40 ? -1.155  5.783   -2.492  1.00 9.48  ? 39  LEU A CB  1 
ATOM   320 C CG  . LEU A 1 40 ? -1.127  4.289   -2.805  1.00 10.65 ? 39  LEU A CG  1 
ATOM   321 C CD1 . LEU A 1 40 ? -1.038  4.069   -4.304  1.00 11.57 ? 39  LEU A CD1 1 
ATOM   322 C CD2 . LEU A 1 40 ? 0.019   3.610   -2.102  1.00 12.67 ? 39  LEU A CD2 1 
ATOM   323 N N   . LEU A 1 41 ? -0.174  8.185   -0.494  1.00 10.23 ? 40  LEU A N   1 
ATOM   324 C CA  . LEU A 1 41 ? -0.021  9.620   -0.286  1.00 11.28 ? 40  LEU A CA  1 
ATOM   325 C C   . LEU A 1 41 ? 1.001   10.184  -1.247  1.00 11.85 ? 40  LEU A C   1 
ATOM   326 O O   . LEU A 1 41 ? 2.022   9.550   -1.517  1.00 11.75 ? 40  LEU A O   1 
ATOM   327 C CB  . LEU A 1 41 ? 0.468   9.922   1.132   1.00 11.49 ? 40  LEU A CB  1 
ATOM   328 C CG  . LEU A 1 41 ? -0.272  9.285   2.305   1.00 11.60 ? 40  LEU A CG  1 
ATOM   329 C CD1 . LEU A 1 41 ? 0.334   9.768   3.610   1.00 12.59 ? 40  LEU A CD1 1 
ATOM   330 C CD2 . LEU A 1 41 ? -1.759  9.578   2.265   1.00 13.50 ? 40  LEU A CD2 1 
ATOM   331 N N   . LYS A 1 42 ? 0.713   11.383  -1.752  1.00 13.27 ? 41  LYS A N   1 
ATOM   332 C CA  . LYS A 1 42 ? 1.674   12.184  -2.501  1.00 14.14 ? 41  LYS A CA  1 
ATOM   333 C C   . LYS A 1 42 ? 1.820   13.494  -1.754  1.00 14.84 ? 41  LYS A C   1 
ATOM   334 O O   . LYS A 1 42 ? 0.846   14.234  -1.604  1.00 14.77 ? 41  LYS A O   1 
ATOM   335 C CB  . LYS A 1 42 ? 1.181   12.459  -3.918  1.00 14.59 ? 41  LYS A CB  1 
ATOM   336 C CG  . LYS A 1 42 ? 2.124   13.351  -4.730  1.00 14.94 ? 41  LYS A CG  1 
ATOM   337 C CD  . LYS A 1 42 ? 1.594   13.633  -6.124  1.00 15.72 ? 41  LYS A CD  1 
ATOM   338 C CE  . LYS A 1 42 ? 2.517   14.576  -6.887  1.00 16.92 ? 41  LYS A CE  1 
ATOM   339 N NZ  . LYS A 1 42 ? 1.948   15.016  -8.194  1.00 18.65 ? 41  LYS A NZ  1 
ATOM   340 N N   . ASN A 1 43 ? 3.030   13.758  -1.270  1.00 15.67 ? 42  ASN A N   1 
ATOM   341 C CA  . ASN A 1 43 ? 3.308   14.952  -0.473  1.00 16.51 ? 42  ASN A CA  1 
ATOM   342 C C   . ASN A 1 43 ? 2.290   15.118  0.656   1.00 17.16 ? 42  ASN A C   1 
ATOM   343 O O   . ASN A 1 43 ? 1.789   16.217  0.913   1.00 18.01 ? 42  ASN A O   1 
ATOM   344 C CB  . ASN A 1 43 ? 3.377   16.191  -1.372  1.00 17.11 ? 42  ASN A CB  1 
ATOM   345 C CG  . ASN A 1 43 ? 4.455   16.072  -2.430  1.00 17.71 ? 42  ASN A CG  1 
ATOM   346 O OD1 . ASN A 1 43 ? 5.557   15.600  -2.152  1.00 18.61 ? 42  ASN A OD1 1 
ATOM   347 N ND2 . ASN A 1 43 ? 4.138   16.485  -3.653  1.00 19.16 ? 42  ASN A ND2 1 
ATOM   348 N N   . GLY A 1 44 ? 1.986   14.001  1.320   1.00 17.37 ? 43  GLY A N   1 
ATOM   349 C CA  . GLY A 1 44 ? 1.092   13.990  2.475   1.00 17.43 ? 43  GLY A CA  1 
ATOM   350 C C   . GLY A 1 44 ? -0.396  14.005  2.172   1.00 17.80 ? 43  GLY A C   1 
ATOM   351 O O   . GLY A 1 44 ? -1.210  13.915  3.090   1.00 18.79 ? 43  GLY A O   1 
ATOM   352 N N   . GLU A 1 45 ? -0.754  14.117  0.898   1.00 17.59 ? 44  GLU A N   1 
ATOM   353 C CA  . GLU A 1 45 ? -2.148  14.188  0.480   1.00 17.76 ? 44  GLU A CA  1 
ATOM   354 C C   . GLU A 1 45 ? -2.571  12.828  -0.035  1.00 17.24 ? 44  GLU A C   1 
ATOM   355 O O   . GLU A 1 45 ? -1.849  12.196  -0.806  1.00 16.54 ? 44  GLU A O   1 
ATOM   356 C CB  . GLU A 1 45 ? -2.320  15.223  -0.633  1.00 18.38 ? 44  GLU A CB  1 
ATOM   357 C CG  . GLU A 1 45 ? -1.935  16.649  -0.245  1.00 19.76 ? 44  GLU A CG  1 
ATOM   358 C CD  . GLU A 1 45 ? -3.039  17.403  0.464   1.00 21.63 ? 44  GLU A CD  1 
ATOM   359 O OE1 . GLU A 1 45 ? -4.225  17.213  0.117   1.00 24.46 ? 44  GLU A OE1 1 
ATOM   360 O OE2 . GLU A 1 45 ? -2.721  18.215  1.360   1.00 21.74 ? 44  GLU A OE2 1 
ATOM   361 N N   . ARG A 1 46 ? -3.745  12.382  0.386   1.00 17.40 ? 45  ARG A N   1 
ATOM   362 C CA  . ARG A 1 46 ? -4.306  11.128  -0.087  1.00 17.54 ? 45  ARG A CA  1 
ATOM   363 C C   . ARG A 1 46 ? -4.500  11.179  -1.599  1.00 16.85 ? 45  ARG A C   1 
ATOM   364 O O   . ARG A 1 46 ? -5.061  12.142  -2.125  1.00 17.21 ? 45  ARG A O   1 
ATOM   365 C CB  . ARG A 1 46 ? -5.640  10.875  0.615   1.00 18.17 ? 45  ARG A CB  1 
ATOM   366 C CG  . ARG A 1 46 ? -6.421  9.691   0.119   1.00 18.79 ? 45  ARG A CG  1 
ATOM   367 C CD  . ARG A 1 46 ? -7.653  9.487   0.978   1.00 20.05 ? 45  ARG A CD  1 
ATOM   368 N NE  . ARG A 1 46 ? -8.566  8.510   0.394   1.00 21.50 ? 45  ARG A NE  1 
ATOM   369 C CZ  . ARG A 1 46 ? -9.433  8.770   -0.584  1.00 23.12 ? 45  ARG A CZ  1 
ATOM   370 N NH1 . ARG A 1 46 ? -9.538  9.990   -1.102  1.00 24.10 ? 45  ARG A NH1 1 
ATOM   371 N NH2 . ARG A 1 46 ? -10.213 7.800   -1.043  1.00 23.69 ? 45  ARG A NH2 1 
ATOM   372 N N   . ILE A 1 47 ? -4.005  10.153  -2.288  1.00 16.07 ? 46  ILE A N   1 
ATOM   373 C CA  . ILE A 1 47 ? -4.246  9.988   -3.713  1.00 16.28 ? 46  ILE A CA  1 
ATOM   374 C C   . ILE A 1 47 ? -5.643  9.384   -3.858  1.00 16.56 ? 46  ILE A C   1 
ATOM   375 O O   . ILE A 1 47 ? -5.894  8.266   -3.407  1.00 15.96 ? 46  ILE A O   1 
ATOM   376 C CB  . ILE A 1 47 ? -3.167  9.087   -4.363  1.00 15.45 ? 46  ILE A CB  1 
ATOM   377 C CG1 . ILE A 1 47 ? -1.790  9.749   -4.242  1.00 15.22 ? 46  ILE A CG1 1 
ATOM   378 C CG2 . ILE A 1 47 ? -3.498  8.820   -5.821  1.00 15.79 ? 46  ILE A CG2 1 
ATOM   379 C CD1 . ILE A 1 47 ? -0.633  8.878   -4.700  1.00 15.55 ? 46  ILE A CD1 1 
ATOM   380 N N   . GLU A 1 48 ? -6.558  10.138  -4.464  1.00 17.58 ? 47  GLU A N   1 
ATOM   381 C CA  . GLU A 1 48 ? -7.972  9.756   -4.511  1.00 18.56 ? 47  GLU A CA  1 
ATOM   382 C C   . GLU A 1 48 ? -8.240  8.631   -5.500  1.00 18.78 ? 47  GLU A C   1 
ATOM   383 O O   . GLU A 1 48 ? -9.073  7.760   -5.246  1.00 19.88 ? 47  GLU A O   1 
ATOM   384 C CB  . GLU A 1 48 ? -8.848  10.960  -4.873  1.00 19.00 ? 47  GLU A CB  1 
ATOM   385 C CG  . GLU A 1 48 ? -8.781  12.111  -3.882  1.00 20.38 ? 47  GLU A CG  1 
ATOM   386 C CD  . GLU A 1 48 ? -9.643  13.291  -4.299  1.00 21.00 ? 47  GLU A CD  1 
ATOM   387 O OE1 . GLU A 1 48 ? -9.475  13.782  -5.438  1.00 24.32 ? 47  GLU A OE1 1 
ATOM   388 O OE2 . GLU A 1 48 ? -10.480 13.735  -3.483  1.00 24.49 ? 47  GLU A OE2 1 
ATOM   389 N N   . LYS A 1 49 ? -7.544  8.662   -6.632  1.00 18.43 ? 48  LYS A N   1 
ATOM   390 C CA  . LYS A 1 49 ? -7.702  7.653   -7.663  1.00 18.14 ? 48  LYS A CA  1 
ATOM   391 C C   . LYS A 1 49 ? -6.612  6.606   -7.487  1.00 17.20 ? 48  LYS A C   1 
ATOM   392 O O   . LYS A 1 49 ? -5.449  6.847   -7.818  1.00 17.61 ? 48  LYS A O   1 
ATOM   393 C CB  . LYS A 1 49 ? -7.613  8.290   -9.054  1.00 18.78 ? 48  LYS A CB  1 
ATOM   394 C CG  . LYS A 1 49 ? -7.671  7.300   -10.215 1.00 19.39 ? 48  LYS A CG  1 
ATOM   395 C CD  . LYS A 1 49 ? -7.465  8.003   -11.547 1.00 20.17 ? 48  LYS A CD  1 
ATOM   396 C CE  . LYS A 1 49 ? -6.993  7.038   -12.619 1.00 21.60 ? 48  LYS A CE  1 
ATOM   397 N NZ  . LYS A 1 49 ? -7.899  5.871   -12.765 1.00 23.72 ? 48  LYS A NZ  1 
ATOM   398 N N   . VAL A 1 50 ? -6.988  5.456   -6.938  1.00 16.03 ? 49  VAL A N   1 
ATOM   399 C CA  . VAL A 1 50 ? -6.097  4.307   -6.915  1.00 15.18 ? 49  VAL A CA  1 
ATOM   400 C C   . VAL A 1 50 ? -6.781  3.195   -7.699  1.00 15.11 ? 49  VAL A C   1 
ATOM   401 O O   . VAL A 1 50 ? -7.837  2.694   -7.304  1.00 15.52 ? 49  VAL A O   1 
ATOM   402 C CB  . VAL A 1 50 ? -5.717  3.886   -5.483  1.00 14.09 ? 49  VAL A CB  1 
ATOM   403 C CG1 . VAL A 1 50 ? -4.849  2.629   -5.505  1.00 13.44 ? 49  VAL A CG1 1 
ATOM   404 C CG2 . VAL A 1 50 ? -4.980  5.023   -4.790  1.00 13.67 ? 49  VAL A CG2 1 
ATOM   405 N N   . GLU A 1 51 ? -6.162  2.842   -8.822  1.00 14.86 ? 50  GLU A N   1 
ATOM   406 C CA  . GLU A 1 51 ? -6.747  1.982   -9.846  1.00 15.67 ? 50  GLU A CA  1 
ATOM   407 C C   . GLU A 1 51 ? -6.988  0.546   -9.392  1.00 15.22 ? 50  GLU A C   1 
ATOM   408 O O   . GLU A 1 51 ? -7.933  -0.090  -9.846  1.00 16.14 ? 50  GLU A O   1 
ATOM   409 C CB  . GLU A 1 51 ? -5.834  1.985   -11.089 1.00 16.29 ? 50  GLU A CB  1 
ATOM   410 C CG  . GLU A 1 51 ? -5.764  3.348   -11.797 1.00 17.50 ? 50  GLU A CG  1 
ATOM   411 C CD  . GLU A 1 51 ? -4.532  3.566   -12.690 1.00 18.13 ? 50  GLU A CD  1 
ATOM   412 O OE1 . GLU A 1 51 ? -3.529  2.806   -12.631 1.00 18.64 ? 50  GLU A OE1 1 
ATOM   413 O OE2 . GLU A 1 51 ? -4.576  4.547   -13.465 1.00 21.81 ? 50  GLU A OE2 1 
ATOM   414 N N   . HIS A 1 52 ? -6.138  0.037   -8.503  1.00 14.29 ? 51  HIS A N   1 
ATOM   415 C CA  . HIS A 1 52 ? -6.170  -1.381  -8.141  1.00 14.07 ? 51  HIS A CA  1 
ATOM   416 C C   . HIS A 1 52 ? -6.110  -1.608  -6.643  1.00 13.04 ? 51  HIS A C   1 
ATOM   417 O O   . HIS A 1 52 ? -5.252  -1.063  -5.953  1.00 11.83 ? 51  HIS A O   1 
ATOM   418 C CB  . HIS A 1 52 ? -5.010  -2.104  -8.802  1.00 14.97 ? 51  HIS A CB  1 
ATOM   419 C CG  . HIS A 1 52 ? -5.051  -2.041  -10.292 1.00 16.76 ? 51  HIS A CG  1 
ATOM   420 N ND1 . HIS A 1 52 ? -5.825  -2.895  -11.049 1.00 18.85 ? 51  HIS A ND1 1 
ATOM   421 C CD2 . HIS A 1 52 ? -4.428  -1.218  -11.168 1.00 17.36 ? 51  HIS A CD2 1 
ATOM   422 C CE1 . HIS A 1 52 ? -5.674  -2.602  -12.328 1.00 20.18 ? 51  HIS A CE1 1 
ATOM   423 N NE2 . HIS A 1 52 ? -4.829  -1.591  -12.428 1.00 19.56 ? 51  HIS A NE2 1 
ATOM   424 N N   . SER A 1 53 ? -7.033  -2.432  -6.157  1.00 12.66 ? 52  SER A N   1 
ATOM   425 C CA  . SER A 1 53 ? -7.101  -2.800  -4.748  1.00 12.90 ? 52  SER A CA  1 
ATOM   426 C C   . SER A 1 53 ? -7.513  -4.267  -4.660  1.00 12.68 ? 52  SER A C   1 
ATOM   427 O O   . SER A 1 53 ? -8.693  -4.593  -4.732  1.00 14.24 ? 52  SER A O   1 
ATOM   428 C CB  . SER A 1 53 ? -8.096  -1.892  -4.024  1.00 13.18 ? 52  SER A CB  1 
ATOM   429 O OG  . SER A 1 53 ? -8.062  -2.101  -2.629  1.00 14.02 ? 52  SER A OG  1 
ATOM   430 N N   . ASP A 1 54 ? -6.522  -5.145  -4.531  1.00 11.78 ? 53  ASP A N   1 
ATOM   431 C CA  . ASP A 1 54 ? -6.724  -6.591  -4.615  1.00 11.86 ? 53  ASP A CA  1 
ATOM   432 C C   . ASP A 1 54 ? -6.549  -7.247  -3.252  1.00 10.69 ? 53  ASP A C   1 
ATOM   433 O O   . ASP A 1 54 ? -5.436  -7.286  -2.718  1.00 10.41 ? 53  ASP A O   1 
ATOM   434 C CB  . ASP A 1 54 ? -5.724  -7.197  -5.604  1.00 12.92 ? 53  ASP A CB  1 
ATOM   435 C CG  . ASP A 1 54 ? -5.836  -6.593  -6.993  1.00 15.17 ? 53  ASP A CG  1 
ATOM   436 O OD1 . ASP A 1 54 ? -6.948  -6.180  -7.375  1.00 17.52 ? 53  ASP A OD1 1 
ATOM   437 O OD2 . ASP A 1 54 ? -4.806  -6.538  -7.697  1.00 18.61 ? 53  ASP A OD2 1 
ATOM   438 N N   . LEU A 1 55 ? -7.646  -7.780  -2.717  1.00 10.02 ? 54  LEU A N   1 
ATOM   439 C CA  . LEU A 1 55 ? -7.649  -8.425  -1.413  1.00 9.49  ? 54  LEU A CA  1 
ATOM   440 C C   . LEU A 1 55 ? -7.716  -9.932  -1.569  1.00 8.70  ? 54  LEU A C   1 
ATOM   441 O O   . LEU A 1 55 ? -8.480  -10.450 -2.389  1.00 9.30  ? 54  LEU A O   1 
ATOM   442 C CB  . LEU A 1 55 ? -8.855  -7.945  -0.598  1.00 9.54  ? 54  LEU A CB  1 
ATOM   443 C CG  . LEU A 1 55 ? -8.893  -8.381  0.869   1.00 9.70  ? 54  LEU A CG  1 
ATOM   444 C CD1 . LEU A 1 55 ? -7.836  -7.639  1.672   1.00 10.50 ? 54  LEU A CD1 1 
ATOM   445 C CD2 . LEU A 1 55 ? -10.283 -8.170  1.465   1.00 10.56 ? 54  LEU A CD2 1 
ATOM   446 N N   . SER A 1 56 ? -6.943  -10.632 -0.750  1.00 8.54  ? 55  SER A N   1 
ATOM   447 C CA  . SER A 1 56 ? -6.965  -12.083 -0.724  1.00 8.53  ? 55  SER A CA  1 
ATOM   448 C C   . SER A 1 56 ? -6.697  -12.568 0.696   1.00 7.94  ? 55  SER A C   1 
ATOM   449 O O   . SER A 1 56 ? -6.345  -11.791 1.581   1.00 8.32  ? 55  SER A O   1 
ATOM   450 C CB  . SER A 1 56 ? -5.929  -12.650 -1.701  1.00 8.85  ? 55  SER A CB  1 
ATOM   451 O OG  . SER A 1 56 ? -4.622  -12.257 -1.341  1.00 10.19 ? 55  SER A OG  1 
ATOM   452 N N   . PHE A 1 57 ? -6.885  -13.863 0.913   1.00 8.23  ? 56  PHE A N   1 
ATOM   453 C CA  . PHE A 1 57 ? -6.515  -14.473 2.178   1.00 8.76  ? 56  PHE A CA  1 
ATOM   454 C C   . PHE A 1 57 ? -5.863  -15.819 1.907   1.00 8.90  ? 56  PHE A C   1 
ATOM   455 O O   . PHE A 1 57 ? -6.051  -16.420 0.849   1.00 9.69  ? 56  PHE A O   1 
ATOM   456 C CB  . PHE A 1 57 ? -7.721  -14.591 3.137   1.00 9.24  ? 56  PHE A CB  1 
ATOM   457 C CG  . PHE A 1 57 ? -8.856  -15.439 2.622   1.00 9.19  ? 56  PHE A CG  1 
ATOM   458 C CD1 . PHE A 1 57 ? -9.902  -14.869 1.915   1.00 9.31  ? 56  PHE A CD1 1 
ATOM   459 C CD2 . PHE A 1 57 ? -8.893  -16.807 2.871   1.00 9.71  ? 56  PHE A CD2 1 
ATOM   460 C CE1 . PHE A 1 57 ? -10.954 -15.640 1.452   1.00 9.70  ? 56  PHE A CE1 1 
ATOM   461 C CE2 . PHE A 1 57 ? -9.945  -17.585 2.416   1.00 10.22 ? 56  PHE A CE2 1 
ATOM   462 C CZ  . PHE A 1 57 ? -10.968 -16.998 1.697   1.00 10.11 ? 56  PHE A CZ  1 
ATOM   463 N N   . SER A 1 58 ? -5.059  -16.282 2.848   1.00 9.97  ? 57  SER A N   1 
ATOM   464 C CA  . SER A 1 58 ? -4.454  -17.599 2.710   1.00 10.99 ? 57  SER A CA  1 
ATOM   465 C C   . SER A 1 58 ? -5.193  -18.513 3.670   1.00 11.77 ? 57  SER A C   1 
ATOM   466 O O   . SER A 1 58 ? -6.244  -19.061 3.323   1.00 12.50 ? 57  SER A O   1 
ATOM   467 C CB  . SER A 1 58 ? -2.946  -17.532 2.952   1.00 11.59 ? 57  SER A CB  1 
ATOM   468 O OG  . SER A 1 58 ? -2.662  -16.993 4.217   1.00 12.29 ? 57  SER A OG  1 
ATOM   469 N N   . LYS A 1 59 ? -4.685  -18.637 4.888   1.00 12.41 ? 58  LYS A N   1 
ATOM   470 C CA  . LYS A 1 59 ? -5.493  -19.137 5.994   1.00 12.83 ? 58  LYS A CA  1 
ATOM   471 C C   . LYS A 1 59 ? -6.653  -18.167 6.199   1.00 12.61 ? 58  LYS A C   1 
ATOM   472 O O   . LYS A 1 59 ? -6.578  -16.994 5.805   1.00 11.95 ? 58  LYS A O   1 
ATOM   473 C CB  . LYS A 1 59 ? -4.669  -19.231 7.277   1.00 14.11 ? 58  LYS A CB  1 
ATOM   474 C CG  . LYS A 1 59 ? -3.503  -20.193 7.214   1.00 15.65 ? 58  LYS A CG  1 
ATOM   475 C CD  . LYS A 1 59 ? -3.972  -21.626 7.047   1.00 17.74 ? 58  LYS A CD  1 
ATOM   476 C CE  . LYS A 1 59 ? -2.840  -22.608 7.278   1.00 18.65 ? 58  LYS A CE  1 
ATOM   477 N NZ  . LYS A 1 59 ? -1.623  -22.189 6.558   1.00 21.41 ? 58  LYS A NZ  1 
ATOM   478 N N   . ASP A 1 60 ? -7.712  -18.649 6.836   1.00 12.67 ? 59  ASP A N   1 
ATOM   479 C CA  . ASP A 1 60 ? -8.907  -17.842 7.048   1.00 13.07 ? 59  ASP A CA  1 
ATOM   480 C C   . ASP A 1 60 ? -8.640  -16.579 7.863   1.00 12.79 ? 59  ASP A C   1 
ATOM   481 O O   . ASP A 1 60 ? -9.436  -15.633 7.815   1.00 13.20 ? 59  ASP A O   1 
ATOM   482 C CB  . ASP A 1 60 ? -9.990  -18.679 7.735   1.00 13.63 ? 59  ASP A CB  1 
ATOM   483 C CG  . ASP A 1 60 ? -10.622 -19.700 6.804   1.00 15.22 ? 59  ASP A CG  1 
ATOM   484 O OD1 . ASP A 1 60 ? -10.393 -19.631 5.578   1.00 17.11 ? 59  ASP A OD1 1 
ATOM   485 O OD2 . ASP A 1 60 ? -11.357 -20.574 7.311   1.00 19.12 ? 59  ASP A OD2 1 
ATOM   486 N N   . TRP A 1 61 ? -7.531  -16.565 8.597   1.00 12.34 ? 60  TRP A N   1 
ATOM   487 C CA  . TRP A 1 61 ? -7.174  -15.463 9.477   1.00 12.55 ? 60  TRP A CA  1 
ATOM   488 C C   . TRP A 1 61 ? -5.921  -14.708 9.000   1.00 11.72 ? 60  TRP A C   1 
ATOM   489 O O   . TRP A 1 61 ? -5.275  -14.023 9.794   1.00 12.63 ? 60  TRP A O   1 
ATOM   490 C CB  . TRP A 1 61 ? -6.957  -15.994 10.905  1.00 14.41 ? 60  TRP A CB  1 
ATOM   491 C CG  . TRP A 1 61 ? -5.935  -17.087 10.973  1.00 16.60 ? 60  TRP A CG  1 
ATOM   492 C CD1 . TRP A 1 61 ? -4.589  -16.941 11.133  1.00 17.81 ? 60  TRP A CD1 1 
ATOM   493 C CD2 . TRP A 1 61 ? -6.179  -18.494 10.867  1.00 17.38 ? 60  TRP A CD2 1 
ATOM   494 N NE1 . TRP A 1 61 ? -3.980  -18.173 11.131  1.00 18.25 ? 60  TRP A NE1 1 
ATOM   495 C CE2 . TRP A 1 61 ? -4.932  -19.142 10.969  1.00 17.23 ? 60  TRP A CE2 1 
ATOM   496 C CE3 . TRP A 1 61 ? -7.330  -19.270 10.690  1.00 16.59 ? 60  TRP A CE3 1 
ATOM   497 C CZ2 . TRP A 1 61 ? -4.803  -20.531 10.910  1.00 18.28 ? 60  TRP A CZ2 1 
ATOM   498 C CZ3 . TRP A 1 61 ? -7.201  -20.650 10.633  1.00 16.70 ? 60  TRP A CZ3 1 
ATOM   499 C CH2 . TRP A 1 61 ? -5.946  -21.265 10.738  1.00 16.57 ? 60  TRP A CH2 1 
ATOM   500 N N   . SER A 1 62 ? -5.587  -14.807 7.711   1.00 10.42 ? 61  SER A N   1 
ATOM   501 C CA  . SER A 1 62 ? -4.458  -14.059 7.162   1.00 9.85  ? 61  SER A CA  1 
ATOM   502 C C   . SER A 1 62 ? -4.813  -13.386 5.851   1.00 8.71  ? 61  SER A C   1 
ATOM   503 O O   . SER A 1 62 ? -5.003  -14.070 4.862   1.00 8.87  ? 61  SER A O   1 
ATOM   504 C CB  . SER A 1 62 ? -3.248  -14.983 6.983   1.00 10.46 ? 61  SER A CB  1 
ATOM   505 O OG  . SER A 1 62 ? -2.087  -14.236 6.677   1.00 12.57 ? 61  SER A OG  1 
ATOM   506 N N   . PHE A 1 63 ? -4.905  -12.054 5.869   1.00 7.93  ? 62  PHE A N   1 
ATOM   507 C CA  . PHE A 1 63 ? -5.300  -11.267 4.704   1.00 7.79  ? 62  PHE A CA  1 
ATOM   508 C C   . PHE A 1 63 ? -4.122  -10.526 4.080   1.00 7.67  ? 62  PHE A C   1 
ATOM   509 O O   . PHE A 1 63 ? -3.133  -10.209 4.749   1.00 7.69  ? 62  PHE A O   1 
ATOM   510 C CB  . PHE A 1 63 ? -6.418  -10.284 5.071   1.00 7.92  ? 62  PHE A CB  1 
ATOM   511 C CG  . PHE A 1 63 ? -7.763  -10.934 5.202   1.00 7.74  ? 62  PHE A CG  1 
ATOM   512 C CD1 . PHE A 1 63 ? -8.697  -10.823 4.183   1.00 8.36  ? 62  PHE A CD1 1 
ATOM   513 C CD2 . PHE A 1 63 ? -8.097  -11.683 6.327   1.00 8.56  ? 62  PHE A CD2 1 
ATOM   514 C CE1 . PHE A 1 63 ? -9.946  -11.433 4.289   1.00 8.90  ? 62  PHE A CE1 1 
ATOM   515 C CE2 . PHE A 1 63 ? -9.341  -12.308 6.424   1.00 9.39  ? 62  PHE A CE2 1 
ATOM   516 C CZ  . PHE A 1 63 ? -10.264 -12.171 5.406   1.00 9.49  ? 62  PHE A CZ  1 
ATOM   517 N N   . TYR A 1 64 ? -4.270  -10.249 2.787   1.00 7.42  ? 63  TYR A N   1 
ATOM   518 C CA  . TYR A 1 64 ? -3.256  -9.605  1.958   1.00 8.10  ? 63  TYR A CA  1 
ATOM   519 C C   . TYR A 1 64 ? -3.945  -8.614  1.042   1.00 8.21  ? 63  TYR A C   1 
ATOM   520 O O   . TYR A 1 64 ? -4.953  -8.943  0.417   1.00 8.77  ? 63  TYR A O   1 
ATOM   521 C CB  . TYR A 1 64 ? -2.514  -10.639 1.100   1.00 8.93  ? 63  TYR A CB  1 
ATOM   522 C CG  . TYR A 1 64 ? -1.928  -11.722 1.948   1.00 9.02  ? 63  TYR A CG  1 
ATOM   523 C CD1 . TYR A 1 64 ? -0.635  -11.624 2.443   1.00 9.43  ? 63  TYR A CD1 1 
ATOM   524 C CD2 . TYR A 1 64 ? -2.693  -12.812 2.332   1.00 10.04 ? 63  TYR A CD2 1 
ATOM   525 C CE1 . TYR A 1 64 ? -0.113  -12.596 3.285   1.00 10.66 ? 63  TYR A CE1 1 
ATOM   526 C CE2 . TYR A 1 64 ? -2.183  -13.774 3.165   1.00 10.80 ? 63  TYR A CE2 1 
ATOM   527 C CZ  . TYR A 1 64 ? -0.898  -13.667 3.632   1.00 10.94 ? 63  TYR A CZ  1 
ATOM   528 O OH  . TYR A 1 64 ? -0.419  -14.650 4.462   1.00 13.31 ? 63  TYR A OH  1 
ATOM   529 N N   . LEU A 1 65 ? -3.390  -7.409  0.962   1.00 8.00  ? 64  LEU A N   1 
ATOM   530 C CA  . LEU A 1 65 ? -3.916  -6.380  0.076   1.00 8.39  ? 64  LEU A CA  1 
ATOM   531 C C   . LEU A 1 65 ? -2.790  -5.820  -0.768  1.00 7.86  ? 64  LEU A C   1 
ATOM   532 O O   . LEU A 1 65 ? -1.765  -5.382  -0.238  1.00 8.39  ? 64  LEU A O   1 
ATOM   533 C CB  . LEU A 1 65 ? -4.531  -5.239  0.887   1.00 8.47  ? 64  LEU A CB  1 
ATOM   534 C CG  . LEU A 1 65 ? -5.112  -4.101  0.035   1.00 9.60  ? 64  LEU A CG  1 
ATOM   535 C CD1 . LEU A 1 65 ? -6.434  -4.528  -0.562  1.00 11.28 ? 64  LEU A CD1 1 
ATOM   536 C CD2 . LEU A 1 65 ? -5.275  -2.815  0.825   1.00 10.66 ? 64  LEU A CD2 1 
ATOM   537 N N   . LEU A 1 66 ? -2.982  -5.820  -2.085  1.00 8.33  ? 65  LEU A N   1 
ATOM   538 C CA  . LEU A 1 66 ? -2.100  -5.092  -2.986  1.00 8.86  ? 65  LEU A CA  1 
ATOM   539 C C   . LEU A 1 66 ? -2.877  -3.895  -3.516  1.00 8.51  ? 65  LEU A C   1 
ATOM   540 O O   . LEU A 1 66 ? -3.917  -4.046  -4.162  1.00 9.42  ? 65  LEU A O   1 
ATOM   541 C CB  . LEU A 1 66 ? -1.588  -5.975  -4.123  1.00 9.30  ? 65  LEU A CB  1 
ATOM   542 C CG  . LEU A 1 66 ? -0.550  -5.287  -5.013  1.00 10.52 ? 65  LEU A CG  1 
ATOM   543 C CD1 . LEU A 1 66 ? 0.709   -4.953  -4.238  1.00 12.16 ? 65  LEU A CD1 1 
ATOM   544 C CD2 . LEU A 1 66 ? -0.220  -6.138  -6.227  1.00 11.84 ? 65  LEU A CD2 1 
ATOM   545 N N   . TYR A 1 67 ? -2.363  -2.704  -3.214  1.00 8.46  ? 66  TYR A N   1 
ATOM   546 C CA  . TYR A 1 67 ? -3.040  -1.447  -3.484  1.00 8.79  ? 66  TYR A CA  1 
ATOM   547 C C   . TYR A 1 67 ? -2.083  -0.637  -4.333  1.00 8.96  ? 66  TYR A C   1 
ATOM   548 O O   . TYR A 1 67 ? -1.001  -0.271  -3.871  1.00 9.03  ? 66  TYR A O   1 
ATOM   549 C CB  . TYR A 1 67 ? -3.326  -0.773  -2.152  1.00 8.92  ? 66  TYR A CB  1 
ATOM   550 C CG  . TYR A 1 67 ? -4.200  0.449   -2.178  1.00 8.85  ? 66  TYR A CG  1 
ATOM   551 C CD1 . TYR A 1 67 ? -5.542  0.362   -2.517  1.00 10.11 ? 66  TYR A CD1 1 
ATOM   552 C CD2 . TYR A 1 67 ? -3.704  1.685   -1.788  1.00 9.09  ? 66  TYR A CD2 1 
ATOM   553 C CE1 . TYR A 1 67 ? -6.353  1.480   -2.495  1.00 10.37 ? 66  TYR A CE1 1 
ATOM   554 C CE2 . TYR A 1 67 ? -4.514  2.805   -1.760  1.00 9.73  ? 66  TYR A CE2 1 
ATOM   555 C CZ  . TYR A 1 67 ? -5.832  2.694   -2.117  1.00 9.83  ? 66  TYR A CZ  1 
ATOM   556 O OH  . TYR A 1 67 ? -6.642  3.810   -2.092  1.00 10.48 ? 66  TYR A OH  1 
ATOM   557 N N   . TYR A 1 68 ? -2.430  -0.401  -5.594  1.00 9.11  ? 67  TYR A N   1 
ATOM   558 C CA  . TYR A 1 68 ? -1.461  0.174   -6.516  1.00 9.91  ? 67  TYR A CA  1 
ATOM   559 C C   . TYR A 1 68 ? -2.112  0.954   -7.639  1.00 10.29 ? 67  TYR A C   1 
ATOM   560 O O   . TYR A 1 68 ? -3.272  0.736   -7.985  1.00 10.43 ? 67  TYR A O   1 
ATOM   561 C CB  . TYR A 1 68 ? -0.512  -0.912  -7.061  1.00 11.56 ? 67  TYR A CB  1 
ATOM   562 C CG  . TYR A 1 68 ? -1.090  -1.872  -8.081  1.00 13.11 ? 67  TYR A CG  1 
ATOM   563 C CD1 . TYR A 1 68 ? -1.792  -3.004  -7.690  1.00 13.13 ? 67  TYR A CD1 1 
ATOM   564 C CD2 . TYR A 1 68 ? -0.888  -1.662  -9.441  1.00 14.87 ? 67  TYR A CD2 1 
ATOM   565 C CE1 . TYR A 1 68 ? -2.301  -3.897  -8.637  1.00 13.98 ? 67  TYR A CE1 1 
ATOM   566 C CE2 . TYR A 1 68 ? -1.385  -2.542  -10.395 1.00 15.56 ? 67  TYR A CE2 1 
ATOM   567 C CZ  . TYR A 1 68 ? -2.089  -3.654  -9.987  1.00 14.84 ? 67  TYR A CZ  1 
ATOM   568 O OH  . TYR A 1 68 ? -2.579  -4.523  -10.941 1.00 16.02 ? 67  TYR A OH  1 
ATOM   569 N N   . THR A 1 69 ? -1.353  1.885   -8.195  1.00 10.24 ? 68  THR A N   1 
ATOM   570 C CA  . THR A 1 69 ? -1.871  2.738   -9.251  1.00 10.82 ? 68  THR A CA  1 
ATOM   571 C C   . THR A 1 69 ? -0.738  3.391   -10.019 1.00 10.53 ? 68  THR A C   1 
ATOM   572 O O   . THR A 1 69 ? 0.377   3.518   -9.519  1.00 9.78  ? 68  THR A O   1 
ATOM   573 C CB  . THR A 1 69 ? -2.819  3.799   -8.657  1.00 11.66 ? 68  THR A CB  1 
ATOM   574 O OG1 . THR A 1 69 ? -3.734  4.249   -9.660  1.00 13.25 ? 68  THR A OG1 1 
ATOM   575 C CG2 . THR A 1 69 ? -2.059  4.968   -8.063  1.00 12.45 ? 68  THR A CG2 1 
ATOM   576 N N   . GLU A 1 70 ? -1.022  3.795   -11.250 1.00 11.06 ? 69  GLU A N   1 
ATOM   577 C CA  . GLU A 1 70 ? -0.012  4.442   -12.066 1.00 11.60 ? 69  GLU A CA  1 
ATOM   578 C C   . GLU A 1 70 ? 0.370   5.780   -11.463 1.00 11.28 ? 69  GLU A C   1 
ATOM   579 O O   . GLU A 1 70 ? -0.481  6.499   -10.939 1.00 11.53 ? 69  GLU A O   1 
ATOM   580 C CB  . GLU A 1 70 ? -0.489  4.633   -13.506 1.00 11.89 ? 69  GLU A CB  1 
ATOM   581 C CG  . GLU A 1 70 ? 0.668   5.018   -14.426 1.00 13.31 ? 69  GLU A CG  1 
ATOM   582 C CD  . GLU A 1 70 ? 0.343   4.973   -15.902 1.00 14.68 ? 69  GLU A CD  1 
ATOM   583 O OE1 . GLU A 1 70 ? -0.748  4.504   -16.275 1.00 19.23 ? 69  GLU A OE1 1 
ATOM   584 O OE2 . GLU A 1 70 ? 1.202   5.410   -16.694 1.00 18.45 ? 69  GLU A OE2 1 
ATOM   585 N N   . PHE A 1 71 ? 1.652   6.112   -11.531 1.00 11.50 ? 70  PHE A N   1 
ATOM   586 C CA  . PHE A 1 71 ? 2.124   7.400   -11.047 1.00 12.35 ? 70  PHE A CA  1 
ATOM   587 C C   . PHE A 1 71 ? 3.307   7.863   -11.868 1.00 13.04 ? 70  PHE A C   1 
ATOM   588 O O   . PHE A 1 71 ? 3.859   7.099   -12.659 1.00 12.83 ? 70  PHE A O   1 
ATOM   589 C CB  . PHE A 1 71 ? 2.384   7.400   -9.527  1.00 11.88 ? 70  PHE A CB  1 
ATOM   590 C CG  . PHE A 1 71 ? 3.705   6.810   -9.082  1.00 11.18 ? 70  PHE A CG  1 
ATOM   591 C CD1 . PHE A 1 71 ? 4.397   7.401   -8.032  1.00 11.93 ? 70  PHE A CD1 1 
ATOM   592 C CD2 . PHE A 1 71 ? 4.234   5.651   -9.645  1.00 10.41 ? 70  PHE A CD2 1 
ATOM   593 C CE1 . PHE A 1 71 ? 5.587   6.874   -7.571  1.00 11.51 ? 70  PHE A CE1 1 
ATOM   594 C CE2 . PHE A 1 71 ? 5.437   5.125   -9.187  1.00 10.55 ? 70  PHE A CE2 1 
ATOM   595 C CZ  . PHE A 1 71 ? 6.108   5.736   -8.148  1.00 11.34 ? 70  PHE A CZ  1 
ATOM   596 N N   . THR A 1 72 ? 3.654   9.133   -11.691 1.00 14.45 ? 71  THR A N   1 
ATOM   597 C CA  . THR A 1 72 ? 4.746   9.756   -12.425 1.00 15.33 ? 71  THR A CA  1 
ATOM   598 C C   . THR A 1 72 ? 5.615   10.502  -11.424 1.00 15.86 ? 71  THR A C   1 
ATOM   599 O O   . THR A 1 72 ? 5.466   11.713  -11.238 1.00 16.42 ? 71  THR A O   1 
ATOM   600 C CB  . THR A 1 72 ? 4.226   10.715  -13.516 1.00 15.88 ? 71  THR A CB  1 
ATOM   601 O OG1 . THR A 1 72 ? 3.374   9.989   -14.411 1.00 17.95 ? 71  THR A OG1 1 
ATOM   602 C CG2 . THR A 1 72 ? 5.383   11.324  -14.303 1.00 16.47 ? 71  THR A CG2 1 
ATOM   603 N N   . PRO A 1 73 ? 6.510   9.773   -10.745 1.00 16.32 ? 72  PRO A N   1 
ATOM   604 C CA  . PRO A 1 73 ? 7.327   10.404  -9.722  1.00 17.22 ? 72  PRO A CA  1 
ATOM   605 C C   . PRO A 1 73 ? 8.365   11.369  -10.293 1.00 18.15 ? 72  PRO A C   1 
ATOM   606 O O   . PRO A 1 73 ? 8.941   11.113  -11.353 1.00 18.14 ? 72  PRO A O   1 
ATOM   607 C CB  . PRO A 1 73 ? 8.016   9.217   -9.048  1.00 16.94 ? 72  PRO A CB  1 
ATOM   608 C CG  . PRO A 1 73 ? 8.053   8.172   -10.070 1.00 16.25 ? 72  PRO A CG  1 
ATOM   609 C CD  . PRO A 1 73 ? 6.802   8.335   -10.871 1.00 16.09 ? 72  PRO A CD  1 
ATOM   610 N N   . THR A 1 74 ? 8.571   12.478  -9.596  1.00 19.43 ? 73  THR A N   1 
ATOM   611 C CA  . THR A 1 74 ? 9.696   13.371  -9.862  1.00 20.59 ? 73  THR A CA  1 
ATOM   612 C C   . THR A 1 74 ? 10.585  13.315  -8.640  1.00 21.65 ? 73  THR A C   1 
ATOM   613 O O   . THR A 1 74 ? 10.150  12.876  -7.583  1.00 21.96 ? 73  THR A O   1 
ATOM   614 C CB  . THR A 1 74 ? 9.245   14.824  -10.088 1.00 20.95 ? 73  THR A CB  1 
ATOM   615 O OG1 . THR A 1 74 ? 8.688   15.353  -8.879  1.00 22.52 ? 73  THR A OG1 1 
ATOM   616 C CG2 . THR A 1 74 ? 8.212   14.902  -11.196 1.00 21.37 ? 73  THR A CG2 1 
ATOM   617 N N   . GLU A 1 75 ? 11.816  13.797  -8.765  1.00 22.60 ? 74  GLU A N   1 
ATOM   618 C CA  . GLU A 1 75 ? 12.776  13.733  -7.658  1.00 23.22 ? 74  GLU A CA  1 
ATOM   619 C C   . GLU A 1 75 ? 12.301  14.484  -6.406  1.00 23.56 ? 74  GLU A C   1 
ATOM   620 O O   . GLU A 1 75 ? 12.693  14.134  -5.290  1.00 24.44 ? 74  GLU A O   1 
ATOM   621 C CB  . GLU A 1 75 ? 14.145  14.283  -8.084  1.00 23.83 ? 74  GLU A CB  1 
ATOM   622 C CG  . GLU A 1 75 ? 14.726  13.706  -9.379  1.00 25.55 ? 74  GLU A CG  1 
ATOM   623 C CD  . GLU A 1 75 ? 14.810  12.190  -9.387  1.00 27.42 ? 74  GLU A CD  1 
ATOM   624 O OE1 . GLU A 1 75 ? 15.005  11.583  -8.310  1.00 29.00 ? 74  GLU A OE1 1 
ATOM   625 O OE2 . GLU A 1 75 ? 14.686  11.604  -10.484 1.00 29.30 ? 74  GLU A OE2 1 
ATOM   626 N N   . LYS A 1 76 ? 11.454  15.498  -6.588  1.00 23.72 ? 75  LYS A N   1 
ATOM   627 C CA  . LYS A 1 76 ? 11.033  16.374  -5.487  1.00 23.48 ? 75  LYS A CA  1 
ATOM   628 C C   . LYS A 1 76 ? 9.844   15.847  -4.668  1.00 23.20 ? 75  LYS A C   1 
ATOM   629 O O   . LYS A 1 76 ? 9.754   16.118  -3.471  1.00 23.66 ? 75  LYS A O   1 
ATOM   630 C CB  . LYS A 1 76 ? 10.739  17.798  -5.995  1.00 24.10 ? 75  LYS A CB  1 
ATOM   631 C CG  . LYS A 1 76 ? 9.503   17.958  -6.895  1.00 25.68 ? 75  LYS A CG  1 
ATOM   632 C CD  . LYS A 1 76 ? 9.835   17.985  -8.388  1.00 26.90 ? 75  LYS A CD  1 
ATOM   633 C CE  . LYS A 1 76 ? 10.467  19.293  -8.831  1.00 27.64 ? 75  LYS A CE  1 
ATOM   634 N NZ  . LYS A 1 76 ? 10.552  19.358  -10.318 1.00 27.57 ? 75  LYS A NZ  1 
ATOM   635 N N   . ASP A 1 77 ? 8.940   15.102  -5.303  1.00 22.34 ? 76  ASP A N   1 
ATOM   636 C CA  . ASP A 1 77 ? 7.721   14.637  -4.630  1.00 21.67 ? 76  ASP A CA  1 
ATOM   637 C C   . ASP A 1 77 ? 8.017   13.472  -3.687  1.00 20.93 ? 76  ASP A C   1 
ATOM   638 O O   . ASP A 1 77 ? 8.914   12.678  -3.940  1.00 21.42 ? 76  ASP A O   1 
ATOM   639 C CB  . ASP A 1 77 ? 6.652   14.245  -5.658  1.00 22.11 ? 76  ASP A CB  1 
ATOM   640 C CG  . ASP A 1 77 ? 6.070   15.450  -6.390  1.00 22.95 ? 76  ASP A CG  1 
ATOM   641 O OD1 . ASP A 1 77 ? 5.791   16.476  -5.735  1.00 25.09 ? 76  ASP A OD1 1 
ATOM   642 O OD2 . ASP A 1 77 ? 5.874   15.371  -7.619  1.00 24.83 ? 76  ASP A OD2 1 
ATOM   643 N N   . GLU A 1 78 ? 7.275   13.393  -2.583  1.00 19.60 ? 77  GLU A N   1 
ATOM   644 C CA  . GLU A 1 78 ? 7.415   12.286  -1.637  1.00 18.73 ? 77  GLU A CA  1 
ATOM   645 C C   . GLU A 1 78 ? 6.147   11.445  -1.638  1.00 16.93 ? 77  GLU A C   1 
ATOM   646 O O   . GLU A 1 78 ? 5.043   11.984  -1.561  1.00 17.12 ? 77  GLU A O   1 
ATOM   647 C CB  . GLU A 1 78 ? 7.734   12.780  -0.217  1.00 19.06 ? 77  GLU A CB  1 
ATOM   648 C CG  . GLU A 1 78 ? 6.697   13.693  0.436   1.00 21.03 ? 77  GLU A CG  1 
ATOM   649 C CD  . GLU A 1 78 ? 7.003   14.002  1.899   1.00 21.48 ? 77  GLU A CD  1 
ATOM   650 O OE1 . GLU A 1 78 ? 7.364   13.072  2.657   1.00 24.48 ? 77  GLU A OE1 1 
ATOM   651 O OE2 . GLU A 1 78 ? 6.862   15.182  2.293   1.00 25.07 ? 77  GLU A OE2 1 
ATOM   652 N N   . TYR A 1 79 ? 6.317   10.130  -1.747  1.00 14.90 ? 78  TYR A N   1 
ATOM   653 C CA  . TYR A 1 79 ? 5.194   9.198   -1.744  1.00 13.90 ? 78  TYR A CA  1 
ATOM   654 C C   . TYR A 1 79 ? 5.250   8.295   -0.530  1.00 12.90 ? 78  TYR A C   1 
ATOM   655 O O   . TYR A 1 79 ? 6.315   8.031   0.023   1.00 13.03 ? 78  TYR A O   1 
ATOM   656 C CB  . TYR A 1 79 ? 5.182   8.375   -3.028  1.00 13.55 ? 78  TYR A CB  1 
ATOM   657 C CG  . TYR A 1 79 ? 4.911   9.214   -4.256  1.00 13.42 ? 78  TYR A CG  1 
ATOM   658 C CD1 . TYR A 1 79 ? 3.612   9.439   -4.696  1.00 12.48 ? 78  TYR A CD1 1 
ATOM   659 C CD2 . TYR A 1 79 ? 5.952   9.803   -4.967  1.00 14.02 ? 78  TYR A CD2 1 
ATOM   660 C CE1 . TYR A 1 79 ? 3.358   10.215  -5.818  1.00 13.59 ? 78  TYR A CE1 1 
ATOM   661 C CE2 . TYR A 1 79 ? 5.704   10.584  -6.091  1.00 14.37 ? 78  TYR A CE2 1 
ATOM   662 C CZ  . TYR A 1 79 ? 4.411   10.785  -6.508  1.00 14.24 ? 78  TYR A CZ  1 
ATOM   663 O OH  . TYR A 1 79 ? 4.159   11.555  -7.620  1.00 15.74 ? 78  TYR A OH  1 
ATOM   664 N N   . ALA A 1 80 ? 4.082   7.824   -0.115  1.00 11.99 ? 79  ALA A N   1 
ATOM   665 C CA  . ALA A 1 80 ? 3.986   6.974   1.055   1.00 11.38 ? 79  ALA A CA  1 
ATOM   666 C C   . ALA A 1 80 ? 2.721   6.143   1.003   1.00 10.48 ? 79  ALA A C   1 
ATOM   667 O O   . ALA A 1 80 ? 1.834   6.387   0.186   1.00 10.84 ? 79  ALA A O   1 
ATOM   668 C CB  . ALA A 1 80 ? 4.009   7.822   2.322   1.00 11.79 ? 79  ALA A CB  1 
ATOM   669 N N   . CYS A 1 81 ? 2.654   5.166   1.897   1.00 9.91  ? 80  CYS A N   1 
ATOM   670 C CA  . CYS A 1 81 ? 1.437   4.412   2.140   1.00 9.76  ? 80  CYS A CA  1 
ATOM   671 C C   . CYS A 1 81 ? 1.056   4.582   3.604   1.00 9.47  ? 80  CYS A C   1 
ATOM   672 O O   . CYS A 1 81 ? 1.907   4.463   4.483   1.00 10.20 ? 80  CYS A O   1 
ATOM   673 C CB  . CYS A 1 81 ? 1.666   2.939   1.833   1.00 9.85  ? 80  CYS A CB  1 
ATOM   674 S SG  . CYS A 1 81 ? 0.171   1.948   1.958   1.00 10.36 ? 80  CYS A SG  1 
ATOM   675 N N   . ARG A 1 82 ? -0.212  4.883   3.856   1.00 9.19  ? 81  ARG A N   1 
ATOM   676 C CA  . ARG A 1 82 ? -0.714  5.072   5.204   1.00 9.33  ? 81  ARG A CA  1 
ATOM   677 C C   . ARG A 1 82 ? -1.744  4.004   5.509   1.00 8.44  ? 81  ARG A C   1 
ATOM   678 O O   . ARG A 1 82 ? -2.709  3.840   4.762   1.00 8.53  ? 81  ARG A O   1 
ATOM   679 C CB  . ARG A 1 82 ? -1.358  6.441   5.342   1.00 9.77  ? 81  ARG A CB  1 
ATOM   680 C CG  . ARG A 1 82 ? -1.906  6.709   6.739   1.00 10.75 ? 81  ARG A CG  1 
ATOM   681 C CD  . ARG A 1 82 ? -2.461  8.095   6.836   1.00 12.95 ? 81  ARG A CD  1 
ATOM   682 N NE  . ARG A 1 82 ? -3.601  8.219   5.940   1.00 15.34 ? 81  ARG A NE  1 
ATOM   683 C CZ  . ARG A 1 82 ? -4.038  9.359   5.410   1.00 16.77 ? 81  ARG A CZ  1 
ATOM   684 N NH1 . ARG A 1 82 ? -3.459  10.516  5.700   1.00 17.64 ? 81  ARG A NH1 1 
ATOM   685 N NH2 . ARG A 1 82 ? -5.079  9.339   4.587   1.00 16.82 ? 81  ARG A NH2 1 
ATOM   686 N N   . VAL A 1 83 ? -1.565  3.312   6.627   1.00 8.02  ? 82  VAL A N   1 
ATOM   687 C CA  . VAL A 1 83 ? -2.439  2.220   7.012   1.00 8.19  ? 82  VAL A CA  1 
ATOM   688 C C   . VAL A 1 83 ? -3.012  2.457   8.403   1.00 8.00  ? 82  VAL A C   1 
ATOM   689 O O   . VAL A 1 83 ? -2.278  2.785   9.336   1.00 8.75  ? 82  VAL A O   1 
ATOM   690 C CB  . VAL A 1 83 ? -1.662  0.891   6.991   1.00 8.25  ? 82  VAL A CB  1 
ATOM   691 C CG1 . VAL A 1 83 ? -2.526  -0.255  7.493   1.00 8.53  ? 82  VAL A CG1 1 
ATOM   692 C CG2 . VAL A 1 83 ? -1.136  0.615   5.585   1.00 9.15  ? 82  VAL A CG2 1 
ATOM   693 N N   . ASN A 1 84 ? -4.323  2.274   8.527   1.00 7.99  ? 83  ASN A N   1 
ATOM   694 C CA  . ASN A 1 84 ? -4.974  2.209   9.827   1.00 8.31  ? 83  ASN A CA  1 
ATOM   695 C C   . ASN A 1 84 ? -5.555  0.820   10.022  1.00 7.60  ? 83  ASN A C   1 
ATOM   696 O O   . ASN A 1 84 ? -6.152  0.260   9.105   1.00 7.94  ? 83  ASN A O   1 
ATOM   697 C CB  . ASN A 1 84 ? -6.089  3.247   9.939   1.00 9.45  ? 83  ASN A CB  1 
ATOM   698 C CG  . ASN A 1 84 ? -5.568  4.635   10.173  1.00 12.95 ? 83  ASN A CG  1 
ATOM   699 O OD1 . ASN A 1 84 ? -4.905  4.893   11.171  1.00 15.21 ? 83  ASN A OD1 1 
ATOM   700 N ND2 . ASN A 1 84 ? -5.875  5.544   9.265   1.00 16.74 ? 83  ASN A ND2 1 
ATOM   701 N N   . HIS A 1 85 ? -5.382  0.281   11.221  1.00 7.48  ? 84  HIS A N   1 
ATOM   702 C CA  . HIS A 1 85 ? -5.800  -1.071  11.557  1.00 7.47  ? 84  HIS A CA  1 
ATOM   703 C C   . HIS A 1 85 ? -5.956  -1.114  13.062  1.00 7.60  ? 84  HIS A C   1 
ATOM   704 O O   . HIS A 1 85 ? -5.296  -0.364  13.769  1.00 7.68  ? 84  HIS A O   1 
ATOM   705 C CB  . HIS A 1 85 ? -4.727  -2.068  11.100  1.00 7.34  ? 84  HIS A CB  1 
ATOM   706 C CG  . HIS A 1 85 ? -5.153  -3.496  11.185  1.00 7.17  ? 84  HIS A CG  1 
ATOM   707 N ND1 . HIS A 1 85 ? -4.736  -4.347  12.190  1.00 7.59  ? 84  HIS A ND1 1 
ATOM   708 C CD2 . HIS A 1 85 ? -5.961  -4.221  10.377  1.00 7.32  ? 84  HIS A CD2 1 
ATOM   709 C CE1 . HIS A 1 85 ? -5.287  -5.533  11.996  1.00 7.30  ? 84  HIS A CE1 1 
ATOM   710 N NE2 . HIS A 1 85 ? -6.033  -5.485  10.904  1.00 7.46  ? 84  HIS A NE2 1 
ATOM   711 N N   . VAL A 1 86 ? -6.800  -2.003  13.573  1.00 7.51  ? 85  VAL A N   1 
ATOM   712 C CA  . VAL A 1 86 ? -7.000  -2.077  15.027  1.00 8.18  ? 85  VAL A CA  1 
ATOM   713 C C   . VAL A 1 86 ? -5.723  -2.349  15.812  1.00 8.24  ? 85  VAL A C   1 
ATOM   714 O O   . VAL A 1 86 ? -5.627  -1.957  16.974  1.00 9.36  ? 85  VAL A O   1 
ATOM   715 C CB  . VAL A 1 86 ? -8.060  -3.117  15.457  1.00 9.19  ? 85  VAL A CB  1 
ATOM   716 C CG1 . VAL A 1 86 ? -9.452  -2.664  15.048  1.00 10.92 ? 85  VAL A CG1 1 
ATOM   717 C CG2 . VAL A 1 86 ? -7.725  -4.512  14.951  1.00 9.42  ? 85  VAL A CG2 1 
ATOM   718 N N   . THR A 1 87 ? -4.742  -3.003  15.193  1.00 7.82  ? 86  THR A N   1 
ATOM   719 C CA  . THR A 1 87 ? -3.480  -3.290  15.860  1.00 8.27  ? 86  THR A CA  1 
ATOM   720 C C   . THR A 1 87 ? -2.545  -2.082  15.955  1.00 8.41  ? 86  THR A C   1 
ATOM   721 O O   . THR A 1 87 ? -1.533  -2.160  16.646  1.00 9.18  ? 86  THR A O   1 
ATOM   722 C CB  . THR A 1 87 ? -2.709  -4.402  15.141  1.00 8.12  ? 86  THR A CB  1 
ATOM   723 O OG1 . THR A 1 87 ? -2.493  -4.024  13.778  1.00 7.70  ? 86  THR A OG1 1 
ATOM   724 C CG2 . THR A 1 87 ? -3.449  -5.727  15.249  1.00 9.23  ? 86  THR A CG2 1 
ATOM   725 N N   . LEU A 1 88 ? -2.874  -0.992  15.264  1.00 9.03  ? 87  LEU A N   1 
ATOM   726 C CA  . LEU A 1 88 ? -2.014  0.190   15.166  1.00 9.98  ? 87  LEU A CA  1 
ATOM   727 C C   . LEU A 1 88 ? -2.652  1.347   15.897  1.00 10.32 ? 87  LEU A C   1 
ATOM   728 O O   . LEU A 1 88 ? -3.659  1.880   15.441  1.00 11.63 ? 87  LEU A O   1 
ATOM   729 C CB  . LEU A 1 88 ? -1.840  0.579   13.701  1.00 10.26 ? 87  LEU A CB  1 
ATOM   730 C CG  . LEU A 1 88 ? -1.156  -0.446  12.813  1.00 10.63 ? 87  LEU A CG  1 
ATOM   731 C CD1 . LEU A 1 88 ? -1.264  -0.046  11.354  1.00 11.93 ? 87  LEU A CD1 1 
ATOM   732 C CD2 . LEU A 1 88 ? 0.298   -0.606  13.209  1.00 11.97 ? 87  LEU A CD2 1 
ATOM   733 N N   . SER A 1 89 ? -2.081  1.742   17.029  1.00 10.45 ? 88  SER A N   1 
ATOM   734 C CA  . SER A 1 89 ? -2.674  2.807   17.828  1.00 11.28 ? 88  SER A CA  1 
ATOM   735 C C   . SER A 1 89 ? -2.608  4.165   17.129  1.00 11.86 ? 88  SER A C   1 
ATOM   736 O O   . SER A 1 89 ? -3.435  5.032   17.391  1.00 13.67 ? 88  SER A O   1 
ATOM   737 C CB  . SER A 1 89 ? -2.022  2.865   19.204  1.00 11.73 ? 88  SER A CB  1 
ATOM   738 O OG  . SER A 1 89 ? -0.620  2.913   19.093  1.00 12.64 ? 88  SER A OG  1 
ATOM   739 N N   . GLN A 1 90 ? -1.625  4.342   16.249  1.00 12.12 ? 89  GLN A N   1 
ATOM   740 C CA  . GLN A 1 90 ? -1.538  5.513   15.377  1.00 12.97 ? 89  GLN A CA  1 
ATOM   741 C C   . GLN A 1 90 ? -1.476  5.015   13.935  1.00 12.32 ? 89  GLN A C   1 
ATOM   742 O O   . GLN A 1 90 ? -1.000  3.909   13.693  1.00 11.58 ? 89  GLN A O   1 
ATOM   743 C CB  . GLN A 1 90 ? -0.267  6.315   15.678  1.00 13.87 ? 89  GLN A CB  1 
ATOM   744 C CG  . GLN A 1 90 ? -0.179  6.870   17.096  1.00 15.74 ? 89  GLN A CG  1 
ATOM   745 C CD  . GLN A 1 90 ? 1.217   7.364   17.457  1.00 17.30 ? 89  GLN A CD  1 
ATOM   746 O OE1 . GLN A 1 90 ? 2.214   6.676   17.235  1.00 21.97 ? 89  GLN A OE1 1 
ATOM   747 N NE2 . GLN A 1 90 ? 1.286   8.552   18.043  1.00 21.30 ? 89  GLN A NE2 1 
ATOM   748 N N   . PRO A 1 91 ? -1.938  5.829   12.966  1.00 12.58 ? 90  PRO A N   1 
ATOM   749 C CA  . PRO A 1 91 ? -1.751  5.433   11.571  1.00 12.49 ? 90  PRO A CA  1 
ATOM   750 C C   . PRO A 1 91 ? -0.277  5.184   11.285  1.00 12.16 ? 90  PRO A C   1 
ATOM   751 O O   . PRO A 1 91 ? 0.587   5.927   11.769  1.00 12.49 ? 90  PRO A O   1 
ATOM   752 C CB  . PRO A 1 91 ? -2.250  6.647   10.778  1.00 13.28 ? 90  PRO A CB  1 
ATOM   753 C CG  . PRO A 1 91 ? -3.050  7.455   11.713  1.00 14.11 ? 90  PRO A CG  1 
ATOM   754 C CD  . PRO A 1 91 ? -2.623  7.127   13.101  1.00 13.70 ? 90  PRO A CD  1 
ATOM   755 N N   . LYS A 1 92 ? 0.011   4.128   10.534  1.00 11.75 ? 91  LYS A N   1 
ATOM   756 C CA  . LYS A 1 92 ? 1.379   3.822   10.165  1.00 12.31 ? 91  LYS A CA  1 
ATOM   757 C C   . LYS A 1 92 ? 1.635   4.352   8.764   1.00 11.29 ? 91  LYS A C   1 
ATOM   758 O O   . LYS A 1 92 ? 0.918   4.001   7.818   1.00 10.76 ? 91  LYS A O   1 
ATOM   759 C CB  . LYS A 1 92 ? 1.633   2.320   10.226  1.00 13.00 ? 91  LYS A CB  1 
ATOM   760 C CG  . LYS A 1 92 ? 3.068   1.968   9.917   1.00 13.93 ? 91  LYS A CG  1 
ATOM   761 C CD  . LYS A 1 92 ? 3.535   0.690   10.576  1.00 15.21 ? 91  LYS A CD  1 
ATOM   762 C CE  . LYS A 1 92 ? 5.012   0.425   10.285  1.00 17.23 ? 91  LYS A CE  1 
ATOM   763 N NZ  . LYS A 1 92 ? 5.911   1.534   10.709  1.00 20.33 ? 91  LYS A NZ  1 
ATOM   764 N N   . ILE A 1 93 ? 2.649   5.208   8.639   1.00 11.92 ? 92  ILE A N   1 
ATOM   765 C CA  . ILE A 1 93 ? 3.017   5.794   7.358   1.00 12.74 ? 92  ILE A CA  1 
ATOM   766 C C   . ILE A 1 93 ? 4.381   5.257   6.971   1.00 12.58 ? 92  ILE A C   1 
ATOM   767 O O   . ILE A 1 93 ? 5.360   5.426   7.706   1.00 13.15 ? 92  ILE A O   1 
ATOM   768 C CB  . ILE A 1 93 ? 3.038   7.330   7.411   1.00 13.51 ? 92  ILE A CB  1 
ATOM   769 C CG1 . ILE A 1 93 ? 1.642   7.857   7.750   1.00 14.40 ? 92  ILE A CG1 1 
ATOM   770 C CG2 . ILE A 1 93 ? 3.519   7.909   6.080   1.00 13.65 ? 92  ILE A CG2 1 
ATOM   771 C CD1 . ILE A 1 93 ? 1.602   9.337   8.016   1.00 15.21 ? 92  ILE A CD1 1 
ATOM   772 N N   . VAL A 1 94 ? 4.427   4.582   5.827   1.00 12.30 ? 93  VAL A N   1 
ATOM   773 C CA  . VAL A 1 94 ? 5.661   4.015   5.312   1.00 12.88 ? 93  VAL A CA  1 
ATOM   774 C C   . VAL A 1 94 ? 6.008   4.756   4.032   1.00 12.50 ? 93  VAL A C   1 
ATOM   775 O O   . VAL A 1 94 ? 5.252   4.722   3.055   1.00 11.84 ? 93  VAL A O   1 
ATOM   776 C CB  . VAL A 1 94 ? 5.516   2.505   5.043   1.00 12.78 ? 93  VAL A CB  1 
ATOM   777 C CG1 . VAL A 1 94 ? 6.787   1.943   4.432   1.00 13.85 ? 93  VAL A CG1 1 
ATOM   778 C CG2 . VAL A 1 94 ? 5.169   1.773   6.337   1.00 13.68 ? 93  VAL A CG2 1 
ATOM   779 N N   . LYS A 1 95 ? 7.139   5.455   4.052   1.00 13.69 ? 94  LYS A N   1 
ATOM   780 C CA  . LYS A 1 95 ? 7.561   6.255   2.909   1.00 15.02 ? 94  LYS A CA  1 
ATOM   781 C C   . LYS A 1 95 ? 8.122   5.372   1.813   1.00 15.17 ? 94  LYS A C   1 
ATOM   782 O O   . LYS A 1 95 ? 8.763   4.357   2.087   1.00 15.69 ? 94  LYS A O   1 
ATOM   783 C CB  . LYS A 1 95 ? 8.608   7.283   3.341   1.00 15.61 ? 94  LYS A CB  1 
ATOM   784 C CG  . LYS A 1 95 ? 8.076   8.290   4.340   1.00 17.63 ? 94  LYS A CG  1 
ATOM   785 C CD  . LYS A 1 95 ? 9.070   9.404   4.588   1.00 17.72 ? 94  LYS A CD  1 
ATOM   786 C CE  . LYS A 1 95 ? 8.495   10.477  5.491   1.00 19.40 ? 94  LYS A CE  1 
ATOM   787 N NZ  . LYS A 1 95 ? 9.508   11.522  5.791   1.00 20.89 ? 94  LYS A NZ  1 
ATOM   788 N N   . TRP A 1 96 ? 7.863   5.755   0.567   1.00 15.36 ? 95  TRP A N   1 
ATOM   789 C CA  . TRP A 1 96 ? 8.471   5.093   -0.580  1.00 16.37 ? 95  TRP A CA  1 
ATOM   790 C C   . TRP A 1 96 ? 9.926   5.519   -0.706  1.00 17.50 ? 95  TRP A C   1 
ATOM   791 O O   . TRP A 1 96 ? 10.225  6.711   -0.791  1.00 17.42 ? 95  TRP A O   1 
ATOM   792 C CB  . TRP A 1 96 ? 7.729   5.456   -1.869  1.00 15.02 ? 95  TRP A CB  1 
ATOM   793 C CG  . TRP A 1 96 ? 8.357   4.910   -3.116  1.00 14.45 ? 95  TRP A CG  1 
ATOM   794 C CD1 . TRP A 1 96 ? 8.706   3.619   -3.361  1.00 14.47 ? 95  TRP A CD1 1 
ATOM   795 C CD2 . TRP A 1 96 ? 8.682   5.646   -4.301  1.00 14.60 ? 95  TRP A CD2 1 
ATOM   796 N NE1 . TRP A 1 96 ? 9.239   3.502   -4.623  1.00 14.26 ? 95  TRP A NE1 1 
ATOM   797 C CE2 . TRP A 1 96 ? 9.235   4.732   -5.221  1.00 14.89 ? 95  TRP A CE2 1 
ATOM   798 C CE3 . TRP A 1 96 ? 8.568   6.991   -4.668  1.00 15.11 ? 95  TRP A CE3 1 
ATOM   799 C CZ2 . TRP A 1 96 ? 9.671   5.119   -6.487  1.00 15.20 ? 95  TRP A CZ2 1 
ATOM   800 C CZ3 . TRP A 1 96 ? 9.001   7.374   -5.929  1.00 15.68 ? 95  TRP A CZ3 1 
ATOM   801 C CH2 . TRP A 1 96 ? 9.546   6.439   -6.822  1.00 15.61 ? 95  TRP A CH2 1 
ATOM   802 N N   . ASP A 1 97 ? 10.824  4.541   -0.711  1.00 19.26 ? 96  ASP A N   1 
ATOM   803 C CA  . ASP A 1 97 ? 12.213  4.783   -1.081  1.00 20.54 ? 96  ASP A CA  1 
ATOM   804 C C   . ASP A 1 97 ? 12.268  4.926   -2.605  1.00 21.64 ? 96  ASP A C   1 
ATOM   805 O O   . ASP A 1 97 ? 11.840  4.028   -3.328  1.00 21.91 ? 96  ASP A O   1 
ATOM   806 C CB  . ASP A 1 97 ? 13.089  3.622   -0.609  1.00 20.90 ? 96  ASP A CB  1 
ATOM   807 C CG  . ASP A 1 97 ? 14.574  3.887   -0.794  1.00 20.97 ? 96  ASP A CG  1 
ATOM   808 O OD1 . ASP A 1 97 ? 14.961  4.467   -1.830  1.00 23.20 ? 96  ASP A OD1 1 
ATOM   809 O OD2 . ASP A 1 97 ? 15.355  3.500   0.100   1.00 24.19 ? 96  ASP A OD2 1 
ATOM   810 N N   . ARG A 1 98 ? 12.794  6.054   -3.079  1.00 23.10 ? 97  ARG A N   1 
ATOM   811 C CA  . ARG A 1 98 ? 12.813  6.392   -4.510  1.00 24.23 ? 97  ARG A CA  1 
ATOM   812 C C   . ARG A 1 98 ? 13.582  5.390   -5.372  1.00 24.72 ? 97  ARG A C   1 
ATOM   813 O O   . ARG A 1 98 ? 13.336  5.280   -6.576  1.00 24.89 ? 97  ARG A O   1 
ATOM   814 C CB  . ARG A 1 98 ? 13.404  7.791   -4.710  1.00 24.72 ? 97  ARG A CB  1 
ATOM   815 C CG  . ARG A 1 98 ? 12.602  8.886   -4.027  1.00 25.86 ? 97  ARG A CG  1 
ATOM   816 C CD  . ARG A 1 98 ? 12.767  10.251  -4.678  1.00 26.97 ? 97  ARG A CD  1 
ATOM   817 N NE  . ARG A 1 98 ? 11.450  10.795  -4.999  1.00 28.43 ? 97  ARG A NE  1 
ATOM   818 C CZ  . ARG A 1 98 ? 10.718  10.420  -6.047  1.00 29.02 ? 97  ARG A CZ  1 
ATOM   819 N NH1 . ARG A 1 98 ? 11.174  9.513   -6.909  1.00 29.25 ? 97  ARG A NH1 1 
ATOM   820 N NH2 . ARG A 1 98 ? 9.521   10.959  -6.246  1.00 29.96 ? 97  ARG A NH2 1 
ATOM   821 N N   . ASP A 1 99 ? 14.518  4.675   -4.756  1.00 25.17 ? 98  ASP A N   1 
ATOM   822 C CA  . ASP A 1 99 ? 15.277  3.639   -5.437  1.00 25.46 ? 98  ASP A CA  1 
ATOM   823 C C   . ASP A 1 99 ? 14.662  2.270   -5.151  1.00 25.68 ? 98  ASP A C   1 
ATOM   824 O O   . ASP A 1 99 ? 15.338  1.240   -5.178  1.00 25.92 ? 98  ASP A O   1 
ATOM   825 C CB  . ASP A 1 99 ? 16.741  3.693   -4.989  1.00 25.77 ? 98  ASP A CB  1 
ATOM   826 C CG  . ASP A 1 99 ? 17.422  4.984   -5.400  1.00 26.57 ? 98  ASP A CG  1 
ATOM   827 O OD1 . ASP A 1 99 ? 17.478  5.263   -6.617  1.00 27.42 ? 98  ASP A OD1 1 
ATOM   828 O OD2 . ASP A 1 99 ? 17.896  5.721   -4.509  1.00 27.49 ? 98  ASP A OD2 1 
HETATM 829 O O   . HOH B 2 .  ? 3.970   -6.483  3.185   1.00 10.07 ? 100 HOH A O   1 
HETATM 830 O O   . HOH B 2 .  ? -8.749  -3.113  11.860  1.00 11.12 ? 101 HOH A O   1 
HETATM 831 O O   . HOH B 2 .  ? -5.396  6.224   -1.488  1.00 11.31 ? 102 HOH A O   1 
HETATM 832 O O   . HOH B 2 .  ? -4.094  -9.832  -2.535  1.00 13.66 ? 103 HOH A O   1 
HETATM 833 O O   . HOH B 2 .  ? -11.371 -10.580 9.756   1.00 14.00 ? 104 HOH A O   1 
HETATM 834 O O   . HOH B 2 .  ? -9.217  -7.841  16.775  1.00 14.47 ? 105 HOH A O   1 
HETATM 835 O O   . HOH B 2 .  ? -3.165  6.369   -11.139 1.00 14.41 ? 106 HOH A O   1 
HETATM 836 O O   . HOH B 2 .  ? -5.790  1.944   14.704  1.00 12.11 ? 107 HOH A O   1 
HETATM 837 O O   . HOH B 2 .  ? -4.825  2.781   12.843  1.00 16.13 ? 108 HOH A O   1 
HETATM 838 O O   . HOH B 2 .  ? 3.548   11.558  0.975   1.00 17.44 ? 109 HOH A O   1 
HETATM 839 O O   . HOH B 2 .  ? -5.119  5.602   5.313   1.00 14.50 ? 110 HOH A O   1 
HETATM 840 O O   . HOH B 2 .  ? 10.742  0.354   -5.520  1.00 18.54 ? 111 HOH A O   1 
HETATM 841 O O   . HOH B 2 .  ? 0.206   0.045   17.567  1.00 15.28 ? 112 HOH A O   1 
HETATM 842 O O   . HOH B 2 .  ? -11.194 -14.401 9.521   1.00 16.05 ? 113 HOH A O   1 
HETATM 843 O O   . HOH B 2 .  ? 9.035   9.160   -1.648  1.00 17.15 ? 114 HOH A O   1 
HETATM 844 O O   . HOH B 2 .  ? 1.587   3.050   13.650  1.00 18.55 ? 115 HOH A O   1 
HETATM 845 O O   . HOH B 2 .  ? 3.590   6.150   -15.271 1.00 16.62 ? 116 HOH A O   1 
HETATM 846 O O   . HOH B 2 .  ? 4.187   5.937   10.949  1.00 18.41 ? 117 HOH A O   1 
HETATM 847 O O   . HOH B 2 .  ? 1.054   -3.099  15.930  1.00 14.40 ? 118 HOH A O   1 
HETATM 848 O O   . HOH B 2 .  ? 8.852   -0.748  1.839   1.00 16.93 ? 119 HOH A O   1 
HETATM 849 O O   . HOH B 2 .  ? 2.826   -2.795  -10.201 1.00 19.95 ? 120 HOH A O   1 
HETATM 850 O O   . HOH B 2 .  ? 6.388   -7.239  -7.666  1.00 18.53 ? 121 HOH A O   1 
HETATM 851 O O   . HOH B 2 .  ? 2.403   10.981  -9.571  1.00 19.15 ? 122 HOH A O   1 
HETATM 852 O O   . HOH B 2 .  ? -10.313 -12.985 15.398  1.00 19.23 ? 123 HOH A O   1 
HETATM 853 O O   . HOH B 2 .  ? -3.824  8.299   -9.357  1.00 19.24 ? 124 HOH A O   1 
HETATM 854 O O   . HOH B 2 .  ? -1.020  -12.846 16.238  1.00 21.09 ? 125 HOH A O   1 
HETATM 855 O O   . HOH B 2 .  ? -7.721  -21.446 7.444   1.00 21.51 ? 126 HOH A O   1 
HETATM 856 O O   . HOH B 2 .  ? -13.459 -6.934  12.850  1.00 21.36 ? 127 HOH A O   1 
HETATM 857 O O   . HOH B 2 .  ? 5.686   -3.102  8.134   1.00 18.39 ? 128 HOH A O   1 
HETATM 858 O O   . HOH B 2 .  ? -9.066  6.809   3.477   1.00 21.24 ? 129 HOH A O   1 
HETATM 859 O O   . HOH B 2 .  ? 3.819   -9.267  -18.250 1.00 19.02 ? 130 HOH A O   1 
HETATM 860 O O   . HOH B 2 .  ? -8.371  -20.601 4.020   1.00 18.78 ? 131 HOH A O   1 
HETATM 861 O O   . HOH B 2 .  ? 10.168  -4.551  -20.714 1.00 18.44 ? 132 HOH A O   1 
HETATM 862 O O   . HOH B 2 .  ? 11.601  -2.652  -5.200  1.00 21.12 ? 133 HOH A O   1 
HETATM 863 O O   . HOH B 2 .  ? 10.055  1.763   0.028   1.00 23.32 ? 134 HOH A O   1 
HETATM 864 O O   . HOH B 2 .  ? 9.109   5.078   6.265   1.00 20.37 ? 135 HOH A O   1 
HETATM 865 O O   . HOH B 2 .  ? 1.122   8.566   12.124  1.00 26.32 ? 136 HOH A O   1 
HETATM 866 O O   . HOH B 2 .  ? 7.603   -1.232  -23.214 1.00 22.80 ? 137 HOH A O   1 
HETATM 867 O O   . HOH B 2 .  ? -5.278  8.326   9.020   1.00 24.88 ? 138 HOH A O   1 
HETATM 868 O O   . HOH B 2 .  ? 11.062  2.857   -17.817 1.00 22.01 ? 139 HOH A O   1 
HETATM 869 O O   . HOH B 2 .  ? -9.438  -17.545 17.371  1.00 21.65 ? 140 HOH A O   1 
HETATM 870 O O   . HOH B 2 .  ? 9.621   1.225   -10.846 1.00 19.63 ? 141 HOH A O   1 
HETATM 871 O O   . HOH B 2 .  ? 5.839   13.118  -8.673  1.00 26.56 ? 142 HOH A O   1 
HETATM 872 O O   . HOH B 2 .  ? 8.374   -3.929  -23.834 1.00 20.06 ? 143 HOH A O   1 
HETATM 873 O O   . HOH B 2 .  ? -9.444  0.545   9.671   1.00 24.56 ? 144 HOH A O   1 
HETATM 874 O O   . HOH B 2 .  ? 8.216   7.045   -13.867 1.00 23.21 ? 145 HOH A O   1 
HETATM 875 O O   . HOH B 2 .  ? -9.696  -10.274 15.394  1.00 25.52 ? 146 HOH A O   1 
HETATM 876 O O   . HOH B 2 .  ? -9.718  3.690   9.777   1.00 21.77 ? 147 HOH A O   1 
HETATM 877 O O   . HOH B 2 .  ? 3.694   -6.221  -7.033  1.00 21.85 ? 148 HOH A O   1 
HETATM 878 O O   . HOH B 2 .  ? 3.646   4.812   13.413  1.00 29.84 ? 149 HOH A O   1 
HETATM 879 O O   . HOH B 2 .  ? -6.157  11.067  -7.679  1.00 28.09 ? 150 HOH A O   1 
HETATM 880 O O   . HOH B 2 .  ? -7.326  -10.891 -5.027  1.00 26.28 ? 151 HOH A O   1 
HETATM 881 O O   . HOH B 2 .  ? -9.395  -7.459  -7.006  1.00 27.72 ? 152 HOH A O   1 
HETATM 882 O O   . HOH B 2 .  ? 1.472   -2.470  10.816  1.00 26.73 ? 153 HOH A O   1 
HETATM 883 O O   . HOH B 2 .  ? -5.736  12.801  -5.470  1.00 27.78 ? 154 HOH A O   1 
HETATM 884 O O   . HOH B 2 .  ? -0.645  17.925  2.937   1.00 33.56 ? 155 HOH A O   1 
HETATM 885 O O   . HOH B 2 .  ? 2.105   -9.197  12.454  1.00 23.25 ? 156 HOH A O   1 
HETATM 886 O O   . HOH B 2 .  ? -5.996  4.140   15.966  1.00 26.89 ? 157 HOH A O   1 
HETATM 887 O O   . HOH B 2 .  ? 12.055  3.496   -11.981 1.00 28.67 ? 158 HOH A O   1 
HETATM 888 O O   . HOH B 2 .  ? -0.409  16.065  -3.255  1.00 28.99 ? 159 HOH A O   1 
HETATM 889 O O   . HOH B 2 .  ? 3.418   -10.493 6.278   1.00 27.81 ? 160 HOH A O   1 
HETATM 890 O O   . HOH B 2 .  ? -12.839 -15.397 17.963  1.00 31.10 ? 161 HOH A O   1 
HETATM 891 O O   . HOH B 2 .  ? -0.893  11.325  7.690   1.00 34.44 ? 162 HOH A O   1 
HETATM 892 O O   . HOH B 2 .  ? 1.008   0.198   -18.227 1.00 35.60 ? 163 HOH A O   1 
HETATM 893 O O   . HOH B 2 .  ? -7.787  -4.406  -9.219  1.00 31.71 ? 164 HOH A O   1 
HETATM 894 O O   . HOH B 2 .  ? 1.967   -9.459  9.192   1.00 26.80 ? 165 HOH A O   1 
HETATM 895 O O   . HOH B 2 .  ? 2.215   -4.838  -8.763  1.00 30.96 ? 166 HOH A O   1 
HETATM 896 O O   . HOH B 2 .  ? 1.496   17.442  -4.494  1.00 34.65 ? 167 HOH A O   1 
HETATM 897 O O   . HOH B 2 .  ? 3.223   4.676   -20.814 1.00 40.69 ? 168 HOH A O   1 
HETATM 898 O O   . HOH B 2 .  ? -9.425  -2.781  -7.841  1.00 29.74 ? 169 HOH A O   1 
HETATM 899 O O   . HOH B 2 .  ? -4.797  -5.938  -10.337 1.00 28.30 ? 170 HOH A O   1 
HETATM 900 O O   . HOH B 2 .  ? -10.415 -3.128  -1.987  1.00 26.19 ? 171 HOH A O   1 
HETATM 901 O O   . HOH B 2 .  ? 7.078   -1.090  6.934   1.00 28.06 ? 172 HOH A O   1 
HETATM 902 O O   . HOH B 2 .  ? 8.481   9.662   -13.518 1.00 32.02 ? 173 HOH A O   1 
HETATM 903 O O   . HOH B 2 .  ? -1.064  8.293   -8.806  1.00 22.14 ? 174 HOH A O   1 
HETATM 904 O O   . HOH B 2 .  ? -2.887  7.176   19.190  1.00 25.61 ? 175 HOH A O   1 
HETATM 905 O O   . HOH B 2 .  ? 6.047   7.114   -15.891 1.00 34.73 ? 176 HOH A O   1 
HETATM 906 O O   . HOH B 2 .  ? 10.408  4.596   -9.955  1.00 28.30 ? 177 HOH A O   1 
HETATM 907 O O   . HOH B 2 .  ? -6.570  18.455  -0.059  1.00 32.37 ? 178 HOH A O   1 
HETATM 908 O O   . HOH B 2 .  ? 10.015  -8.886  1.085   1.00 36.31 ? 179 HOH A O   1 
HETATM 909 O O   . HOH B 2 .  ? 12.628  3.546   -15.707 1.00 30.77 ? 180 HOH A O   1 
HETATM 910 O O   . HOH B 2 .  ? 9.074   16.366  1.120   1.00 39.33 ? 181 HOH A O   1 
HETATM 911 O O   . HOH B 2 .  ? 12.857  4.968   -24.512 1.00 44.87 ? 182 HOH A O   1 
HETATM 912 O O   . HOH B 2 .  ? 5.320   11.321  3.016   1.00 38.70 ? 183 HOH A O   1 
HETATM 913 O O   . HOH B 2 .  ? -11.215 -3.923  -5.814  1.00 36.71 ? 184 HOH A O   1 
HETATM 914 O O   . HOH B 2 .  ? 6.596   3.970   9.724   1.00 34.54 ? 185 HOH A O   1 
HETATM 915 O O   . HOH B 2 .  ? 3.877   -2.620  10.049  1.00 30.80 ? 186 HOH A O   1 
HETATM 916 O O   . HOH B 2 .  ? 8.395   5.512   -16.106 1.00 32.03 ? 187 HOH A O   1 
HETATM 917 O O   . HOH B 2 .  ? 6.178   1.904   -22.560 1.00 28.61 ? 188 HOH A O   1 
HETATM 918 O O   . HOH B 2 .  ? -1.554  3.687   -19.285 1.00 41.32 ? 189 HOH A O   1 
HETATM 919 O O   . HOH B 2 .  ? 13.927  0.344   -7.626  1.00 38.20 ? 190 HOH A O   1 
# 
loop_
_atom_site_anisotrop.id 
_atom_site_anisotrop.type_symbol 
_atom_site_anisotrop.pdbx_label_atom_id 
_atom_site_anisotrop.pdbx_label_alt_id 
_atom_site_anisotrop.pdbx_label_comp_id 
_atom_site_anisotrop.pdbx_label_asym_id 
_atom_site_anisotrop.pdbx_label_seq_id 
_atom_site_anisotrop.pdbx_PDB_ins_code 
_atom_site_anisotrop.U[1][1] 
_atom_site_anisotrop.U[2][2] 
_atom_site_anisotrop.U[3][3] 
_atom_site_anisotrop.U[1][2] 
_atom_site_anisotrop.U[1][3] 
_atom_site_anisotrop.U[2][3] 
_atom_site_anisotrop.pdbx_auth_seq_id 
_atom_site_anisotrop.pdbx_auth_comp_id 
_atom_site_anisotrop.pdbx_auth_asym_id 
_atom_site_anisotrop.pdbx_auth_atom_id 
1   N N   . MET A 1  ? 0.1237 0.1605 0.1331 -0.0162 -0.0067 0.0184  0   MET A N   
2   C CA  . MET A 1  ? 0.1213 0.1572 0.1269 -0.0089 -0.0072 0.0100  0   MET A CA  
3   C C   . MET A 1  ? 0.1130 0.1439 0.1142 -0.0053 -0.0098 0.0065  0   MET A C   
4   O O   . MET A 1  ? 0.1098 0.1502 0.1097 -0.0050 -0.0088 0.0106  0   MET A O   
5   C CB  . MET A 1  ? 0.1301 0.1704 0.1405 -0.0058 -0.0042 0.0060  0   MET A CB  
6   C CG  . MET A 1  ? 0.1384 0.1615 0.1437 0.0018  -0.0036 0.0050  0   MET A CG  
7   S SD  . MET A 1  ? 0.1423 0.1716 0.1449 -0.0037 -0.0027 -0.0021 0   MET A SD  
8   C CE  . MET A 1  ? 0.1712 0.1674 0.1748 -0.0114 -0.0055 -0.0118 0   MET A CE  
9   N N   . ILE A 2  ? 0.1086 0.1453 0.1091 -0.0116 -0.0115 0.0075  1   ILE A N   
10  C CA  . ILE A 2  ? 0.1168 0.1385 0.1140 -0.0047 -0.0092 0.0062  1   ILE A CA  
11  C C   . ILE A 2  ? 0.1023 0.1305 0.1025 0.0000  -0.0111 0.0061  1   ILE A C   
12  O O   . ILE A 2  ? 0.1064 0.1448 0.1021 -0.0025 -0.0212 0.0154  1   ILE A O   
13  C CB  . ILE A 2  ? 0.1336 0.1414 0.1266 -0.0069 -0.0062 0.0049  1   ILE A CB  
14  C CG1 . ILE A 2  ? 0.1487 0.1553 0.1455 0.0015  -0.0049 0.0009  1   ILE A CG1 
15  C CG2 . ILE A 2  ? 0.1567 0.1642 0.1379 -0.0004 -0.0125 0.0020  1   ILE A CG2 
16  C CD1 . ILE A 2  ? 0.1580 0.1630 0.1586 0.0046  -0.0021 0.0004  1   ILE A CD1 
17  N N   . GLN A 3  ? 0.0943 0.1177 0.0928 0.0010  -0.0062 0.0073  2   GLN A N   
18  C CA  . GLN A 3  ? 0.1000 0.1191 0.0992 0.0032  -0.0059 0.0054  2   GLN A CA  
19  C C   . GLN A 3  ? 0.0917 0.1067 0.0909 0.0065  -0.0036 0.0085  2   GLN A C   
20  O O   . GLN A 3  ? 0.0887 0.1117 0.0909 0.0036  -0.0031 0.0126  2   GLN A O   
21  C CB  . GLN A 3  ? 0.0987 0.1183 0.1053 0.0035  -0.0031 0.0065  2   GLN A CB  
22  C CG  . GLN A 3  ? 0.1055 0.1175 0.1211 0.0040  -0.0107 0.0034  2   GLN A CG  
23  C CD  . GLN A 3  ? 0.1061 0.1275 0.1247 0.0072  -0.0141 -0.0109 2   GLN A CD  
24  O OE1 . GLN A 3  ? 0.1187 0.1541 0.1672 0.0180  -0.0258 -0.0192 2   GLN A OE1 
25  N NE2 . GLN A 3  ? 0.1051 0.1343 0.1164 0.0087  -0.0198 -0.0139 2   GLN A NE2 
26  N N   . ARG A 4  ? 0.0913 0.1164 0.0862 0.0032  -0.0038 0.0079  3   ARG A N   
27  C CA  . ARG A 4  ? 0.1102 0.1285 0.1097 -0.0001 0.0014  0.0045  3   ARG A CA  
28  C C   . ARG A 4  ? 0.1018 0.1208 0.0974 0.0009  0.0008  0.0067  3   ARG A C   
29  O O   . ARG A 4  ? 0.0979 0.1217 0.1004 -0.0066 -0.0056 0.0185  3   ARG A O   
30  C CB  . ARG A 4  ? 0.1200 0.1351 0.1110 0.0073  0.0063  0.0014  3   ARG A CB  
31  C CG  . ARG A 4  ? 0.1634 0.1642 0.1670 0.0020  0.0054  0.0026  3   ARG A CG  
32  C CD  . ARG A 4  ? 0.2029 0.1863 0.2083 0.0008  0.0077  -0.0073 3   ARG A CD  
33  N NE  . ARG A 4  ? 0.2570 0.2551 0.2591 0.0037  0.0034  0.0026  3   ARG A NE  
34  C CZ  . ARG A 4  ? 0.2781 0.2736 0.2677 0.0024  -0.0037 -0.0008 3   ARG A CZ  
35  N NH1 . ARG A 4  ? 0.2898 0.2884 0.2913 0.0046  -0.0043 -0.0021 3   ARG A NH1 
36  N NH2 . ARG A 4  ? 0.2797 0.2869 0.2687 0.0056  -0.0035 -0.0014 3   ARG A NH2 
37  N N   . THR A 5  ? 0.1155 0.1186 0.0991 -0.0059 0.0010  0.0058  4   THR A N   
38  C CA  . THR A 5  ? 0.1283 0.1281 0.1108 -0.0041 0.0030  0.0049  4   THR A CA  
39  C C   . THR A 5  ? 0.1227 0.1270 0.1071 -0.0072 -0.0009 0.0069  4   THR A C   
40  O O   . THR A 5  ? 0.1290 0.1272 0.1027 -0.0032 0.0077  0.0027  4   THR A O   
41  C CB  . THR A 5  ? 0.1539 0.1298 0.1136 -0.0064 -0.0003 -0.0008 4   THR A CB  
42  O OG1 . THR A 5  ? 0.1625 0.1529 0.1279 -0.0051 0.0020  0.0002  4   THR A OG1 
43  C CG2 . THR A 5  ? 0.1504 0.1427 0.1315 -0.0080 -0.0051 0.0073  4   THR A CG2 
44  N N   . PRO A 6  ? 0.1258 0.1354 0.1179 -0.0108 -0.0026 0.0123  5   PRO A N   
45  C CA  . PRO A 6  ? 0.1356 0.1459 0.1213 -0.0148 -0.0083 0.0125  5   PRO A CA  
46  C C   . PRO A 6  ? 0.1385 0.1446 0.1238 -0.0206 -0.0082 0.0111  5   PRO A C   
47  O O   . PRO A 6  ? 0.1442 0.1524 0.1182 -0.0323 -0.0080 0.0063  5   PRO A O   
48  C CB  . PRO A 6  ? 0.1330 0.1582 0.1354 -0.0182 -0.0111 0.0240  5   PRO A CB  
49  C CG  . PRO A 6  ? 0.1447 0.1569 0.1621 -0.0054 -0.0158 0.0178  5   PRO A CG  
50  C CD  . PRO A 6  ? 0.1320 0.1425 0.1397 -0.0085 -0.0079 0.0096  5   PRO A CD  
51  N N   . LYS A 7  ? 0.1421 0.1460 0.1248 -0.0178 -0.0127 0.0091  6   LYS A N   
52  C CA  . LYS A 7  ? 0.1391 0.1488 0.1254 -0.0113 -0.0109 0.0106  6   LYS A CA  
53  C C   . LYS A 7  ? 0.1194 0.1348 0.1055 -0.0108 -0.0051 0.0092  6   LYS A C   
54  O O   . LYS A 7  ? 0.1097 0.1291 0.1010 -0.0142 -0.0052 0.0102  6   LYS A O   
55  C CB  . LYS A 7  ? 0.1586 0.1574 0.1390 -0.0068 -0.0156 0.0094  6   LYS A CB  
56  C CG  . LYS A 7  ? 0.1729 0.1773 0.1610 -0.0056 -0.0076 0.0067  6   LYS A CG  
57  C CD  . LYS A 7  ? 0.1880 0.1893 0.1892 0.0012  -0.0049 0.0014  6   LYS A CD  
58  C CE  . LYS A 7  ? 0.2018 0.2229 0.2099 0.0040  0.0005  0.0001  6   LYS A CE  
59  N NZ  . LYS A 7  ? 0.2262 0.2363 0.2377 0.0100  0.0069  -0.0003 6   LYS A NZ  
60  N N   . ILE A 8  ? 0.1141 0.1378 0.1000 -0.0113 -0.0067 0.0091  7   ILE A N   
61  C CA  . ILE A 8  ? 0.1138 0.1380 0.1102 -0.0109 -0.0027 0.0071  7   ILE A CA  
62  C C   . ILE A 8  ? 0.1101 0.1396 0.1152 -0.0102 -0.0003 0.0069  7   ILE A C   
63  O O   . ILE A 8  ? 0.1175 0.1654 0.1215 -0.0217 -0.0047 0.0057  7   ILE A O   
64  C CB  . ILE A 8  ? 0.1159 0.1381 0.1122 -0.0105 -0.0049 0.0028  7   ILE A CB  
65  C CG1 . ILE A 8  ? 0.1206 0.1415 0.1184 -0.0077 -0.0024 -0.0011 7   ILE A CG1 
66  C CG2 . ILE A 8  ? 0.1335 0.1409 0.1178 -0.0086 -0.0094 0.0066  7   ILE A CG2 
67  C CD1 . ILE A 8  ? 0.1256 0.1499 0.1290 -0.0029 -0.0019 -0.0045 7   ILE A CD1 
68  N N   . GLN A 9  ? 0.1039 0.1371 0.1098 -0.0064 0.0088  0.0068  8   GLN A N   
69  C CA  . GLN A 9  ? 0.1159 0.1419 0.1182 -0.0041 0.0075  0.0074  8   GLN A CA  
70  C C   . GLN A 9  ? 0.1128 0.1370 0.1069 -0.0066 0.0084  0.0050  8   GLN A C   
71  O O   . GLN A 9  ? 0.1134 0.1415 0.1148 -0.0093 0.0066  0.0166  8   GLN A O   
72  C CB  . GLN A 9  ? 0.1163 0.1476 0.1272 -0.0013 0.0111  0.0072  8   GLN A CB  
73  C CG  . GLN A 9  ? 0.1357 0.1602 0.1497 0.0036  0.0024  0.0039  8   GLN A CG  
74  C CD  . GLN A 9  ? 0.1477 0.1608 0.1608 0.0072  0.0083  0.0053  8   GLN A CD  
75  O OE1 . GLN A 9  ? 0.1663 0.1782 0.2070 0.0057  0.0071  -0.0050 8   GLN A OE1 
76  N NE2 . GLN A 9  ? 0.1799 0.2202 0.2238 0.0237  0.0165  -0.0096 8   GLN A NE2 
77  N N   . VAL A 10 ? 0.1050 0.1339 0.1036 -0.0036 0.0081  0.0077  9   VAL A N   
78  C CA  . VAL A 10 ? 0.1111 0.1368 0.1092 -0.0038 0.0121  0.0053  9   VAL A CA  
79  C C   . VAL A 10 ? 0.1069 0.1391 0.1073 -0.0018 0.0108  0.0049  9   VAL A C   
80  O O   . VAL A 10 ? 0.1086 0.1575 0.1194 -0.0095 0.0125  0.0000  9   VAL A O   
81  C CB  . VAL A 10 ? 0.1155 0.1358 0.1129 -0.0069 0.0106  0.0049  9   VAL A CB  
82  C CG1 . VAL A 10 ? 0.1437 0.1455 0.1295 -0.0017 0.0038  0.0091  9   VAL A CG1 
83  C CG2 . VAL A 10 ? 0.1252 0.1389 0.1175 -0.0093 0.0166  0.0014  9   VAL A CG2 
84  N N   . TYR A 11 ? 0.1068 0.1407 0.1014 -0.0016 0.0137  0.0034  10  TYR A N   
85  C CA  . TYR A 11 ? 0.1187 0.1366 0.1063 0.0028  0.0151  0.0035  10  TYR A CA  
86  C C   . TYR A 11 ? 0.1194 0.1316 0.1027 0.0064  0.0185  0.0054  10  TYR A C   
87  O O   . TYR A 11 ? 0.1248 0.1351 0.1090 0.0118  0.0211  0.0150  10  TYR A O   
88  C CB  . TYR A 11 ? 0.1284 0.1417 0.1130 0.0066  0.0135  0.0018  10  TYR A CB  
89  C CG  . TYR A 11 ? 0.1265 0.1316 0.1208 0.0118  0.0160  0.0050  10  TYR A CG  
90  C CD1 . TYR A 11 ? 0.1380 0.1548 0.1266 0.0110  0.0172  0.0068  10  TYR A CD1 
91  C CD2 . TYR A 11 ? 0.1295 0.1305 0.1211 0.0105  0.0184  0.0024  10  TYR A CD2 
92  C CE1 . TYR A 11 ? 0.1508 0.1594 0.1520 0.0028  0.0119  0.0093  10  TYR A CE1 
93  C CE2 . TYR A 11 ? 0.1380 0.1354 0.1353 0.0079  0.0109  0.0053  10  TYR A CE2 
94  C CZ  . TYR A 11 ? 0.1364 0.1459 0.1527 0.0034  0.0175  0.0042  10  TYR A CZ  
95  O OH  . TYR A 11 ? 0.1605 0.1507 0.1851 -0.0080 0.0149  0.0102  10  TYR A OH  
96  N N   . SER A 12 ? 0.1219 0.1350 0.1032 0.0087  0.0187  0.0043  11  SER A N   
97  C CA  . SER A 12 ? 0.1282 0.1323 0.1067 0.0083  0.0150  0.0031  11  SER A CA  
98  C C   . SER A 12 ? 0.1263 0.1256 0.1092 0.0116  0.0197  0.0031  11  SER A C   
99  O O   . SER A 12 ? 0.1329 0.1438 0.1144 0.0200  0.0161  0.0010  11  SER A O   
100 C CB  . SER A 12 ? 0.1455 0.1358 0.1081 0.0049  0.0147  0.0023  11  SER A CB  
101 O OG  . SER A 12 ? 0.1585 0.1662 0.1336 -0.0033 0.0137  0.0181  11  SER A OG  
102 N N   . ARG A 13 ? 0.1235 0.1213 0.1058 0.0155  0.0205  -0.0015 12  ARG A N   
103 C CA  . ARG A 13 ? 0.1288 0.1232 0.1107 0.0138  0.0153  -0.0023 12  ARG A CA  
104 C C   . ARG A 13 ? 0.1289 0.1239 0.1116 0.0168  0.0158  -0.0017 12  ARG A C   
105 O O   . ARG A 13 ? 0.1325 0.1424 0.1206 0.0245  0.0217  -0.0008 12  ARG A O   
106 C CB  . ARG A 13 ? 0.1350 0.1284 0.1141 0.0089  0.0159  -0.0071 12  ARG A CB  
107 C CG  . ARG A 13 ? 0.1462 0.1311 0.1231 0.0080  0.0134  -0.0004 12  ARG A CG  
108 C CD  . ARG A 13 ? 0.1507 0.1463 0.1319 0.0104  0.0181  0.0000  12  ARG A CD  
109 N NE  . ARG A 13 ? 0.1670 0.1584 0.1472 0.0205  0.0182  0.0045  12  ARG A NE  
110 C CZ  . ARG A 13 ? 0.1548 0.1680 0.1539 0.0308  0.0147  0.0073  12  ARG A CZ  
111 N NH1 . ARG A 13 ? 0.1609 0.1935 0.1434 0.0247  0.0123  0.0009  12  ARG A NH1 
112 N NH2 . ARG A 13 ? 0.1858 0.1814 0.1582 0.0235  0.0088  0.0203  12  ARG A NH2 
113 N N   . HIS A 14 ? 0.1224 0.1187 0.1065 0.0148  0.0159  -0.0015 13  HIS A N   
114 C CA  . HIS A 14 ? 0.1330 0.1196 0.1118 0.0147  0.0117  0.0000  13  HIS A CA  
115 C C   . HIS A 14 ? 0.1332 0.1182 0.1112 0.0160  0.0088  -0.0008 13  HIS A C   
116 O O   . HIS A 14 ? 0.1369 0.1145 0.1205 0.0180  0.0033  -0.0049 13  HIS A O   
117 C CB  . HIS A 14 ? 0.1368 0.1237 0.1126 0.0139  0.0175  -0.0005 13  HIS A CB  
118 C CG  . HIS A 14 ? 0.1560 0.1254 0.1288 0.0146  0.0168  -0.0045 13  HIS A CG  
119 N ND1 . HIS A 14 ? 0.1706 0.1414 0.1636 0.0085  0.0113  0.0081  13  HIS A ND1 
120 C CD2 . HIS A 14 ? 0.1658 0.1477 0.1682 0.0135  0.0084  -0.0033 13  HIS A CD2 
121 C CE1 . HIS A 14 ? 0.1808 0.1556 0.1670 -0.0035 0.0100  -0.0051 13  HIS A CE1 
122 N NE2 . HIS A 14 ? 0.1839 0.1671 0.1846 -0.0009 0.0024  -0.0165 13  HIS A NE2 
123 N N   . PRO A 15 ? 0.1384 0.1256 0.1234 0.0192  0.0028  -0.0054 14  PRO A N   
124 C CA  . PRO A 15 ? 0.1484 0.1332 0.1299 0.0153  0.0002  -0.0027 14  PRO A CA  
125 C C   . PRO A 15 ? 0.1557 0.1349 0.1305 0.0141  0.0015  -0.0064 14  PRO A C   
126 O O   . PRO A 15 ? 0.1820 0.1352 0.1261 0.0244  0.0020  -0.0039 14  PRO A O   
127 C CB  . PRO A 15 ? 0.1491 0.1433 0.1417 0.0153  -0.0017 -0.0053 14  PRO A CB  
128 C CG  . PRO A 15 ? 0.1567 0.1518 0.1531 0.0166  -0.0041 -0.0029 14  PRO A CG  
129 C CD  . PRO A 15 ? 0.1425 0.1364 0.1376 0.0183  0.0015  -0.0020 14  PRO A CD  
130 N N   . ALA A 16 ? 0.1639 0.1355 0.1337 0.0169  0.0012  -0.0002 15  ALA A N   
131 C CA  . ALA A 16 ? 0.1726 0.1488 0.1481 0.0134  0.0049  -0.0027 15  ALA A CA  
132 C C   . ALA A 16 ? 0.1868 0.1562 0.1571 0.0124  0.0028  -0.0023 15  ALA A C   
133 O O   . ALA A 16 ? 0.1971 0.1651 0.1563 0.0142  0.0087  -0.0058 15  ALA A O   
134 C CB  . ALA A 16 ? 0.1751 0.1456 0.1484 0.0133  0.0067  0.0008  15  ALA A CB  
135 N N   . GLU A 17 ? 0.2006 0.1789 0.1733 0.0103  0.0002  -0.0046 16  GLU A N   
136 C CA  . GLU A 17 ? 0.2130 0.2012 0.1898 0.0073  -0.0051 -0.0011 16  GLU A CA  
137 C C   . GLU A 17 ? 0.2232 0.2081 0.1966 0.0083  -0.0067 -0.0008 16  GLU A C   
138 O O   . GLU A 17 ? 0.2381 0.2254 0.2055 0.0094  -0.0130 0.0026  16  GLU A O   
139 C CB  . GLU A 17 ? 0.2265 0.2159 0.2114 0.0039  -0.0086 -0.0011 16  GLU A CB  
140 C CG  . GLU A 17 ? 0.2501 0.2481 0.2486 0.0040  -0.0026 -0.0029 16  GLU A CG  
141 C CD  . GLU A 17 ? 0.2826 0.2778 0.2731 0.0018  -0.0002 0.0008  16  GLU A CD  
142 O OE1 . GLU A 17 ? 0.3009 0.3121 0.3012 0.0009  0.0058  0.0024  16  GLU A OE1 
143 O OE2 . GLU A 17 ? 0.2890 0.2874 0.2975 0.0033  -0.0025 -0.0005 16  GLU A OE2 
144 N N   . ASN A 18 ? 0.2250 0.2094 0.1977 0.0071  -0.0063 0.0001  17  ASN A N   
145 C CA  . ASN A 18 ? 0.2218 0.2067 0.1994 0.0067  -0.0053 0.0004  17  ASN A CA  
146 C C   . ASN A 18 ? 0.2167 0.1992 0.1887 0.0085  -0.0033 0.0016  17  ASN A C   
147 O O   . ASN A 18 ? 0.2142 0.1892 0.1816 0.0131  -0.0028 0.0004  17  ASN A O   
148 C CB  . ASN A 18 ? 0.2293 0.2204 0.2112 0.0060  -0.0044 -0.0015 17  ASN A CB  
149 C CG  . ASN A 18 ? 0.2440 0.2309 0.2271 0.0065  -0.0058 0.0013  17  ASN A CG  
150 O OD1 . ASN A 18 ? 0.2878 0.2755 0.2725 -0.0028 0.0059  0.0055  17  ASN A OD1 
151 N ND2 . ASN A 18 ? 0.2673 0.2797 0.2731 0.0073  0.0029  -0.0021 17  ASN A ND2 
152 N N   . GLY A 19 ? 0.2086 0.1889 0.1811 0.0098  -0.0034 0.0019  18  GLY A N   
153 C CA  . GLY A 19 ? 0.2095 0.1963 0.1855 0.0078  0.0011  0.0007  18  GLY A CA  
154 C C   . GLY A 19 ? 0.2074 0.1939 0.1865 0.0085  0.0031  0.0040  18  GLY A C   
155 O O   . GLY A 19 ? 0.2131 0.1977 0.1853 0.0089  0.0074  0.0002  18  GLY A O   
156 N N   . LYS A 20 ? 0.2103 0.1939 0.1771 0.0101  0.0090  0.0030  19  LYS A N   
157 C CA  . LYS A 20 ? 0.2118 0.1976 0.1834 0.0067  0.0069  0.0031  19  LYS A CA  
158 C C   . LYS A 20 ? 0.2130 0.1967 0.1780 0.0086  0.0067  -0.0002 19  LYS A C   
159 O O   . LYS A 20 ? 0.2337 0.2047 0.2010 0.0063  0.0104  -0.0067 19  LYS A O   
160 C CB  . LYS A 20 ? 0.2255 0.2039 0.1946 0.0067  0.0037  0.0040  19  LYS A CB  
161 C CG  . LYS A 20 ? 0.2452 0.2363 0.2227 0.0060  0.0085  0.0069  19  LYS A CG  
162 C CD  . LYS A 20 ? 0.2595 0.2589 0.2545 0.0024  0.0037  0.0009  19  LYS A CD  
163 C CE  . LYS A 20 ? 0.2597 0.2686 0.2624 0.0014  0.0080  0.0027  19  LYS A CE  
164 N NZ  . LYS A 20 ? 0.2726 0.2799 0.2820 -0.0039 0.0023  0.0007  19  LYS A NZ  
165 N N   . SER A 21 ? 0.1974 0.1871 0.1563 0.0146  0.0065  0.0000  20  SER A N   
166 C CA  . SER A 21 ? 0.1910 0.1887 0.1585 0.0141  0.0058  0.0051  20  SER A CA  
167 C C   . SER A 21 ? 0.1745 0.1732 0.1460 0.0182  0.0083  0.0051  20  SER A C   
168 O O   . SER A 21 ? 0.1751 0.1723 0.1395 0.0279  0.0079  0.0065  20  SER A O   
169 C CB  . SER A 21 ? 0.1985 0.2068 0.1660 0.0098  0.0053  0.0028  20  SER A CB  
170 O OG  . SER A 21 ? 0.2373 0.2568 0.2178 0.0111  -0.0101 0.0116  20  SER A OG  
171 N N   . ASN A 22 ? 0.1617 0.1629 0.1387 0.0196  0.0122  0.0084  21  ASN A N   
172 C CA  . ASN A 22 ? 0.1549 0.1583 0.1334 0.0146  0.0149  0.0067  21  ASN A CA  
173 C C   . ASN A 22 ? 0.1457 0.1487 0.1257 0.0171  0.0158  0.0063  21  ASN A C   
174 O O   . ASN A 22 ? 0.1445 0.1497 0.1262 0.0215  0.0201  0.0128  21  ASN A O   
175 C CB  . ASN A 22 ? 0.1572 0.1643 0.1385 0.0107  0.0193  0.0056  21  ASN A CB  
176 C CG  . ASN A 22 ? 0.1667 0.1695 0.1477 0.0075  0.0144  0.0045  21  ASN A CG  
177 O OD1 . ASN A 22 ? 0.1877 0.1858 0.1696 -0.0062 0.0160  0.0207  21  ASN A OD1 
178 N ND2 . ASN A 22 ? 0.1829 0.1902 0.1695 -0.0034 0.0226  0.0026  21  ASN A ND2 
179 N N   . PHE A 23 ? 0.1334 0.1440 0.1157 0.0168  0.0172  0.0079  22  PHE A N   
180 C CA  . PHE A 23 ? 0.1306 0.1380 0.1151 0.0125  0.0118  0.0025  22  PHE A CA  
181 C C   . PHE A 23 ? 0.1221 0.1258 0.1077 0.0138  0.0116  0.0055  22  PHE A C   
182 O O   . PHE A 23 ? 0.1247 0.1373 0.0977 0.0209  0.0108  0.0033  22  PHE A O   
183 C CB  . PHE A 23 ? 0.1420 0.1512 0.1348 0.0095  0.0115  -0.0014 22  PHE A CB  
184 C CG  . PHE A 23 ? 0.1525 0.1590 0.1377 0.0101  0.0026  -0.0030 22  PHE A CG  
185 C CD1 . PHE A 23 ? 0.1562 0.1718 0.1554 0.0082  -0.0039 -0.0046 22  PHE A CD1 
186 C CD2 . PHE A 23 ? 0.1770 0.1796 0.1449 0.0039  -0.0011 -0.0023 22  PHE A CD2 
187 C CE1 . PHE A 23 ? 0.1723 0.1914 0.1704 0.0095  -0.0111 -0.0013 22  PHE A CE1 
188 C CE2 . PHE A 23 ? 0.1809 0.1790 0.1585 0.0086  -0.0082 -0.0013 22  PHE A CE2 
189 C CZ  . PHE A 23 ? 0.1860 0.1931 0.1743 0.0089  -0.0104 -0.0062 22  PHE A CZ  
190 N N   . LEU A 24 ? 0.1165 0.1134 0.0994 0.0111  0.0115  0.0055  23  LEU A N   
191 C CA  . LEU A 24 ? 0.1171 0.1154 0.1043 0.0056  0.0099  0.0045  23  LEU A CA  
192 C C   . LEU A 24 ? 0.1121 0.1104 0.1009 0.0030  0.0092  0.0019  23  LEU A C   
193 O O   . LEU A 24 ? 0.1180 0.1105 0.1029 0.0056  0.0062  0.0110  23  LEU A O   
194 C CB  . LEU A 24 ? 0.1205 0.1156 0.1113 0.0007  0.0105  0.0023  23  LEU A CB  
195 C CG  . LEU A 24 ? 0.1342 0.1198 0.1159 0.0015  0.0074  -0.0004 23  LEU A CG  
196 C CD1 . LEU A 24 ? 0.1551 0.1538 0.1307 -0.0032 -0.0007 0.0024  23  LEU A CD1 
197 C CD2 . LEU A 24 ? 0.1498 0.1196 0.1281 0.0033  0.0102  -0.0004 23  LEU A CD2 
198 N N   . ASN A 25 ? 0.1098 0.1105 0.1012 0.0048  0.0084  0.0051  24  ASN A N   
199 C CA  . ASN A 25 ? 0.1115 0.1093 0.0925 0.0042  0.0068  0.0032  24  ASN A CA  
200 C C   . ASN A 25 ? 0.1101 0.1134 0.0935 0.0010  0.0060  0.0048  24  ASN A C   
201 O O   . ASN A 25 ? 0.1122 0.1252 0.0927 -0.0004 0.0093  0.0094  24  ASN A O   
202 C CB  . ASN A 25 ? 0.1155 0.1065 0.1019 0.0058  0.0073  0.0039  24  ASN A CB  
203 C CG  . ASN A 25 ? 0.1300 0.1297 0.1110 0.0163  0.0152  0.0025  24  ASN A CG  
204 O OD1 . ASN A 25 ? 0.1896 0.1520 0.1442 0.0217  0.0344  0.0081  24  ASN A OD1 
205 N ND2 . ASN A 25 ? 0.1449 0.1468 0.1206 0.0136  0.0060  -0.0169 24  ASN A ND2 
206 N N   . CYS A 26 ? 0.1106 0.1152 0.0894 -0.0049 0.0061  0.0017  25  CYS A N   
207 C CA  . CYS A 26 ? 0.1135 0.1162 0.0936 -0.0002 0.0031  0.0015  25  CYS A CA  
208 C C   . CYS A 26 ? 0.1089 0.1172 0.0936 0.0032  0.0041  0.0022  25  CYS A C   
209 O O   . CYS A 26 ? 0.1133 0.1193 0.1073 0.0075  -0.0027 0.0139  25  CYS A O   
210 C CB  . CYS A 26 ? 0.1226 0.1159 0.0946 -0.0027 0.0039  0.0023  25  CYS A CB  
211 S SG  . CYS A 26 ? 0.1567 0.1271 0.0984 -0.0182 0.0099  0.0025  25  CYS A SG  
212 N N   . TYR A 27 ? 0.1024 0.1118 0.0932 0.0026  0.0096  -0.0024 26  TYR A N   
213 C CA  . TYR A 27 ? 0.1036 0.1128 0.0970 0.0029  0.0057  -0.0002 26  TYR A CA  
214 C C   . TYR A 27 ? 0.0962 0.1029 0.0962 0.0034  0.0050  0.0020  26  TYR A C   
215 O O   . TYR A 27 ? 0.0917 0.1160 0.0957 0.0030  0.0071  -0.0001 26  TYR A O   
216 C CB  . TYR A 27 ? 0.1139 0.1288 0.1119 0.0035  0.0120  -0.0033 26  TYR A CB  
217 C CG  . TYR A 27 ? 0.1252 0.1268 0.1136 0.0027  0.0129  -0.0072 26  TYR A CG  
218 C CD1 . TYR A 27 ? 0.1266 0.1426 0.1436 0.0053  0.0228  -0.0147 26  TYR A CD1 
219 C CD2 . TYR A 27 ? 0.1428 0.1335 0.1385 0.0061  0.0108  -0.0020 26  TYR A CD2 
220 C CE1 . TYR A 27 ? 0.1405 0.1491 0.1439 -0.0076 0.0281  -0.0084 26  TYR A CE1 
221 C CE2 . TYR A 27 ? 0.1602 0.1402 0.1473 0.0004  0.0159  -0.0011 26  TYR A CE2 
222 C CZ  . TYR A 27 ? 0.1612 0.1392 0.1472 -0.0062 0.0233  -0.0053 26  TYR A CZ  
223 O OH  . TYR A 27 ? 0.1843 0.1445 0.1899 -0.0062 0.0184  0.0054  26  TYR A OH  
224 N N   . VAL A 28 ? 0.0911 0.1092 0.0846 0.0024  0.0016  0.0003  27  VAL A N   
225 C CA  . VAL A 28 ? 0.0921 0.1099 0.0866 0.0017  -0.0001 -0.0006 27  VAL A CA  
226 C C   . VAL A 28 ? 0.0888 0.1109 0.0932 0.0011  -0.0048 -0.0035 27  VAL A C   
227 O O   . VAL A 28 ? 0.0879 0.1202 0.0989 -0.0090 -0.0088 0.0025  27  VAL A O   
228 C CB  . VAL A 28 ? 0.0915 0.1082 0.0854 0.0008  0.0012  0.0002  27  VAL A CB  
229 C CG1 . VAL A 28 ? 0.1134 0.1161 0.0899 -0.0014 0.0059  -0.0068 27  VAL A CG1 
230 C CG2 . VAL A 28 ? 0.1165 0.1190 0.1006 0.0081  0.0102  0.0052  27  VAL A CG2 
231 N N   . SER A 29 ? 0.0924 0.1116 0.0976 0.0046  -0.0050 -0.0014 28  SER A N   
232 C CA  . SER A 29 ? 0.0950 0.1149 0.1003 0.0057  -0.0014 0.0003  28  SER A CA  
233 C C   . SER A 29 ? 0.0981 0.1156 0.0981 0.0065  -0.0030 0.0013  28  SER A C   
234 O O   . SER A 29 ? 0.1029 0.1218 0.0994 0.0035  -0.0098 0.0080  28  SER A O   
235 C CB  . SER A 29 ? 0.1013 0.1186 0.1102 0.0071  0.0049  0.0033  28  SER A CB  
236 O OG  . SER A 29 ? 0.1055 0.1387 0.1312 0.0096  0.0058  0.0003  28  SER A OG  
237 N N   . GLY A 30 ? 0.1037 0.1095 0.0965 0.0084  -0.0038 0.0058  29  GLY A N   
238 C CA  . GLY A 30 ? 0.1128 0.1199 0.1039 0.0103  -0.0025 0.0074  29  GLY A CA  
239 C C   . GLY A 30 ? 0.1188 0.1274 0.0989 0.0100  -0.0039 0.0092  29  GLY A C   
240 O O   . GLY A 30 ? 0.1505 0.1629 0.1075 0.0282  -0.0051 0.0197  29  GLY A O   
241 N N   . PHE A 31 ? 0.1107 0.1191 0.0867 0.0091  0.0024  0.0062  30  PHE A N   
242 C CA  . PHE A 31 ? 0.1020 0.1153 0.0908 0.0022  -0.0019 0.0013  30  PHE A CA  
243 C C   . PHE A 31 ? 0.1028 0.1092 0.0878 0.0023  -0.0044 -0.0018 30  PHE A C   
244 O O   . PHE A 31 ? 0.1015 0.1065 0.0818 0.0005  -0.0027 -0.0069 30  PHE A O   
245 C CB  . PHE A 31 ? 0.1069 0.1163 0.0925 -0.0026 0.0049  -0.0030 30  PHE A CB  
246 C CG  . PHE A 31 ? 0.0972 0.1100 0.0906 -0.0041 0.0051  0.0012  30  PHE A CG  
247 C CD1 . PHE A 31 ? 0.0928 0.1064 0.0917 0.0033  0.0023  0.0018  30  PHE A CD1 
248 C CD2 . PHE A 31 ? 0.1015 0.1085 0.0979 0.0009  0.0103  -0.0064 30  PHE A CD2 
249 C CE1 . PHE A 31 ? 0.1062 0.1118 0.0863 0.0026  0.0082  -0.0006 30  PHE A CE1 
250 C CE2 . PHE A 31 ? 0.1011 0.1021 0.1102 -0.0055 0.0048  -0.0047 30  PHE A CE2 
251 C CZ  . PHE A 31 ? 0.1062 0.1049 0.0952 -0.0001 -0.0008 0.0024  30  PHE A CZ  
252 N N   . HIS A 32 ? 0.0932 0.1082 0.0790 0.0028  -0.0071 0.0009  31  HIS A N   
253 C CA  . HIS A 32 ? 0.0936 0.1069 0.0887 0.0004  -0.0076 0.0037  31  HIS A CA  
254 C C   . HIS A 32 ? 0.0910 0.1067 0.0897 0.0023  -0.0066 0.0070  31  HIS A C   
255 O O   . HIS A 32 ? 0.0862 0.1092 0.0812 0.0049  -0.0118 0.0109  31  HIS A O   
256 C CB  . HIS A 32 ? 0.1053 0.1109 0.0930 0.0013  -0.0051 0.0031  31  HIS A CB  
257 C CG  . HIS A 32 ? 0.1097 0.1138 0.1022 -0.0051 -0.0045 -0.0051 31  HIS A CG  
258 N ND1 . HIS A 32 ? 0.1088 0.1479 0.1155 -0.0102 -0.0059 0.0093  31  HIS A ND1 
259 C CD2 . HIS A 32 ? 0.1248 0.1451 0.1101 -0.0129 -0.0106 0.0035  31  HIS A CD2 
260 C CE1 . HIS A 32 ? 0.1260 0.1605 0.1246 -0.0149 -0.0095 0.0096  31  HIS A CE1 
261 N NE2 . HIS A 32 ? 0.1286 0.1514 0.1381 -0.0174 -0.0076 0.0093  31  HIS A NE2 
262 N N   . PRO A 33 ? 0.0932 0.1222 0.0942 0.0040  -0.0027 0.0015  32  PRO A N   
263 C CA  . PRO A 33 ? 0.0914 0.1238 0.0998 0.0038  -0.0077 0.0041  32  PRO A CA  
264 C C   . PRO A 33 ? 0.0804 0.1151 0.0908 0.0058  -0.0089 0.0015  32  PRO A C   
265 O O   . PRO A 33 ? 0.0789 0.1144 0.0887 0.0059  -0.0103 -0.0005 32  PRO A O   
266 C CB  . PRO A 33 ? 0.1027 0.1406 0.1083 0.0037  -0.0037 0.0060  32  PRO A CB  
267 C CG  . PRO A 33 ? 0.1059 0.1462 0.1246 0.0078  0.0037  -0.0045 32  PRO A CG  
268 C CD  . PRO A 33 ? 0.1030 0.1284 0.1037 0.0012  0.0009  -0.0018 32  PRO A CD  
269 N N   . SER A 34 ? 0.0858 0.1107 0.0967 -0.0008 -0.0139 -0.0003 33  SER A N   
270 C CA  . SER A 34 ? 0.0907 0.1113 0.0941 0.0046  -0.0128 -0.0009 33  SER A CA  
271 C C   . SER A 34 ? 0.0899 0.1046 0.0900 -0.0003 -0.0149 -0.0011 33  SER A C   
272 O O   . SER A 34 ? 0.1045 0.1091 0.0916 0.0058  -0.0152 0.0047  33  SER A O   
273 C CB  . SER A 34 ? 0.0979 0.1154 0.0993 0.0063  -0.0169 0.0003  33  SER A CB  
274 O OG  . SER A 34 ? 0.0869 0.1267 0.1193 0.0091  -0.0237 -0.0115 33  SER A OG  
275 N N   . ASP A 35 ? 0.0827 0.1002 0.0863 -0.0019 -0.0095 0.0059  34  ASP A N   
276 C CA  . ASP A 35 ? 0.0824 0.1032 0.0833 -0.0003 -0.0070 0.0033  34  ASP A CA  
277 C C   . ASP A 35 ? 0.0783 0.0994 0.0810 0.0037  -0.0047 0.0039  34  ASP A C   
278 O O   . ASP A 35 ? 0.0814 0.1074 0.0838 -0.0009 -0.0163 0.0081  34  ASP A O   
279 C CB  . ASP A 35 ? 0.0878 0.1139 0.0949 0.0001  -0.0077 0.0006  34  ASP A CB  
280 C CG  . ASP A 35 ? 0.1129 0.1351 0.1052 -0.0040 0.0096  -0.0055 34  ASP A CG  
281 O OD1 . ASP A 35 ? 0.1291 0.1594 0.1457 -0.0032 -0.0052 0.0134  34  ASP A OD1 
282 O OD2 . ASP A 35 ? 0.1194 0.1998 0.1486 0.0057  -0.0082 0.0127  34  ASP A OD2 
283 N N   . ILE A 36 ? 0.0730 0.1014 0.0784 0.0024  -0.0078 0.0006  35  ILE A N   
284 C CA  . ILE A 36 ? 0.0769 0.1033 0.0863 0.0009  -0.0062 0.0000  35  ILE A CA  
285 C C   . ILE A 36 ? 0.0776 0.1026 0.0898 0.0015  -0.0035 0.0042  35  ILE A C   
286 O O   . ILE A 36 ? 0.0794 0.1119 0.0967 0.0001  -0.0098 0.0066  35  ILE A O   
287 C CB  . ILE A 36 ? 0.0800 0.1027 0.0898 0.0043  -0.0047 -0.0021 35  ILE A CB  
288 C CG1 . ILE A 36 ? 0.0767 0.1066 0.0914 0.0050  -0.0028 -0.0056 35  ILE A CG1 
289 C CG2 . ILE A 36 ? 0.0845 0.1332 0.0951 -0.0005 -0.0044 -0.0088 35  ILE A CG2 
290 C CD1 . ILE A 36 ? 0.0801 0.1083 0.1135 0.0034  -0.0072 -0.0083 35  ILE A CD1 
291 N N   . GLU A 37 ? 0.0871 0.1087 0.0892 -0.0002 -0.0079 0.0058  36  GLU A N   
292 C CA  . GLU A 37 ? 0.0931 0.1122 0.0974 -0.0005 -0.0016 0.0042  36  GLU A CA  
293 C C   . GLU A 37 ? 0.0896 0.1070 0.0935 -0.0028 -0.0005 0.0051  36  GLU A C   
294 O O   . GLU A 37 ? 0.0942 0.1280 0.0921 -0.0073 -0.0017 0.0077  36  GLU A O   
295 C CB  . GLU A 37 ? 0.0998 0.1154 0.1031 0.0030  0.0018  -0.0005 36  GLU A CB  
296 C CG  . GLU A 37 ? 0.1215 0.1300 0.1273 0.0012  0.0010  0.0039  36  GLU A CG  
297 C CD  . GLU A 37 ? 0.1663 0.1482 0.1587 0.0060  0.0088  0.0017  36  GLU A CD  
298 O OE1 . GLU A 37 ? 0.2481 0.1799 0.1943 0.0106  -0.0003 -0.0167 36  GLU A OE1 
299 O OE2 . GLU A 37 ? 0.2103 0.1831 0.2132 0.0238  0.0143  0.0048  36  GLU A OE2 
300 N N   . VAL A 38 ? 0.0909 0.1135 0.0915 -0.0002 -0.0031 0.0055  37  VAL A N   
301 C CA  . VAL A 38 ? 0.0938 0.1118 0.0997 -0.0023 0.0016  0.0060  37  VAL A CA  
302 C C   . VAL A 38 ? 0.0953 0.1142 0.1006 -0.0032 0.0026  0.0101  37  VAL A C   
303 O O   . VAL A 38 ? 0.1075 0.1258 0.1013 -0.0024 -0.0021 0.0161  37  VAL A O   
304 C CB  . VAL A 38 ? 0.0961 0.1164 0.1002 -0.0020 0.0032  0.0056  37  VAL A CB  
305 C CG1 . VAL A 38 ? 0.1117 0.1295 0.1094 0.0048  0.0106  0.0097  37  VAL A CG1 
306 C CG2 . VAL A 38 ? 0.0959 0.1181 0.1044 0.0033  -0.0033 0.0090  37  VAL A CG2 
307 N N   . ASP A 39 ? 0.1045 0.1172 0.1035 -0.0044 0.0055  0.0110  38  ASP A N   
308 C CA  . ASP A 39 ? 0.1133 0.1172 0.1126 -0.0006 0.0089  0.0079  38  ASP A CA  
309 C C   . ASP A 39 ? 0.1171 0.1137 0.1133 -0.0052 0.0099  0.0060  38  ASP A C   
310 O O   . ASP A 39 ? 0.1175 0.1324 0.1140 -0.0102 0.0088  0.0127  38  ASP A O   
311 C CB  . ASP A 39 ? 0.1297 0.1225 0.1266 -0.0010 0.0107  0.0075  38  ASP A CB  
312 C CG  . ASP A 39 ? 0.1488 0.1457 0.1537 0.0116  0.0155  0.0006  38  ASP A CG  
313 O OD1 . ASP A 39 ? 0.1436 0.1736 0.1703 0.0266  0.0148  -0.0038 38  ASP A OD1 
314 O OD2 . ASP A 39 ? 0.1843 0.2003 0.1735 0.0122  0.0348  0.0069  38  ASP A OD2 
315 N N   . LEU A 40 ? 0.1225 0.1073 0.1129 -0.0050 0.0109  0.0071  39  LEU A N   
316 C CA  . LEU A 40 ? 0.1320 0.1092 0.1226 -0.0046 0.0148  0.0011  39  LEU A CA  
317 C C   . LEU A 40 ? 0.1404 0.1153 0.1320 -0.0023 0.0137  0.0029  39  LEU A C   
318 O O   . LEU A 40 ? 0.1446 0.1107 0.1481 0.0004  0.0139  0.0044  39  LEU A O   
319 C CB  . LEU A 40 ? 0.1336 0.1083 0.1183 -0.0009 0.0145  0.0035  39  LEU A CB  
320 C CG  . LEU A 40 ? 0.1522 0.1220 0.1301 -0.0062 0.0198  -0.0007 39  LEU A CG  
321 C CD1 . LEU A 40 ? 0.1557 0.1492 0.1347 0.0002  0.0216  -0.0063 39  LEU A CD1 
322 C CD2 . LEU A 40 ? 0.1864 0.1517 0.1431 0.0073  0.0052  -0.0029 39  LEU A CD2 
323 N N   . LEU A 41 ? 0.1446 0.1093 0.1345 -0.0056 0.0143  -0.0010 40  LEU A N   
324 C CA  . LEU A 41 ? 0.1589 0.1213 0.1483 -0.0083 0.0126  -0.0007 40  LEU A CA  
325 C C   . LEU A 41 ? 0.1680 0.1246 0.1577 -0.0106 0.0142  0.0029  40  LEU A C   
326 O O   . LEU A 41 ? 0.1636 0.1244 0.1584 -0.0206 0.0202  0.0102  40  LEU A O   
327 C CB  . LEU A 41 ? 0.1636 0.1230 0.1497 -0.0108 0.0138  -0.0015 40  LEU A CB  
328 C CG  . LEU A 41 ? 0.1693 0.1278 0.1435 -0.0178 0.0142  -0.0057 40  LEU A CG  
329 C CD1 . LEU A 41 ? 0.1818 0.1493 0.1470 -0.0159 0.0011  -0.0063 40  LEU A CD1 
330 C CD2 . LEU A 41 ? 0.1802 0.1687 0.1641 -0.0100 0.0131  -0.0025 40  LEU A CD2 
331 N N   . LYS A 42 ? 0.1842 0.1435 0.1762 -0.0080 0.0127  0.0039  41  LYS A N   
332 C CA  . LYS A 42 ? 0.1939 0.1566 0.1864 -0.0096 0.0118  0.0044  41  LYS A CA  
333 C C   . LYS A 42 ? 0.2033 0.1664 0.1940 -0.0090 0.0110  0.0030  41  LYS A C   
334 O O   . LYS A 42 ? 0.2100 0.1514 0.1994 -0.0153 0.0123  0.0028  41  LYS A O   
335 C CB  . LYS A 42 ? 0.1978 0.1653 0.1909 -0.0082 0.0101  0.0041  41  LYS A CB  
336 C CG  . LYS A 42 ? 0.2016 0.1715 0.1942 -0.0090 0.0126  0.0046  41  LYS A CG  
337 C CD  . LYS A 42 ? 0.2149 0.1819 0.2004 -0.0069 0.0086  0.0048  41  LYS A CD  
338 C CE  . LYS A 42 ? 0.2264 0.2091 0.2072 -0.0083 0.0129  0.0092  41  LYS A CE  
339 N NZ  . LYS A 42 ? 0.2527 0.2342 0.2215 -0.0060 0.0046  0.0112  41  LYS A NZ  
340 N N   . ASN A 43 ? 0.2135 0.1752 0.2067 -0.0107 0.0092  0.0016  42  ASN A N   
341 C CA  . ASN A 43 ? 0.2217 0.1886 0.2167 -0.0092 0.0065  -0.0016 42  ASN A CA  
342 C C   . ASN A 43 ? 0.2299 0.1981 0.2237 -0.0064 0.0072  -0.0029 42  ASN A C   
343 O O   . ASN A 43 ? 0.2432 0.2010 0.2399 -0.0076 0.0078  -0.0105 42  ASN A O   
344 C CB  . ASN A 43 ? 0.2276 0.1965 0.2258 -0.0097 0.0046  0.0020  42  ASN A CB  
345 C CG  . ASN A 43 ? 0.2368 0.2006 0.2354 -0.0132 0.0055  0.0016  42  ASN A CG  
346 O OD1 . ASN A 43 ? 0.2489 0.2012 0.2570 -0.0217 0.0076  0.0116  42  ASN A OD1 
347 N ND2 . ASN A 43 ? 0.2591 0.2188 0.2497 -0.0148 0.0016  0.0061  42  ASN A ND2 
348 N N   . GLY A 44 ? 0.2314 0.2032 0.2253 -0.0085 0.0082  -0.0037 43  GLY A N   
349 C CA  . GLY A 44 ? 0.2318 0.2061 0.2241 -0.0045 0.0084  -0.0038 43  GLY A CA  
350 C C   . GLY A 44 ? 0.2351 0.2091 0.2319 -0.0052 0.0080  -0.0039 43  GLY A C   
351 O O   . GLY A 44 ? 0.2493 0.2250 0.2395 -0.0038 0.0126  -0.0070 43  GLY A O   
352 N N   . GLU A 45 ? 0.2327 0.2047 0.2308 -0.0031 0.0087  -0.0052 44  GLU A N   
353 C CA  . GLU A 45 ? 0.2341 0.2087 0.2321 0.0008  0.0077  -0.0055 44  GLU A CA  
354 C C   . GLU A 45 ? 0.2281 0.2008 0.2259 0.0031  0.0104  -0.0063 44  GLU A C   
355 O O   . GLU A 45 ? 0.2250 0.1809 0.2225 0.0092  0.0175  -0.0082 44  GLU A O   
356 C CB  . GLU A 45 ? 0.2396 0.2190 0.2396 0.0012  0.0056  -0.0052 44  GLU A CB  
357 C CG  . GLU A 45 ? 0.2550 0.2351 0.2603 -0.0044 0.0025  0.0003  44  GLU A CG  
358 C CD  . GLU A 45 ? 0.2733 0.2692 0.2794 -0.0017 0.0025  -0.0081 44  GLU A CD  
359 O OE1 . GLU A 45 ? 0.2942 0.3135 0.3216 -0.0041 0.0005  -0.0072 44  GLU A OE1 
360 O OE2 . GLU A 45 ? 0.2706 0.2682 0.2870 0.0014  0.0044  -0.0188 44  GLU A OE2 
361 N N   . ARG A 46 ? 0.2302 0.2062 0.2244 0.0076  0.0114  -0.0039 45  ARG A N   
362 C CA  . ARG A 46 ? 0.2320 0.2111 0.2232 0.0071  0.0074  -0.0017 45  ARG A CA  
363 C C   . ARG A 46 ? 0.2252 0.1982 0.2165 0.0111  0.0069  0.0000  45  ARG A C   
364 O O   . ARG A 46 ? 0.2357 0.1995 0.2185 0.0206  0.0057  0.0010  45  ARG A O   
365 C CB  . ARG A 46 ? 0.2358 0.2242 0.2304 0.0091  0.0095  0.0005  45  ARG A CB  
366 C CG  . ARG A 46 ? 0.2426 0.2313 0.2399 0.0049  0.0068  -0.0008 45  ARG A CG  
367 C CD  . ARG A 46 ? 0.2555 0.2535 0.2528 0.0058  0.0112  0.0027  45  ARG A CD  
368 N NE  . ARG A 46 ? 0.2695 0.2712 0.2758 0.0001  0.0065  -0.0002 45  ARG A NE  
369 C CZ  . ARG A 46 ? 0.2918 0.2953 0.2911 0.0001  -0.0026 0.0016  45  ARG A CZ  
370 N NH1 . ARG A 46 ? 0.3075 0.3000 0.3082 -0.0016 -0.0031 0.0054  45  ARG A NH1 
371 N NH2 . ARG A 46 ? 0.3000 0.3000 0.2998 -0.0010 -0.0045 0.0016  45  ARG A NH2 
372 N N   . ILE A 47 ? 0.2182 0.1909 0.2013 0.0105  0.0061  0.0002  46  ILE A N   
373 C CA  . ILE A 47 ? 0.2175 0.1950 0.2058 0.0095  0.0064  0.0036  46  ILE A CA  
374 C C   . ILE A 47 ? 0.2184 0.2010 0.2098 0.0085  0.0048  0.0047  46  ILE A C   
375 O O   . ILE A 47 ? 0.2130 0.1907 0.2026 0.0092  0.0055  0.0085  46  ILE A O   
376 C CB  . ILE A 47 ? 0.2096 0.1849 0.1924 0.0088  0.0064  0.0037  46  ILE A CB  
377 C CG1 . ILE A 47 ? 0.2074 0.1832 0.1877 0.0083  0.0072  0.0047  46  ILE A CG1 
378 C CG2 . ILE A 47 ? 0.2151 0.1921 0.1927 0.0096  0.0070  -0.0008 46  ILE A CG2 
379 C CD1 . ILE A 47 ? 0.2088 0.1863 0.1953 0.0060  0.0123  0.0055  46  ILE A CD1 
380 N N   . GLU A 48 ? 0.2289 0.2152 0.2238 0.0087  0.0010  0.0058  47  GLU A N   
381 C CA  . GLU A 48 ? 0.2368 0.2311 0.2372 0.0057  0.0013  0.0047  47  GLU A CA  
382 C C   . GLU A 48 ? 0.2376 0.2347 0.2411 0.0063  0.0008  0.0055  47  GLU A C   
383 O O   . GLU A 48 ? 0.2514 0.2474 0.2565 0.0024  0.0025  0.0067  47  GLU A O   
384 C CB  . GLU A 48 ? 0.2411 0.2362 0.2446 0.0071  0.0008  0.0049  47  GLU A CB  
385 C CG  . GLU A 48 ? 0.2604 0.2537 0.2602 0.0050  0.0009  0.0014  47  GLU A CG  
386 C CD  . GLU A 48 ? 0.2681 0.2579 0.2715 0.0075  0.0001  0.0026  47  GLU A CD  
387 O OE1 . GLU A 48 ? 0.3157 0.3108 0.2974 0.0096  0.0026  0.0082  47  GLU A OE1 
388 O OE2 . GLU A 48 ? 0.3081 0.3148 0.3075 0.0065  0.0126  -0.0018 47  GLU A OE2 
389 N N   . LYS A 49 ? 0.2332 0.2299 0.2368 0.0078  -0.0001 0.0053  48  LYS A N   
390 C CA  . LYS A 49 ? 0.2271 0.2285 0.2333 0.0069  0.0003  0.0055  48  LYS A CA  
391 C C   . LYS A 49 ? 0.2154 0.2171 0.2210 0.0052  0.0031  0.0064  48  LYS A C   
392 O O   . LYS A 49 ? 0.2185 0.2227 0.2278 0.0061  0.0066  0.0065  48  LYS A O   
393 C CB  . LYS A 49 ? 0.2365 0.2364 0.2403 0.0058  -0.0005 0.0058  48  LYS A CB  
394 C CG  . LYS A 49 ? 0.2450 0.2445 0.2469 0.0053  -0.0008 0.0016  48  LYS A CG  
395 C CD  . LYS A 49 ? 0.2577 0.2564 0.2523 0.0045  -0.0005 0.0031  48  LYS A CD  
396 C CE  . LYS A 49 ? 0.2780 0.2750 0.2674 0.0053  0.0014  -0.0021 48  LYS A CE  
397 N NZ  . LYS A 49 ? 0.3018 0.2985 0.3009 -0.0041 -0.0019 0.0020  48  LYS A NZ  
398 N N   . VAL A 50 ? 0.1976 0.2066 0.2047 0.0089  0.0027  0.0090  49  VAL A N   
399 C CA  . VAL A 50 ? 0.1881 0.1972 0.1913 0.0060  0.0021  0.0090  49  VAL A CA  
400 C C   . VAL A 50 ? 0.1855 0.1952 0.1934 0.0030  -0.0015 0.0102  49  VAL A C   
401 O O   . VAL A 50 ? 0.1842 0.2067 0.1986 0.0025  0.0020  0.0122  49  VAL A O   
402 C CB  . VAL A 50 ? 0.1769 0.1803 0.1782 0.0088  0.0057  0.0109  49  VAL A CB  
403 C CG1 . VAL A 50 ? 0.1671 0.1748 0.1686 0.0106  0.0097  0.0116  49  VAL A CG1 
404 C CG2 . VAL A 50 ? 0.1734 0.1711 0.1747 0.0095  0.0151  0.0097  49  VAL A CG2 
405 N N   . GLU A 51 ? 0.1852 0.1918 0.1875 0.0022  -0.0085 0.0098  50  GLU A N   
406 C CA  . GLU A 51 ? 0.1988 0.1984 0.1981 0.0012  -0.0100 0.0073  50  GLU A CA  
407 C C   . GLU A 51 ? 0.1920 0.1945 0.1915 -0.0005 -0.0152 0.0074  50  GLU A C   
408 O O   . GLU A 51 ? 0.2010 0.2080 0.2039 -0.0030 -0.0221 0.0090  50  GLU A O   
409 C CB  . GLU A 51 ? 0.2080 0.2080 0.2029 -0.0016 -0.0091 0.0063  50  GLU A CB  
410 C CG  . GLU A 51 ? 0.2260 0.2216 0.2173 0.0015  -0.0078 0.0068  50  GLU A CG  
411 C CD  . GLU A 51 ? 0.2277 0.2325 0.2283 0.0001  -0.0058 0.0056  50  GLU A CD  
412 O OE1 . GLU A 51 ? 0.2305 0.2470 0.2305 0.0037  -0.0077 -0.0046 50  GLU A OE1 
413 O OE2 . GLU A 51 ? 0.2846 0.2745 0.2694 0.0030  -0.0071 0.0187  50  GLU A OE2 
414 N N   . HIS A 52 ? 0.1803 0.1832 0.1795 -0.0019 -0.0167 0.0082  51  HIS A N   
415 C CA  . HIS A 52 ? 0.1776 0.1803 0.1765 -0.0047 -0.0142 0.0065  51  HIS A CA  
416 C C   . HIS A 52 ? 0.1623 0.1665 0.1665 -0.0048 -0.0163 0.0078  51  HIS A C   
417 O O   . HIS A 52 ? 0.1494 0.1466 0.1534 -0.0123 -0.0163 0.0123  51  HIS A O   
418 C CB  . HIS A 52 ? 0.1887 0.1887 0.1914 -0.0054 -0.0090 0.0046  51  HIS A CB  
419 C CG  . HIS A 52 ? 0.2173 0.2168 0.2026 -0.0020 -0.0086 0.0020  51  HIS A CG  
420 N ND1 . HIS A 52 ? 0.2489 0.2454 0.2216 -0.0071 -0.0127 0.0012  51  HIS A ND1 
421 C CD2 . HIS A 52 ? 0.2256 0.2159 0.2179 -0.0199 -0.0111 0.0019  51  HIS A CD2 
422 C CE1 . HIS A 52 ? 0.2634 0.2630 0.2402 0.0047  -0.0017 0.0062  51  HIS A CE1 
423 N NE2 . HIS A 52 ? 0.2543 0.2524 0.2363 -0.0054 -0.0049 0.0011  51  HIS A NE2 
424 N N   . SER A 53 ? 0.1567 0.1596 0.1645 -0.0051 -0.0193 0.0107  52  SER A N   
425 C CA  . SER A 53 ? 0.1603 0.1624 0.1671 -0.0067 -0.0139 0.0085  52  SER A CA  
426 C C   . SER A 53 ? 0.1562 0.1595 0.1658 -0.0083 -0.0166 0.0072  52  SER A C   
427 O O   . SER A 53 ? 0.1658 0.1763 0.1990 -0.0120 -0.0143 0.0083  52  SER A O   
428 C CB  . SER A 53 ? 0.1585 0.1686 0.1735 -0.0061 -0.0133 0.0064  52  SER A CB  
429 O OG  . SER A 53 ? 0.1684 0.1834 0.1806 0.0012  -0.0059 0.0076  52  SER A OG  
430 N N   . ASP A 54 ? 0.1512 0.1501 0.1462 -0.0084 -0.0151 0.0078  53  ASP A N   
431 C CA  . ASP A 54 ? 0.1564 0.1522 0.1418 -0.0071 -0.0137 0.0043  53  ASP A CA  
432 C C   . ASP A 54 ? 0.1418 0.1381 0.1263 -0.0067 -0.0107 0.0021  53  ASP A C   
433 O O   . ASP A 54 ? 0.1439 0.1343 0.1169 -0.0149 -0.0091 0.0063  53  ASP A O   
434 C CB  . ASP A 54 ? 0.1704 0.1662 0.1543 -0.0096 -0.0138 -0.0009 53  ASP A CB  
435 C CG  . ASP A 54 ? 0.2013 0.1966 0.1784 -0.0078 -0.0059 0.0010  53  ASP A CG  
436 O OD1 . ASP A 54 ? 0.2312 0.2406 0.1935 -0.0035 -0.0118 0.0137  53  ASP A OD1 
437 O OD2 . ASP A 54 ? 0.2349 0.2590 0.2131 -0.0077 0.0058  -0.0019 53  ASP A OD2 
438 N N   . LEU A 55 ? 0.1260 0.1309 0.1235 -0.0029 -0.0157 -0.0016 54  LEU A N   
439 C CA  . LEU A 55 ? 0.1198 0.1202 0.1204 -0.0026 -0.0114 -0.0064 54  LEU A CA  
440 C C   . LEU A 55 ? 0.1089 0.1122 0.1095 -0.0007 -0.0104 -0.0048 54  LEU A C   
441 O O   . LEU A 55 ? 0.1161 0.1227 0.1144 0.0002  -0.0180 -0.0077 54  LEU A O   
442 C CB  . LEU A 55 ? 0.1153 0.1169 0.1302 0.0014  -0.0128 -0.0058 54  LEU A CB  
443 C CG  . LEU A 55 ? 0.1200 0.1159 0.1324 -0.0005 -0.0086 -0.0117 54  LEU A CG  
444 C CD1 . LEU A 55 ? 0.1268 0.1393 0.1329 -0.0017 -0.0071 -0.0194 54  LEU A CD1 
445 C CD2 . LEU A 55 ? 0.1222 0.1419 0.1371 0.0016  -0.0012 -0.0152 54  LEU A CD2 
446 N N   . SER A 56 ? 0.1127 0.1082 0.1033 0.0027  -0.0078 -0.0100 55  SER A N   
447 C CA  . SER A 56 ? 0.1105 0.1103 0.1030 -0.0001 -0.0035 -0.0080 55  SER A CA  
448 C C   . SER A 56 ? 0.1029 0.1027 0.0959 0.0012  -0.0004 -0.0076 55  SER A C   
449 O O   . SER A 56 ? 0.1090 0.1016 0.1053 -0.0076 -0.0033 -0.0107 55  SER A O   
450 C CB  . SER A 56 ? 0.1147 0.1127 0.1087 0.0036  -0.0013 -0.0060 55  SER A CB  
451 O OG  . SER A 56 ? 0.1229 0.1417 0.1226 0.0098  0.0072  -0.0086 55  SER A OG  
452 N N   . PHE A 57 ? 0.1068 0.1029 0.1029 -0.0015 -0.0050 -0.0058 56  PHE A N   
453 C CA  . PHE A 57 ? 0.1158 0.1081 0.1087 -0.0002 0.0026  -0.0068 56  PHE A CA  
454 C C   . PHE A 57 ? 0.1184 0.1057 0.1141 -0.0021 0.0062  -0.0037 56  PHE A C   
455 O O   . PHE A 57 ? 0.1355 0.1163 0.1164 0.0063  0.0049  -0.0118 56  PHE A O   
456 C CB  . PHE A 57 ? 0.1194 0.1180 0.1137 -0.0010 0.0049  -0.0049 56  PHE A CB  
457 C CG  . PHE A 57 ? 0.1138 0.1228 0.1124 0.0027  0.0153  -0.0150 56  PHE A CG  
458 C CD1 . PHE A 57 ? 0.1164 0.1216 0.1154 -0.0007 0.0115  -0.0127 56  PHE A CD1 
459 C CD2 . PHE A 57 ? 0.1174 0.1239 0.1274 -0.0009 0.0081  -0.0057 56  PHE A CD2 
460 C CE1 . PHE A 57 ? 0.1113 0.1415 0.1156 0.0009  0.0089  -0.0127 56  PHE A CE1 
461 C CE2 . PHE A 57 ? 0.1232 0.1305 0.1344 -0.0072 0.0130  -0.0043 56  PHE A CE2 
462 C CZ  . PHE A 57 ? 0.1157 0.1392 0.1291 -0.0069 0.0137  -0.0088 56  PHE A CZ  
463 N N   . SER A 58 ? 0.1325 0.1161 0.1300 0.0025  0.0031  -0.0015 57  SER A N   
464 C CA  . SER A 58 ? 0.1422 0.1278 0.1474 0.0036  0.0043  0.0017  57  SER A CA  
465 C C   . SER A 58 ? 0.1471 0.1422 0.1577 0.0020  0.0051  0.0004  57  SER A C   
466 O O   . SER A 58 ? 0.1558 0.1523 0.1668 -0.0033 0.0024  -0.0007 57  SER A O   
467 C CB  . SER A 58 ? 0.1474 0.1334 0.1595 0.0055  0.0077  0.0081  57  SER A CB  
468 O OG  . SER A 58 ? 0.1501 0.1465 0.1703 0.0057  -0.0006 0.0196  57  SER A OG  
469 N N   . LYS A 59 ? 0.1557 0.1554 0.1603 0.0017  0.0070  0.0033  58  LYS A N   
470 C CA  . LYS A 59 ? 0.1622 0.1595 0.1657 0.0022  0.0066  0.0051  58  LYS A CA  
471 C C   . LYS A 59 ? 0.1612 0.1533 0.1645 -0.0001 0.0050  0.0063  58  LYS A C   
472 O O   . LYS A 59 ? 0.1540 0.1450 0.1548 0.0024  0.0035  0.0069  58  LYS A O   
473 C CB  . LYS A 59 ? 0.1756 0.1826 0.1777 0.0016  0.0048  0.0062  58  LYS A CB  
474 C CG  . LYS A 59 ? 0.1943 0.2049 0.1952 0.0098  0.0100  0.0018  58  LYS A CG  
475 C CD  . LYS A 59 ? 0.2233 0.2251 0.2255 0.0049  0.0029  -0.0005 58  LYS A CD  
476 C CE  . LYS A 59 ? 0.2412 0.2278 0.2395 0.0123  -0.0005 0.0030  58  LYS A CE  
477 N NZ  . LYS A 59 ? 0.2695 0.2758 0.2682 0.0023  0.0009  0.0053  58  LYS A NZ  
478 N N   . ASP A 60 ? 0.1622 0.1549 0.1641 0.0015  0.0060  0.0080  59  ASP A N   
479 C CA  . ASP A 60 ? 0.1640 0.1638 0.1686 0.0025  0.0053  0.0048  59  ASP A CA  
480 C C   . ASP A 60 ? 0.1597 0.1629 0.1632 0.0056  0.0084  0.0048  59  ASP A C   
481 O O   . ASP A 60 ? 0.1664 0.1648 0.1702 0.0147  0.0074  0.0055  59  ASP A O   
482 C CB  . ASP A 60 ? 0.1733 0.1681 0.1764 0.0021  0.0044  0.0067  59  ASP A CB  
483 C CG  . ASP A 60 ? 0.1892 0.1813 0.2075 -0.0065 -0.0009 0.0043  59  ASP A CG  
484 O OD1 . ASP A 60 ? 0.2145 0.2056 0.2299 -0.0102 -0.0022 -0.0123 59  ASP A OD1 
485 O OD2 . ASP A 60 ? 0.2401 0.2271 0.2591 -0.0219 0.0066  0.0171  59  ASP A OD2 
486 N N   . TRP A 61 ? 0.1610 0.1566 0.1512 0.0020  0.0089  0.0054  60  TRP A N   
487 C CA  . TRP A 61 ? 0.1637 0.1619 0.1512 0.0004  0.0059  0.0040  60  TRP A CA  
488 C C   . TRP A 61 ? 0.1569 0.1530 0.1352 0.0017  0.0038  0.0069  60  TRP A C   
489 O O   . TRP A 61 ? 0.1762 0.1595 0.1441 0.0022  0.0056  0.0059  60  TRP A O   
490 C CB  . TRP A 61 ? 0.1835 0.1951 0.1690 -0.0014 0.0040  0.0056  60  TRP A CB  
491 C CG  . TRP A 61 ? 0.2113 0.2272 0.1922 0.0074  0.0035  0.0055  60  TRP A CG  
492 C CD1 . TRP A 61 ? 0.2344 0.2330 0.2093 0.0139  0.0003  0.0079  60  TRP A CD1 
493 C CD2 . TRP A 61 ? 0.2336 0.2153 0.2112 0.0026  0.0025  0.0055  60  TRP A CD2 
494 N NE1 . TRP A 61 ? 0.2345 0.2329 0.2259 0.0181  -0.0014 0.0053  60  TRP A NE1 
495 C CE2 . TRP A 61 ? 0.2233 0.2118 0.2193 0.0000  -0.0017 0.0041  60  TRP A CE2 
496 C CE3 . TRP A 61 ? 0.1941 0.2092 0.2271 -0.0127 -0.0038 0.0030  60  TRP A CE3 
497 C CZ2 . TRP A 61 ? 0.2425 0.2204 0.2315 0.0005  0.0008  0.0015  60  TRP A CZ2 
498 C CZ3 . TRP A 61 ? 0.2060 0.2034 0.2249 -0.0124 -0.0027 -0.0010 60  TRP A CZ3 
499 C CH2 . TRP A 61 ? 0.2140 0.1946 0.2208 -0.0096 -0.0028 -0.0009 60  TRP A CH2 
500 N N   . SER A 62 ? 0.1409 0.1345 0.1204 0.0001  0.0014  0.0056  61  SER A N   
501 C CA  . SER A 62 ? 0.1288 0.1290 0.1163 0.0042  -0.0021 0.0037  61  SER A CA  
502 C C   . SER A 62 ? 0.1145 0.1150 0.1012 0.0051  -0.0016 0.0045  61  SER A C   
503 O O   . SER A 62 ? 0.1232 0.1119 0.1017 0.0102  0.0027  0.0004  61  SER A O   
504 C CB  . SER A 62 ? 0.1329 0.1360 0.1283 0.0050  -0.0040 0.0059  61  SER A CB  
505 O OG  . SER A 62 ? 0.1523 0.1624 0.1628 -0.0040 -0.0122 0.0125  61  SER A OG  
506 N N   . PHE A 63 ? 0.1011 0.1077 0.0925 0.0036  -0.0036 -0.0020 62  PHE A N   
507 C CA  . PHE A 63 ? 0.1011 0.1063 0.0884 0.0044  -0.0010 -0.0027 62  PHE A CA  
508 C C   . PHE A 63 ? 0.0980 0.1001 0.0932 0.0060  -0.0048 -0.0043 62  PHE A C   
509 O O   . PHE A 63 ? 0.0959 0.1049 0.0913 0.0069  -0.0038 -0.0022 62  PHE A O   
510 C CB  . PHE A 63 ? 0.1016 0.1068 0.0924 0.0043  0.0012  -0.0066 62  PHE A CB  
511 C CG  . PHE A 63 ? 0.0964 0.1012 0.0965 0.0063  0.0067  -0.0056 62  PHE A CG  
512 C CD1 . PHE A 63 ? 0.1042 0.1063 0.1070 0.0019  0.0026  -0.0068 62  PHE A CD1 
513 C CD2 . PHE A 63 ? 0.0948 0.1177 0.1126 0.0087  -0.0040 0.0075  62  PHE A CD2 
514 C CE1 . PHE A 63 ? 0.1050 0.1166 0.1164 0.0016  -0.0085 -0.0195 62  PHE A CE1 
515 C CE2 . PHE A 63 ? 0.1112 0.1167 0.1287 0.0032  0.0060  0.0028  62  PHE A CE2 
516 C CZ  . PHE A 63 ? 0.1128 0.1147 0.1330 -0.0029 0.0004  -0.0128 62  PHE A CZ  
517 N N   . TYR A 64 ? 0.0927 0.1013 0.0877 0.0046  -0.0046 -0.0033 63  TYR A N   
518 C CA  . TYR A 64 ? 0.1028 0.1092 0.0955 -0.0006 -0.0024 -0.0012 63  TYR A CA  
519 C C   . TYR A 64 ? 0.1048 0.1110 0.0960 -0.0029 -0.0056 -0.0018 63  TYR A C   
520 O O   . TYR A 64 ? 0.1121 0.1117 0.1092 -0.0066 -0.0145 0.0078  63  TYR A O   
521 C CB  . TYR A 64 ? 0.1111 0.1213 0.1067 0.0018  0.0030  -0.0004 63  TYR A CB  
522 C CG  . TYR A 64 ? 0.1161 0.1167 0.1100 0.0041  0.0088  -0.0035 63  TYR A CG  
523 C CD1 . TYR A 64 ? 0.1171 0.1128 0.1282 0.0039  0.0107  -0.0060 63  TYR A CD1 
524 C CD2 . TYR A 64 ? 0.1314 0.1178 0.1321 0.0082  0.0152  -0.0013 63  TYR A CD2 
525 C CE1 . TYR A 64 ? 0.1344 0.1395 0.1310 0.0167  0.0045  0.0004  63  TYR A CE1 
526 C CE2 . TYR A 64 ? 0.1451 0.1282 0.1368 0.0017  0.0189  0.0104  63  TYR A CE2 
527 C CZ  . TYR A 64 ? 0.1522 0.1344 0.1288 0.0158  0.0088  0.0067  63  TYR A CZ  
528 O OH  . TYR A 64 ? 0.1777 0.1565 0.1712 0.0253  -0.0012 0.0201  63  TYR A OH  
529 N N   . LEU A 65 ? 0.1034 0.1069 0.0937 -0.0027 -0.0088 0.0004  64  LEU A N   
530 C CA  . LEU A 65 ? 0.1098 0.1089 0.0998 -0.0006 -0.0045 -0.0009 64  LEU A CA  
531 C C   . LEU A 65 ? 0.1020 0.1051 0.0912 0.0022  -0.0066 0.0002  64  LEU A C   
532 O O   . LEU A 65 ? 0.1052 0.1170 0.0965 -0.0050 -0.0049 0.0043  64  LEU A O   
533 C CB  . LEU A 65 ? 0.1057 0.1160 0.0998 0.0018  -0.0080 -0.0042 64  LEU A CB  
534 C CG  . LEU A 65 ? 0.1266 0.1157 0.1223 0.0079  -0.0025 -0.0027 64  LEU A CG  
535 C CD1 . LEU A 65 ? 0.1462 0.1342 0.1481 0.0162  -0.0078 -0.0003 64  LEU A CD1 
536 C CD2 . LEU A 65 ? 0.1424 0.1247 0.1377 0.0071  0.0055  -0.0081 64  LEU A CD2 
537 N N   . LEU A 66 ? 0.1153 0.1063 0.0946 -0.0011 -0.0019 0.0035  65  LEU A N   
538 C CA  . LEU A 66 ? 0.1199 0.1115 0.1051 0.0016  0.0003  0.0037  65  LEU A CA  
539 C C   . LEU A 66 ? 0.1157 0.1066 0.1011 -0.0012 -0.0031 0.0075  65  LEU A C   
540 O O   . LEU A 66 ? 0.1297 0.1188 0.1094 -0.0041 -0.0129 0.0057  65  LEU A O   
541 C CB  . LEU A 66 ? 0.1322 0.1157 0.1052 0.0019  -0.0003 0.0044  65  LEU A CB  
542 C CG  . LEU A 66 ? 0.1451 0.1354 0.1192 0.0071  0.0130  0.0029  65  LEU A CG  
543 C CD1 . LEU A 66 ? 0.1503 0.1654 0.1461 -0.0049 0.0268  -0.0008 65  LEU A CD1 
544 C CD2 . LEU A 66 ? 0.1617 0.1521 0.1360 0.0083  0.0159  -0.0068 65  LEU A CD2 
545 N N   . TYR A 67 ? 0.1109 0.1067 0.1035 -0.0002 -0.0033 0.0067  66  TYR A N   
546 C CA  . TYR A 67 ? 0.1136 0.1119 0.1082 0.0004  0.0009  0.0071  66  TYR A CA  
547 C C   . TYR A 67 ? 0.1164 0.1168 0.1072 0.0021  0.0047  0.0075  66  TYR A C   
548 O O   . TYR A 67 ? 0.1164 0.1135 0.1127 -0.0020 0.0016  0.0145  66  TYR A O   
549 C CB  . TYR A 67 ? 0.1152 0.1140 0.1097 -0.0002 0.0026  0.0075  66  TYR A CB  
550 C CG  . TYR A 67 ? 0.1179 0.1113 0.1070 -0.0023 0.0027  0.0025  66  TYR A CG  
551 C CD1 . TYR A 67 ? 0.1244 0.1325 0.1271 -0.0041 0.0047  0.0025  66  TYR A CD1 
552 C CD2 . TYR A 67 ? 0.1250 0.1086 0.1116 -0.0041 -0.0063 0.0035  66  TYR A CD2 
553 C CE1 . TYR A 67 ? 0.1257 0.1401 0.1281 0.0040  0.0077  0.0081  66  TYR A CE1 
554 C CE2 . TYR A 67 ? 0.1385 0.1156 0.1155 0.0023  0.0008  0.0008  66  TYR A CE2 
555 C CZ  . TYR A 67 ? 0.1281 0.1293 0.1158 0.0143  0.0123  0.0052  66  TYR A CZ  
556 O OH  . TYR A 67 ? 0.1347 0.1342 0.1291 0.0203  0.0075  0.0077  66  TYR A OH  
557 N N   . TYR A 68 ? 0.1140 0.1213 0.1109 -0.0025 0.0043  0.0076  67  TYR A N   
558 C CA  . TYR A 68 ? 0.1240 0.1316 0.1206 0.0006  0.0035  0.0073  67  TYR A CA  
559 C C   . TYR A 68 ? 0.1292 0.1382 0.1232 0.0043  0.0034  0.0092  67  TYR A C   
560 O O   . TYR A 68 ? 0.1311 0.1411 0.1238 0.0075  -0.0016 0.0149  67  TYR A O   
561 C CB  . TYR A 68 ? 0.1443 0.1514 0.1432 0.0024  0.0061  0.0048  67  TYR A CB  
562 C CG  . TYR A 68 ? 0.1676 0.1728 0.1575 0.0027  -0.0026 -0.0029 67  TYR A CG  
563 C CD1 . TYR A 68 ? 0.1796 0.1724 0.1467 -0.0032 -0.0051 0.0025  67  TYR A CD1 
564 C CD2 . TYR A 68 ? 0.1938 0.1991 0.1719 -0.0015 -0.0012 -0.0074 67  TYR A CD2 
565 C CE1 . TYR A 68 ? 0.1870 0.1685 0.1755 -0.0126 -0.0045 -0.0007 67  TYR A CE1 
566 C CE2 . TYR A 68 ? 0.2035 0.2055 0.1823 -0.0003 -0.0005 -0.0125 67  TYR A CE2 
567 C CZ  . TYR A 68 ? 0.1956 0.1895 0.1787 -0.0037 0.0021  -0.0133 67  TYR A CZ  
568 O OH  . TYR A 68 ? 0.2211 0.2068 0.1807 -0.0097 -0.0081 -0.0239 67  TYR A OH  
569 N N   . THR A 69 ? 0.1281 0.1409 0.1198 0.0051  0.0043  0.0151  68  THR A N   
570 C CA  . THR A 69 ? 0.1355 0.1474 0.1281 0.0089  0.0059  0.0142  68  THR A CA  
571 C C   . THR A 69 ? 0.1372 0.1404 0.1222 0.0107  0.0085  0.0144  68  THR A C   
572 O O   . THR A 69 ? 0.1305 0.1364 0.1043 0.0111  0.0132  0.0162  68  THR A O   
573 C CB  . THR A 69 ? 0.1455 0.1556 0.1417 0.0118  0.0123  0.0156  68  THR A CB  
574 O OG1 . THR A 69 ? 0.1540 0.1845 0.1647 0.0183  0.0132  0.0200  68  THR A OG1 
575 C CG2 . THR A 69 ? 0.1569 0.1713 0.1448 0.0150  0.0171  0.0062  68  THR A CG2 
576 N N   . GLU A 70 ? 0.1437 0.1495 0.1269 0.0094  0.0062  0.0123  69  GLU A N   
577 C CA  . GLU A 70 ? 0.1513 0.1494 0.1397 0.0094  0.0086  0.0131  69  GLU A CA  
578 C C   . GLU A 70 ? 0.1473 0.1411 0.1401 0.0125  0.0118  0.0119  69  GLU A C   
579 O O   . GLU A 70 ? 0.1443 0.1372 0.1563 0.0214  0.0184  0.0117  69  GLU A O   
580 C CB  . GLU A 70 ? 0.1613 0.1527 0.1377 0.0073  0.0054  0.0105  69  GLU A CB  
581 C CG  . GLU A 70 ? 0.1739 0.1753 0.1563 0.0011  0.0097  0.0127  69  GLU A CG  
582 C CD  . GLU A 70 ? 0.1967 0.1935 0.1675 0.0075  0.0063  0.0158  69  GLU A CD  
583 O OE1 . GLU A 70 ? 0.2473 0.2620 0.2211 -0.0112 -0.0029 0.0017  69  GLU A OE1 
584 O OE2 . GLU A 70 ? 0.2351 0.2584 0.2074 0.0059  0.0148  0.0179  69  GLU A OE2 
585 N N   . PHE A 71 ? 0.1509 0.1386 0.1471 0.0100  0.0125  0.0107  70  PHE A N   
586 C CA  . PHE A 71 ? 0.1631 0.1493 0.1568 0.0037  0.0109  0.0101  70  PHE A CA  
587 C C   . PHE A 71 ? 0.1715 0.1571 0.1665 0.0012  0.0085  0.0116  70  PHE A C   
588 O O   . PHE A 71 ? 0.1728 0.1573 0.1574 -0.0036 0.0115  0.0215  70  PHE A O   
589 C CB  . PHE A 71 ? 0.1545 0.1405 0.1562 0.0051  0.0126  0.0057  70  PHE A CB  
590 C CG  . PHE A 71 ? 0.1515 0.1322 0.1408 -0.0029 0.0201  0.0098  70  PHE A CG  
591 C CD1 . PHE A 71 ? 0.1562 0.1442 0.1527 -0.0079 0.0164  0.0150  70  PHE A CD1 
592 C CD2 . PHE A 71 ? 0.1452 0.1199 0.1303 -0.0029 0.0192  0.0079  70  PHE A CD2 
593 C CE1 . PHE A 71 ? 0.1487 0.1407 0.1479 -0.0155 0.0144  0.0098  70  PHE A CE1 
594 C CE2 . PHE A 71 ? 0.1457 0.1265 0.1285 -0.0004 0.0190  0.0114  70  PHE A CE2 
595 C CZ  . PHE A 71 ? 0.1455 0.1375 0.1475 -0.0072 0.0184  0.0139  70  PHE A CZ  
596 N N   . THR A 72 ? 0.1920 0.1730 0.1837 -0.0042 0.0069  0.0127  71  THR A N   
597 C CA  . THR A 72 ? 0.2015 0.1872 0.1938 -0.0051 0.0091  0.0138  71  THR A CA  
598 C C   . THR A 72 ? 0.2077 0.1956 0.1989 -0.0063 0.0109  0.0099  71  THR A C   
599 O O   . THR A 72 ? 0.2206 0.1956 0.2078 -0.0067 0.0123  0.0106  71  THR A O   
600 C CB  . THR A 72 ? 0.2122 0.1912 0.1996 -0.0040 0.0042  0.0155  71  THR A CB  
601 O OG1 . THR A 72 ? 0.2379 0.2147 0.2294 -0.0072 -0.0076 0.0179  71  THR A OG1 
602 C CG2 . THR A 72 ? 0.2178 0.1982 0.2097 -0.0055 0.0079  0.0143  71  THR A CG2 
603 N N   . PRO A 73 ? 0.2095 0.2065 0.2038 -0.0069 0.0104  0.0075  72  PRO A N   
604 C CA  . PRO A 73 ? 0.2198 0.2187 0.2157 -0.0069 0.0074  0.0060  72  PRO A CA  
605 C C   . PRO A 73 ? 0.2298 0.2312 0.2285 -0.0092 0.0097  0.0055  72  PRO A C   
606 O O   . PRO A 73 ? 0.2332 0.2294 0.2266 -0.0137 0.0145  0.0061  72  PRO A O   
607 C CB  . PRO A 73 ? 0.2142 0.2157 0.2137 -0.0090 0.0066  0.0075  72  PRO A CB  
608 C CG  . PRO A 73 ? 0.2041 0.2073 0.2057 -0.0060 0.0078  0.0092  72  PRO A CG  
609 C CD  . PRO A 73 ? 0.2062 0.2048 0.2001 -0.0059 0.0092  0.0072  72  PRO A CD  
610 N N   . THR A 74 ? 0.2475 0.2449 0.2456 -0.0096 0.0084  0.0037  73  THR A N   
611 C CA  . THR A 74 ? 0.2609 0.2581 0.2634 -0.0097 0.0064  0.0031  73  THR A CA  
612 C C   . THR A 74 ? 0.2742 0.2733 0.2750 -0.0080 0.0028  0.0026  73  THR A C   
613 O O   . THR A 74 ? 0.2788 0.2762 0.2793 -0.0112 -0.0004 0.0052  73  THR A O   
614 C CB  . THR A 74 ? 0.2659 0.2624 0.2675 -0.0081 0.0050  0.0038  73  THR A CB  
615 O OG1 . THR A 74 ? 0.2901 0.2784 0.2871 -0.0061 0.0085  -0.0028 73  THR A OG1 
616 C CG2 . THR A 74 ? 0.2723 0.2667 0.2729 -0.0085 0.0017  0.0027  73  THR A CG2 
617 N N   . GLU A 75 ? 0.2833 0.2871 0.2883 -0.0081 0.0003  0.0020  74  GLU A N   
618 C CA  . GLU A 75 ? 0.2917 0.2955 0.2949 -0.0056 -0.0010 0.0015  74  GLU A CA  
619 C C   . GLU A 75 ? 0.2965 0.2998 0.2985 -0.0056 0.0002  0.0013  74  GLU A C   
620 O O   . GLU A 75 ? 0.3079 0.3129 0.3076 -0.0056 -0.0030 0.0018  74  GLU A O   
621 C CB  . GLU A 75 ? 0.2978 0.3031 0.3046 -0.0059 -0.0008 0.0018  74  GLU A CB  
622 C CG  . GLU A 75 ? 0.3206 0.3293 0.3207 -0.0026 0.0000  -0.0004 74  GLU A CG  
623 C CD  . GLU A 75 ? 0.3481 0.3445 0.3490 -0.0006 -0.0005 0.0000  74  GLU A CD  
624 O OE1 . GLU A 75 ? 0.3689 0.3673 0.3656 -0.0003 -0.0046 0.0046  74  GLU A OE1 
625 O OE2 . GLU A 75 ? 0.3765 0.3709 0.3657 -0.0012 -0.0010 -0.0049 74  GLU A OE2 
626 N N   . LYS A 76 ? 0.2994 0.3009 0.3009 -0.0065 0.0007  0.0007  75  LYS A N   
627 C CA  . LYS A 76 ? 0.2961 0.2976 0.2982 -0.0061 0.0021  0.0007  75  LYS A CA  
628 C C   . LYS A 76 ? 0.2942 0.2934 0.2937 -0.0068 0.0018  0.0007  75  LYS A C   
629 O O   . LYS A 76 ? 0.3007 0.3000 0.2983 -0.0066 0.0044  0.0001  75  LYS A O   
630 C CB  . LYS A 76 ? 0.3063 0.3033 0.3060 -0.0040 0.0020  -0.0002 75  LYS A CB  
631 C CG  . LYS A 76 ? 0.3217 0.3253 0.3284 -0.0006 -0.0011 -0.0006 75  LYS A CG  
632 C CD  . LYS A 76 ? 0.3416 0.3426 0.3379 -0.0002 0.0016  -0.0001 75  LYS A CD  
633 C CE  . LYS A 76 ? 0.3516 0.3492 0.3492 -0.0016 0.0019  0.0012  75  LYS A CE  
634 N NZ  . LYS A 76 ? 0.3516 0.3534 0.3424 0.0010  0.0031  0.0012  75  LYS A NZ  
635 N N   . ASP A 77 ? 0.2847 0.2815 0.2826 -0.0080 0.0037  0.0022  76  ASP A N   
636 C CA  . ASP A 77 ? 0.2775 0.2712 0.2745 -0.0064 0.0038  0.0031  76  ASP A CA  
637 C C   . ASP A 77 ? 0.2664 0.2616 0.2673 -0.0073 0.0056  0.0007  76  ASP A C   
638 O O   . ASP A 77 ? 0.2722 0.2684 0.2730 -0.0058 0.0097  0.0035  76  ASP A O   
639 C CB  . ASP A 77 ? 0.2816 0.2777 0.2806 -0.0057 0.0039  0.0015  76  ASP A CB  
640 C CG  . ASP A 77 ? 0.2947 0.2858 0.2910 -0.0062 0.0028  0.0051  76  ASP A CG  
641 O OD1 . ASP A 77 ? 0.3271 0.3090 0.3172 -0.0027 0.0043  0.0025  76  ASP A OD1 
642 O OD2 . ASP A 77 ? 0.3234 0.3103 0.3096 -0.0078 -0.0012 0.0071  76  ASP A OD2 
643 N N   . GLU A 78 ? 0.2495 0.2414 0.2535 -0.0117 0.0060  0.0023  77  GLU A N   
644 C CA  . GLU A 78 ? 0.2365 0.2293 0.2459 -0.0135 0.0059  0.0017  77  GLU A CA  
645 C C   . GLU A 78 ? 0.2153 0.2034 0.2243 -0.0145 0.0083  0.0038  77  GLU A C   
646 O O   . GLU A 78 ? 0.2190 0.1922 0.2390 -0.0214 0.0071  0.0048  77  GLU A O   
647 C CB  . GLU A 78 ? 0.2431 0.2350 0.2458 -0.0128 0.0048  0.0035  77  GLU A CB  
648 C CG  . GLU A 78 ? 0.2671 0.2589 0.2727 -0.0051 0.0033  0.0023  77  GLU A CG  
649 C CD  . GLU A 78 ? 0.2743 0.2677 0.2739 -0.0057 0.0036  -0.0015 77  GLU A CD  
650 O OE1 . GLU A 78 ? 0.3138 0.3089 0.3073 0.0005  -0.0053 0.0067  77  GLU A OE1 
651 O OE2 . GLU A 78 ? 0.3306 0.2989 0.3229 -0.0015 0.0015  -0.0101 77  GLU A OE2 
652 N N   . TYR A 79 ? 0.1862 0.1844 0.1954 -0.0200 0.0128  0.0044  78  TYR A N   
653 C CA  . TYR A 79 ? 0.1765 0.1727 0.1790 -0.0158 0.0128  0.0060  78  TYR A CA  
654 C C   . TYR A 79 ? 0.1605 0.1601 0.1696 -0.0155 0.0134  0.0068  78  TYR A C   
655 O O   . TYR A 79 ? 0.1605 0.1661 0.1684 -0.0218 0.0158  0.0138  78  TYR A O   
656 C CB  . TYR A 79 ? 0.1751 0.1651 0.1744 -0.0147 0.0120  0.0056  78  TYR A CB  
657 C CG  . TYR A 79 ? 0.1806 0.1600 0.1692 -0.0150 0.0193  0.0045  78  TYR A CG  
658 C CD1 . TYR A 79 ? 0.1797 0.1369 0.1574 -0.0133 0.0135  0.0026  78  TYR A CD1 
659 C CD2 . TYR A 79 ? 0.1845 0.1684 0.1796 -0.0191 0.0142  0.0083  78  TYR A CD2 
660 C CE1 . TYR A 79 ? 0.1833 0.1627 0.1702 -0.0097 0.0081  0.0047  78  TYR A CE1 
661 C CE2 . TYR A 79 ? 0.2032 0.1660 0.1765 -0.0117 0.0158  0.0041  78  TYR A CE2 
662 C CZ  . TYR A 79 ? 0.2053 0.1584 0.1773 -0.0144 0.0119  0.0055  78  TYR A CZ  
663 O OH  . TYR A 79 ? 0.2300 0.1886 0.1794 -0.0115 0.0068  0.0178  78  TYR A OH  
664 N N   . ALA A 80 ? 0.1497 0.1499 0.1559 -0.0163 0.0118  0.0027  79  ALA A N   
665 C CA  . ALA A 80 ? 0.1427 0.1444 0.1453 -0.0154 0.0110  -0.0004 79  ALA A CA  
666 C C   . ALA A 80 ? 0.1340 0.1296 0.1346 -0.0135 0.0103  -0.0019 79  ALA A C   
667 O O   . ALA A 80 ? 0.1363 0.1365 0.1388 -0.0179 0.0114  0.0015  79  ALA A O   
668 C CB  . ALA A 80 ? 0.1504 0.1452 0.1522 -0.0202 0.0107  -0.0060 79  ALA A CB  
669 N N   . CYS A 81 ? 0.1243 0.1308 0.1214 -0.0140 0.0131  -0.0006 80  CYS A N   
670 C CA  . CYS A 81 ? 0.1235 0.1306 0.1165 -0.0100 0.0119  -0.0044 80  CYS A CA  
671 C C   . CYS A 81 ? 0.1236 0.1224 0.1135 -0.0100 0.0087  -0.0065 80  CYS A C   
672 O O   . CYS A 81 ? 0.1267 0.1454 0.1153 -0.0042 0.0102  -0.0082 80  CYS A O   
673 C CB  . CYS A 81 ? 0.1261 0.1372 0.1108 -0.0099 0.0145  -0.0036 80  CYS A CB  
674 S SG  . CYS A 81 ? 0.1345 0.1337 0.1252 -0.0203 0.0231  -0.0118 80  CYS A SG  
675 N N   . ARG A 82 ? 0.1209 0.1221 0.1058 -0.0094 0.0111  -0.0068 81  ARG A N   
676 C CA  . ARG A 82 ? 0.1229 0.1197 0.1117 -0.0088 0.0124  -0.0046 81  ARG A CA  
677 C C   . ARG A 82 ? 0.1092 0.1088 0.1027 -0.0078 0.0109  -0.0061 81  ARG A C   
678 O O   . ARG A 82 ? 0.1098 0.1123 0.1022 -0.0069 0.0080  0.0039  81  ARG A O   
679 C CB  . ARG A 82 ? 0.1272 0.1226 0.1214 -0.0083 0.0125  -0.0070 81  ARG A CB  
680 C CG  . ARG A 82 ? 0.1451 0.1339 0.1293 -0.0068 0.0152  -0.0074 81  ARG A CG  
681 C CD  . ARG A 82 ? 0.1773 0.1505 0.1641 -0.0003 0.0201  -0.0104 81  ARG A CD  
682 N NE  . ARG A 82 ? 0.2080 0.1835 0.1912 0.0040  0.0106  -0.0070 81  ARG A NE  
683 C CZ  . ARG A 82 ? 0.2245 0.2051 0.2077 0.0041  0.0034  0.0029  81  ARG A CZ  
684 N NH1 . ARG A 82 ? 0.2425 0.2130 0.2145 0.0047  0.0004  -0.0060 81  ARG A NH1 
685 N NH2 . ARG A 82 ? 0.2243 0.2043 0.2105 0.0053  0.0057  -0.0035 81  ARG A NH2 
686 N N   . VAL A 83 ? 0.1002 0.1076 0.0966 -0.0089 0.0062  -0.0072 82  VAL A N   
687 C CA  . VAL A 83 ? 0.1051 0.1097 0.0961 -0.0034 0.0034  -0.0059 82  VAL A CA  
688 C C   . VAL A 83 ? 0.1031 0.1117 0.0889 -0.0014 -0.0006 -0.0050 82  VAL A C   
689 O O   . VAL A 83 ? 0.1090 0.1273 0.0959 -0.0113 -0.0025 -0.0117 82  VAL A O   
690 C CB  . VAL A 83 ? 0.1030 0.1086 0.1017 0.0009  -0.0026 -0.0081 82  VAL A CB  
691 C CG1 . VAL A 83 ? 0.1082 0.1061 0.1095 -0.0013 -0.0091 0.0029  82  VAL A CG1 
692 C CG2 . VAL A 83 ? 0.1152 0.1214 0.1108 0.0053  -0.0038 -0.0112 82  VAL A CG2 
693 N N   . ASN A 84 ? 0.1040 0.1143 0.0850 -0.0011 0.0009  -0.0040 83  ASN A N   
694 C CA  . ASN A 84 ? 0.1080 0.1165 0.0913 0.0021  0.0012  -0.0012 83  ASN A CA  
695 C C   . ASN A 84 ? 0.0956 0.1108 0.0821 0.0059  0.0012  -0.0020 83  ASN A C   
696 O O   . ASN A 84 ? 0.1005 0.1166 0.0844 -0.0007 -0.0013 0.0029  83  ASN A O   
697 C CB  . ASN A 84 ? 0.1285 0.1245 0.1058 0.0065  0.0061  0.0040  83  ASN A CB  
698 C CG  . ASN A 84 ? 0.1706 0.1610 0.1606 -0.0008 0.0068  0.0004  83  ASN A CG  
699 O OD1 . ASN A 84 ? 0.1938 0.1906 0.1935 -0.0037 -0.0078 -0.0084 83  ASN A OD1 
700 N ND2 . ASN A 84 ? 0.2240 0.1950 0.2168 0.0013  -0.0100 0.0135  83  ASN A ND2 
701 N N   . HIS A 85 ? 0.0920 0.1113 0.0807 0.0026  -0.0029 -0.0022 84  HIS A N   
702 C CA  . HIS A 85 ? 0.0904 0.1093 0.0840 0.0018  -0.0035 -0.0012 84  HIS A CA  
703 C C   . HIS A 85 ? 0.0920 0.1104 0.0862 0.0025  -0.0045 0.0007  84  HIS A C   
704 O O   . HIS A 85 ? 0.0976 0.1104 0.0837 0.0006  -0.0072 -0.0003 84  HIS A O   
705 C CB  . HIS A 85 ? 0.0850 0.1147 0.0789 0.0035  -0.0043 0.0001  84  HIS A CB  
706 C CG  . HIS A 85 ? 0.0872 0.1148 0.0701 0.0040  -0.0037 -0.0033 84  HIS A CG  
707 N ND1 . HIS A 85 ? 0.0932 0.1157 0.0793 0.0002  -0.0052 0.0034  84  HIS A ND1 
708 C CD2 . HIS A 85 ? 0.0822 0.1128 0.0828 0.0067  -0.0088 -0.0046 84  HIS A CD2 
709 C CE1 . HIS A 85 ? 0.0923 0.1029 0.0822 -0.0048 -0.0070 0.0038  84  HIS A CE1 
710 N NE2 . HIS A 85 ? 0.0896 0.1059 0.0877 -0.0030 -0.0043 -0.0107 84  HIS A NE2 
711 N N   . VAL A 86 ? 0.0933 0.1071 0.0851 0.0022  0.0018  -0.0036 85  VAL A N   
712 C CA  . VAL A 86 ? 0.1065 0.1129 0.0911 0.0049  -0.0002 -0.0020 85  VAL A CA  
713 C C   . VAL A 86 ? 0.1098 0.1146 0.0884 0.0068  -0.0013 0.0014  85  VAL A C   
714 O O   . VAL A 86 ? 0.1377 0.1328 0.0850 0.0103  0.0028  -0.0042 85  VAL A O   
715 C CB  . VAL A 86 ? 0.1194 0.1220 0.1077 0.0026  0.0080  -0.0024 85  VAL A CB  
716 C CG1 . VAL A 86 ? 0.1319 0.1441 0.1387 -0.0013 -0.0018 -0.0040 85  VAL A CG1 
717 C CG2 . VAL A 86 ? 0.1209 0.1192 0.1175 -0.0027 0.0093  -0.0024 85  VAL A CG2 
718 N N   . THR A 87 ? 0.1068 0.1093 0.0810 0.0056  -0.0067 0.0001  86  THR A N   
719 C CA  . THR A 87 ? 0.1099 0.1144 0.0898 0.0039  -0.0078 0.0008  86  THR A CA  
720 C C   . THR A 87 ? 0.1130 0.1136 0.0928 0.0048  -0.0100 -0.0016 86  THR A C   
721 O O   . THR A 87 ? 0.1209 0.1230 0.1046 0.0033  -0.0280 0.0000  86  THR A O   
722 C CB  . THR A 87 ? 0.1096 0.1138 0.0848 0.0047  -0.0079 0.0018  86  THR A CB  
723 O OG1 . THR A 87 ? 0.1009 0.1116 0.0798 0.0070  0.0005  0.0019  86  THR A OG1 
724 C CG2 . THR A 87 ? 0.1327 0.1172 0.1006 -0.0044 -0.0101 0.0007  86  THR A CG2 
725 N N   . LEU A 88 ? 0.1195 0.1151 0.1081 -0.0017 -0.0128 -0.0014 87  LEU A N   
726 C CA  . LEU A 88 ? 0.1272 0.1259 0.1260 -0.0032 -0.0111 0.0002  87  LEU A CA  
727 C C   . LEU A 88 ? 0.1315 0.1321 0.1283 -0.0024 -0.0121 -0.0022 87  LEU A C   
728 O O   . LEU A 88 ? 0.1441 0.1428 0.1547 0.0046  -0.0152 -0.0079 87  LEU A O   
729 C CB  . LEU A 88 ? 0.1277 0.1256 0.1364 -0.0074 -0.0163 0.0066  87  LEU A CB  
730 C CG  . LEU A 88 ? 0.1392 0.1305 0.1339 -0.0122 -0.0091 0.0095  87  LEU A CG  
731 C CD1 . LEU A 88 ? 0.1513 0.1631 0.1386 -0.0124 -0.0102 0.0139  87  LEU A CD1 
732 C CD2 . LEU A 88 ? 0.1533 0.1481 0.1534 -0.0042 -0.0147 0.0063  87  LEU A CD2 
733 N N   . SER A 89 ? 0.1377 0.1413 0.1178 0.0034  0.0007  -0.0033 88  SER A N   
734 C CA  . SER A 89 ? 0.1513 0.1461 0.1309 0.0040  0.0048  -0.0023 88  SER A CA  
735 C C   . SER A 89 ? 0.1629 0.1514 0.1365 0.0051  0.0122  -0.0006 88  SER A C   
736 O O   . SER A 89 ? 0.1858 0.1663 0.1673 0.0161  0.0180  0.0094  88  SER A O   
737 C CB  . SER A 89 ? 0.1580 0.1575 0.1299 0.0050  0.0076  -0.0065 88  SER A CB  
738 O OG  . SER A 89 ? 0.1692 0.1791 0.1319 -0.0003 -0.0044 -0.0126 88  SER A OG  
739 N N   . GLN A 90 ? 0.1673 0.1525 0.1407 0.0021  0.0128  -0.0042 89  GLN A N   
740 C CA  . GLN A 90 ? 0.1810 0.1635 0.1481 -0.0029 0.0094  -0.0040 89  GLN A CA  
741 C C   . GLN A 90 ? 0.1726 0.1550 0.1404 -0.0059 0.0132  -0.0063 89  GLN A C   
742 O O   . GLN A 90 ? 0.1792 0.1426 0.1179 -0.0083 0.0183  -0.0054 89  GLN A O   
743 C CB  . GLN A 90 ? 0.1903 0.1734 0.1630 -0.0056 0.0049  -0.0048 89  GLN A CB  
744 C CG  . GLN A 90 ? 0.2169 0.1958 0.1851 -0.0031 0.0011  -0.0083 89  GLN A CG  
745 C CD  . GLN A 90 ? 0.2245 0.2237 0.2090 -0.0059 0.0013  -0.0013 89  GLN A CD  
746 O OE1 . GLN A 90 ? 0.2705 0.2807 0.2833 0.0078  0.0057  -0.0038 89  GLN A OE1 
747 N NE2 . GLN A 90 ? 0.2792 0.2591 0.2709 -0.0065 0.0014  -0.0081 89  GLN A NE2 
748 N N   . PRO A 91 ? 0.1725 0.1634 0.1418 -0.0079 0.0076  -0.0084 90  PRO A N   
749 C CA  . PRO A 91 ? 0.1673 0.1657 0.1416 -0.0096 0.0058  -0.0060 90  PRO A CA  
750 C C   . PRO A 91 ? 0.1608 0.1614 0.1397 -0.0160 0.0042  -0.0070 90  PRO A C   
751 O O   . PRO A 91 ? 0.1672 0.1630 0.1440 -0.0262 0.0058  -0.0083 90  PRO A O   
752 C CB  . PRO A 91 ? 0.1734 0.1771 0.1540 -0.0065 0.0067  -0.0017 90  PRO A CB  
753 C CG  . PRO A 91 ? 0.1878 0.1773 0.1709 -0.0017 0.0035  -0.0041 90  PRO A CG  
754 C CD  . PRO A 91 ? 0.1826 0.1745 0.1632 -0.0033 0.0091  -0.0029 90  PRO A CD  
755 N N   . LYS A 92 ? 0.1529 0.1596 0.1338 -0.0154 0.0020  -0.0051 91  LYS A N   
756 C CA  . LYS A 92 ? 0.1572 0.1701 0.1404 -0.0144 0.0017  -0.0033 91  LYS A CA  
757 C C   . LYS A 92 ? 0.1433 0.1617 0.1239 -0.0185 0.0001  -0.0062 91  LYS A C   
758 O O   . LYS A 92 ? 0.1373 0.1667 0.1049 -0.0260 -0.0010 -0.0041 91  LYS A O   
759 C CB  . LYS A 92 ? 0.1704 0.1749 0.1486 -0.0125 -0.0002 -0.0014 91  LYS A CB  
760 C CG  . LYS A 92 ? 0.1765 0.1849 0.1678 -0.0059 0.0047  -0.0022 91  LYS A CG  
761 C CD  . LYS A 92 ? 0.1940 0.1964 0.1872 -0.0019 -0.0018 -0.0005 91  LYS A CD  
762 C CE  . LYS A 92 ? 0.2111 0.2271 0.2163 0.0059  -0.0001 0.0024  91  LYS A CE  
763 N NZ  . LYS A 92 ? 0.2608 0.2520 0.2595 -0.0036 0.0065  -0.0038 91  LYS A NZ  
764 N N   . ILE A 93 ? 0.1485 0.1719 0.1321 -0.0226 0.0018  -0.0055 92  ILE A N   
765 C CA  . ILE A 93 ? 0.1590 0.1777 0.1473 -0.0161 0.0026  -0.0023 92  ILE A CA  
766 C C   . ILE A 93 ? 0.1513 0.1811 0.1454 -0.0179 0.0002  -0.0048 92  ILE A C   
767 O O   . ILE A 93 ? 0.1518 0.1968 0.1509 -0.0275 -0.0009 -0.0115 92  ILE A O   
768 C CB  . ILE A 93 ? 0.1708 0.1833 0.1590 -0.0147 0.0059  -0.0030 92  ILE A CB  
769 C CG1 . ILE A 93 ? 0.1850 0.1867 0.1753 -0.0129 0.0065  -0.0037 92  ILE A CG1 
770 C CG2 . ILE A 93 ? 0.1745 0.1814 0.1625 -0.0199 0.0065  -0.0006 92  ILE A CG2 
771 C CD1 . ILE A 93 ? 0.1963 0.1924 0.1890 -0.0075 0.0040  -0.0069 92  ILE A CD1 
772 N N   . VAL A 94 ? 0.1508 0.1732 0.1430 -0.0169 0.0025  -0.0001 93  VAL A N   
773 C CA  . VAL A 94 ? 0.1585 0.1763 0.1546 -0.0120 0.0009  -0.0012 93  VAL A CA  
774 C C   . VAL A 94 ? 0.1498 0.1714 0.1537 -0.0136 0.0004  0.0013  93  VAL A C   
775 O O   . VAL A 94 ? 0.1386 0.1735 0.1377 -0.0126 0.0078  -0.0003 93  VAL A O   
776 C CB  . VAL A 94 ? 0.1589 0.1741 0.1523 -0.0116 0.0006  0.0015  93  VAL A CB  
777 C CG1 . VAL A 94 ? 0.1749 0.1826 0.1685 -0.0020 -0.0055 -0.0050 93  VAL A CG1 
778 C CG2 . VAL A 94 ? 0.1772 0.1769 0.1655 -0.0145 0.0004  0.0057  93  VAL A CG2 
779 N N   . LYS A 95 ? 0.1652 0.1860 0.1687 -0.0170 -0.0002 0.0027  94  LYS A N   
780 C CA  . LYS A 95 ? 0.1829 0.1989 0.1886 -0.0117 0.0025  0.0051  94  LYS A CA  
781 C C   . LYS A 95 ? 0.1839 0.2018 0.1905 -0.0105 0.0034  0.0049  94  LYS A C   
782 O O   . LYS A 95 ? 0.1942 0.2132 0.1886 -0.0034 0.0075  0.0106  94  LYS A O   
783 C CB  . LYS A 95 ? 0.1871 0.2057 0.2001 -0.0148 0.0016  0.0063  94  LYS A CB  
784 C CG  . LYS A 95 ? 0.2213 0.2252 0.2231 -0.0077 0.0013  0.0024  94  LYS A CG  
785 C CD  . LYS A 95 ? 0.2240 0.2230 0.2263 -0.0099 -0.0005 0.0004  94  LYS A CD  
786 C CE  . LYS A 95 ? 0.2521 0.2399 0.2451 -0.0046 -0.0005 -0.0048 94  LYS A CE  
787 N NZ  . LYS A 95 ? 0.2718 0.2546 0.2672 -0.0118 -0.0049 -0.0054 94  LYS A NZ  
788 N N   . TRP A 96 ? 0.1849 0.2051 0.1932 -0.0110 0.0041  0.0031  95  TRP A N   
789 C CA  . TRP A 96 ? 0.2018 0.2158 0.2044 -0.0078 0.0030  0.0001  95  TRP A CA  
790 C C   . TRP A 96 ? 0.2143 0.2309 0.2195 -0.0074 0.0045  -0.0001 95  TRP A C   
791 O O   . TRP A 96 ? 0.2067 0.2355 0.2196 -0.0124 0.0101  -0.0011 95  TRP A O   
792 C CB  . TRP A 96 ? 0.1886 0.2000 0.1817 -0.0077 0.0080  0.0045  95  TRP A CB  
793 C CG  . TRP A 96 ? 0.1798 0.1923 0.1768 -0.0109 0.0043  0.0081  95  TRP A CG  
794 C CD1 . TRP A 96 ? 0.1799 0.1909 0.1786 -0.0056 0.0046  0.0067  95  TRP A CD1 
795 C CD2 . TRP A 96 ? 0.1787 0.1929 0.1832 -0.0088 0.0021  0.0026  95  TRP A CD2 
796 N NE1 . TRP A 96 ? 0.1766 0.1845 0.1805 -0.0072 0.0008  0.0024  95  TRP A NE1 
797 C CE2 . TRP A 96 ? 0.1759 0.2038 0.1860 -0.0080 -0.0011 -0.0016 95  TRP A CE2 
798 C CE3 . TRP A 96 ? 0.1823 0.2041 0.1877 -0.0103 0.0045  -0.0036 95  TRP A CE3 
799 C CZ2 . TRP A 96 ? 0.1857 0.1982 0.1935 -0.0041 -0.0012 -0.0030 95  TRP A CZ2 
800 C CZ3 . TRP A 96 ? 0.1889 0.2099 0.1970 -0.0058 0.0013  -0.0029 95  TRP A CZ3 
801 C CH2 . TRP A 96 ? 0.1894 0.2071 0.1962 -0.0029 0.0014  -0.0026 95  TRP A CH2 
802 N N   . ASP A 97 ? 0.2351 0.2523 0.2441 -0.0042 0.0026  -0.0017 96  ASP A N   
803 C CA  . ASP A 97 ? 0.2483 0.2690 0.2629 -0.0036 0.0021  -0.0019 96  ASP A CA  
804 C C   . ASP A 97 ? 0.2669 0.2820 0.2733 -0.0028 0.0009  -0.0010 96  ASP A C   
805 O O   . ASP A 97 ? 0.2700 0.2847 0.2776 -0.0029 0.0035  -0.0020 96  ASP A O   
806 C CB  . ASP A 97 ? 0.2559 0.2713 0.2667 -0.0019 0.0016  -0.0003 96  ASP A CB  
807 C CG  . ASP A 97 ? 0.2533 0.2724 0.2711 -0.0020 0.0011  -0.0009 96  ASP A CG  
808 O OD1 . ASP A 97 ? 0.2821 0.3073 0.2920 -0.0006 0.0036  0.0035  96  ASP A OD1 
809 O OD2 . ASP A 97 ? 0.2975 0.3177 0.3036 0.0055  -0.0049 0.0088  96  ASP A OD2 
810 N N   . ARG A 98 ? 0.2874 0.2980 0.2920 -0.0037 0.0013  0.0004  97  ARG A N   
811 C CA  . ARG A 98 ? 0.3042 0.3117 0.3044 -0.0029 0.0014  0.0014  97  ARG A CA  
812 C C   . ARG A 98 ? 0.3107 0.3167 0.3117 -0.0027 0.0010  0.0000  97  ARG A C   
813 O O   . ARG A 98 ? 0.3119 0.3206 0.3130 -0.0044 0.0016  -0.0007 97  ARG A O   
814 C CB  . ARG A 98 ? 0.3118 0.3156 0.3119 -0.0030 0.0012  0.0017  97  ARG A CB  
815 C CG  . ARG A 98 ? 0.3264 0.3277 0.3282 -0.0005 0.0019  0.0007  97  ARG A CG  
816 C CD  . ARG A 98 ? 0.3484 0.3352 0.3411 -0.0043 0.0047  0.0014  97  ARG A CD  
817 N NE  . ARG A 98 ? 0.3559 0.3605 0.3635 0.0043  -0.0008 0.0007  97  ARG A NE  
818 C CZ  . ARG A 98 ? 0.3649 0.3683 0.3691 0.0000  -0.0023 0.0000  97  ARG A CZ  
819 N NH1 . ARG A 98 ? 0.3627 0.3746 0.3740 0.0068  -0.0044 -0.0023 97  ARG A NH1 
820 N NH2 . ARG A 98 ? 0.3795 0.3780 0.3806 -0.0030 -0.0033 0.0042  97  ARG A NH2 
821 N N   . ASP A 99 ? 0.3151 0.3222 0.3189 -0.0024 0.0009  -0.0004 98  ASP A N   
822 C CA  . ASP A 99 ? 0.3194 0.3250 0.3229 -0.0009 0.0006  -0.0009 98  ASP A CA  
823 C C   . ASP A 99 ? 0.3203 0.3282 0.3271 -0.0010 0.0006  -0.0005 98  ASP A C   
824 O O   . ASP A 99 ? 0.3225 0.3299 0.3322 0.0002  -0.0001 -0.0011 98  ASP A O   
825 C CB  . ASP A 99 ? 0.3226 0.3298 0.3266 -0.0017 0.0001  -0.0013 98  ASP A CB  
826 C CG  . ASP A 99 ? 0.3349 0.3369 0.3377 -0.0034 0.0004  -0.0010 98  ASP A CG  
827 O OD1 . ASP A 99 ? 0.3471 0.3493 0.3453 -0.0055 0.0017  -0.0005 98  ASP A OD1 
828 O OD2 . ASP A 99 ? 0.3462 0.3484 0.3500 -0.0087 -0.0008 -0.0080 98  ASP A OD2 
829 O O   . HOH B .  ? 0.1236 0.1282 0.1307 0.0026  0.0093  0.0105  100 HOH A O   
830 O O   . HOH B .  ? 0.0966 0.2102 0.1154 -0.0087 -0.0073 -0.0223 101 HOH A O   
831 O O   . HOH B .  ? 0.1484 0.1338 0.1475 0.0172  -0.0042 0.0099  102 HOH A O   
832 O O   . HOH B .  ? 0.1646 0.1655 0.1886 -0.0035 0.0225  0.0115  103 HOH A O   
833 O O   . HOH B .  ? 0.1364 0.1789 0.2167 -0.0169 -0.0250 0.0319  104 HOH A O   
834 O O   . HOH B .  ? 0.1536 0.2208 0.1752 -0.0026 -0.0199 0.0028  105 HOH A O   
835 O O   . HOH B .  ? 0.1845 0.1691 0.1938 0.0161  0.0186  0.0369  106 HOH A O   
836 O O   . HOH B .  ? 0.1590 0.1581 0.1428 0.0064  -0.0059 -0.0089 107 HOH A O   
837 O O   . HOH B .  ? 0.2364 0.2043 0.1720 0.0095  0.0269  -0.0414 108 HOH A O   
838 O O   . HOH B .  ? 0.2384 0.1931 0.2309 -0.0279 0.0209  0.0045  109 HOH A O   
839 O O   . HOH B .  ? 0.1883 0.1710 0.1916 0.0136  0.0244  -0.0051 110 HOH A O   
840 O O   . HOH B .  ? 0.2113 0.2845 0.2085 0.0034  0.0024  0.0134  111 HOH A O   
841 O O   . HOH B .  ? 0.1746 0.2033 0.2025 0.0048  -0.0328 -0.0190 112 HOH A O   
842 O O   . HOH B .  ? 0.2125 0.1938 0.2034 -0.0124 -0.0435 -0.0040 113 HOH A O   
843 O O   . HOH B .  ? 0.1913 0.2238 0.2366 -0.0330 0.0252  0.0040  114 HOH A O   
844 O O   . HOH B .  ? 0.2490 0.2263 0.2293 -0.0120 0.0106  -0.0023 115 HOH A O   
845 O O   . HOH B .  ? 0.2144 0.2093 0.2075 0.0245  0.0142  0.0177  116 HOH A O   
846 O O   . HOH B .  ? 0.2299 0.2594 0.2102 -0.0354 -0.0213 -0.0073 117 HOH A O   
847 O O   . HOH B .  ? 0.1936 0.2000 0.1532 -0.0123 -0.0019 -0.0055 118 HOH A O   
848 O O   . HOH B .  ? 0.1841 0.2482 0.2110 -0.0222 -0.0098 0.0426  119 HOH A O   
849 O O   . HOH B .  ? 0.2610 0.2467 0.2503 0.0011  0.0114  0.0047  120 HOH A O   
850 O O   . HOH B .  ? 0.2594 0.2080 0.2366 0.0047  0.0120  0.0013  121 HOH A O   
851 O O   . HOH B .  ? 0.2570 0.2212 0.2495 0.0018  0.0107  0.0139  122 HOH A O   
852 O O   . HOH B .  ? 0.2242 0.2803 0.2260 -0.0019 -0.0260 0.0242  123 HOH A O   
853 O O   . HOH B .  ? 0.2381 0.2504 0.2425 0.0101  0.0130  0.0037  124 HOH A O   
854 O O   . HOH B .  ? 0.2483 0.2751 0.2778 0.0131  0.0045  -0.0177 125 HOH A O   
855 O O   . HOH B .  ? 0.2743 0.2521 0.2907 -0.0038 -0.0045 0.0139  126 HOH A O   
856 O O   . HOH B .  ? 0.2706 0.2837 0.2572 0.0064  0.0014  0.0173  127 HOH A O   
857 O O   . HOH B .  ? 0.2429 0.2501 0.2057 -0.0257 -0.0220 0.0172  128 HOH A O   
858 O O   . HOH B .  ? 0.2631 0.2765 0.2670 0.0110  0.0131  0.0113  129 HOH A O   
859 O O   . HOH B .  ? 0.2205 0.2790 0.2229 0.0007  -0.0493 0.0160  130 HOH A O   
860 O O   . HOH B .  ? 0.2369 0.2436 0.2331 -0.0148 0.0083  -0.0099 131 HOH A O   
861 O O   . HOH B .  ? 0.2514 0.2352 0.2140 -0.0059 0.0023  -0.0230 132 HOH A O   
862 O O   . HOH B .  ? 0.2497 0.2916 0.2609 0.0055  0.0104  0.0023  133 HOH A O   
863 O O   . HOH B .  ? 0.2854 0.3009 0.2995 0.0016  -0.0372 -0.0123 134 HOH A O   
864 O O   . HOH B .  ? 0.2418 0.2899 0.2421 -0.0136 -0.0291 0.0066  135 HOH A O   
865 O O   . HOH B .  ? 0.3466 0.3087 0.3445 -0.0050 -0.0019 -0.0052 136 HOH A O   
866 O O   . HOH B .  ? 0.2985 0.2984 0.2694 0.0109  0.0077  -0.0112 137 HOH A O   
867 O O   . HOH B .  ? 0.3212 0.3073 0.3167 -0.0067 -0.0028 0.0079  138 HOH A O   
868 O O   . HOH B .  ? 0.2835 0.2711 0.2817 0.0026  0.0210  -0.0073 139 HOH A O   
869 O O   . HOH B .  ? 0.2762 0.2645 0.2818 -0.0071 -0.0133 -0.0205 140 HOH A O   
870 O O   . HOH B .  ? 0.2388 0.2611 0.2458 -0.0005 0.0106  -0.0013 141 HOH A O   
871 O O   . HOH B .  ? 0.3310 0.3431 0.3348 -0.0072 0.0102  -0.0009 142 HOH A O   
872 O O   . HOH B .  ? 0.2394 0.2663 0.2563 0.0137  0.0012  0.0135  143 HOH A O   
873 O O   . HOH B .  ? 0.3140 0.3117 0.3076 -0.0008 0.0055  -0.0102 144 HOH A O   
874 O O   . HOH B .  ? 0.3051 0.2912 0.2857 -0.0130 0.0229  0.0056  145 HOH A O   
875 O O   . HOH B .  ? 0.3310 0.3105 0.3279 -0.0021 0.0012  -0.0018 146 HOH A O   
876 O O   . HOH B .  ? 0.2805 0.2852 0.2611 0.0037  0.0078  -0.0067 147 HOH A O   
877 O O   . HOH B .  ? 0.2765 0.2691 0.2843 -0.0133 0.0121  -0.0135 148 HOH A O   
878 O O   . HOH B .  ? 0.3770 0.3823 0.3741 -0.0075 -0.0009 -0.0013 149 HOH A O   
879 O O   . HOH B .  ? 0.3581 0.3530 0.3560 0.0034  0.0007  0.0080  150 HOH A O   
880 O O   . HOH B .  ? 0.3332 0.3422 0.3230 0.0015  -0.0080 -0.0020 151 HOH A O   
881 O O   . HOH B .  ? 0.3517 0.3598 0.3416 -0.0073 -0.0169 0.0026  152 HOH A O   
882 O O   . HOH B .  ? 0.3296 0.3490 0.3368 -0.0053 -0.0017 -0.0041 153 HOH A O   
883 O O   . HOH B .  ? 0.3609 0.3386 0.3557 -0.0019 0.0037  0.0030  154 HOH A O   
884 O O   . HOH B .  ? 0.4238 0.4251 0.4262 -0.0041 0.0019  -0.0006 155 HOH A O   
885 O O   . HOH B .  ? 0.2948 0.2996 0.2889 0.0150  0.0075  0.0119  156 HOH A O   
886 O O   . HOH B .  ? 0.3348 0.3418 0.3450 0.0112  0.0113  -0.0050 157 HOH A O   
887 O O   . HOH B .  ? 0.3564 0.3725 0.3604 0.0011  0.0032  -0.0082 158 HOH A O   
888 O O   . HOH B .  ? 0.3699 0.3560 0.3754 -0.0058 -0.0046 0.0116  159 HOH A O   
889 O O   . HOH B .  ? 0.3540 0.3480 0.3543 -0.0036 -0.0089 0.0128  160 HOH A O   
890 O O   . HOH B .  ? 0.3860 0.4014 0.3942 -0.0083 -0.0093 -0.0013 161 HOH A O   
891 O O   . HOH B .  ? 0.4395 0.4306 0.4382 0.0020  0.0004  0.0005  162 HOH A O   
892 O O   . HOH B .  ? 0.4501 0.4512 0.4513 0.0027  -0.0036 0.0001  163 HOH A O   
893 O O   . HOH B .  ? 0.4042 0.3982 0.4021 -0.0047 -0.0043 0.0079  164 HOH A O   
894 O O   . HOH B .  ? 0.3468 0.3383 0.3329 -0.0031 -0.0055 0.0002  165 HOH A O   
895 O O   . HOH B .  ? 0.4054 0.3836 0.3873 0.0009  0.0038  -0.0025 166 HOH A O   
896 O O   . HOH B .  ? 0.4423 0.4358 0.4382 -0.0024 0.0012  -0.0003 167 HOH A O   
897 O O   . HOH B .  ? 0.5171 0.5137 0.5150 -0.0005 -0.0015 0.0003  168 HOH A O   
898 O O   . HOH B .  ? 0.3752 0.3837 0.3708 -0.0035 -0.0094 0.0052  169 HOH A O   
899 O O   . HOH B .  ? 0.3581 0.3618 0.3553 -0.0056 0.0006  0.0031  170 HOH A O   
900 O O   . HOH B .  ? 0.3178 0.3424 0.3347 -0.0018 0.0005  0.0040  171 HOH A O   
901 O O   . HOH B .  ? 0.3610 0.3516 0.3533 -0.0013 -0.0075 0.0028  172 HOH A O   
902 O O   . HOH B .  ? 0.4161 0.3991 0.4014 -0.0042 0.0032  0.0025  173 HOH A O   
903 O O   . HOH B .  ? 0.2760 0.2740 0.2910 0.0063  0.0100  -0.0088 174 HOH A O   
904 O O   . HOH B .  ? 0.3261 0.3176 0.3292 0.0013  0.0062  0.0038  175 HOH A O   
905 O O   . HOH B .  ? 0.4400 0.4448 0.4347 -0.0019 0.0006  0.0030  176 HOH A O   
906 O O   . HOH B .  ? 0.3570 0.3696 0.3486 0.0003  0.0017  -0.0032 177 HOH A O   
907 O O   . HOH B .  ? 0.4107 0.4089 0.4099 -0.0002 0.0048  -0.0078 178 HOH A O   
908 O O   . HOH B .  ? 0.4584 0.4622 0.4588 0.0032  0.0051  -0.0015 179 HOH A O   
909 O O   . HOH B .  ? 0.3882 0.3873 0.3933 -0.0025 0.0017  0.0049  180 HOH A O   
910 O O   . HOH B .  ? 0.4997 0.4962 0.4982 -0.0004 -0.0018 0.0001  181 HOH A O   
911 O O   . HOH B .  ? 0.5702 0.5655 0.5690 0.0001  -0.0006 -0.0002 182 HOH A O   
912 O O   . HOH B .  ? 0.4911 0.4881 0.4911 -0.0040 -0.0017 -0.0024 183 HOH A O   
913 O O   . HOH B .  ? 0.4600 0.4671 0.4675 0.0011  -0.0010 0.0023  184 HOH A O   
914 O O   . HOH B .  ? 0.4372 0.4371 0.4380 0.0010  -0.0023 0.0000  185 HOH A O   
915 O O   . HOH B .  ? 0.3870 0.3995 0.3835 -0.0071 -0.0039 -0.0043 186 HOH A O   
916 O O   . HOH B .  ? 0.4062 0.4018 0.4089 0.0029  0.0022  -0.0001 187 HOH A O   
917 O O   . HOH B .  ? 0.3783 0.3504 0.3584 -0.0009 -0.0109 0.0076  188 HOH A O   
918 O O   . HOH B .  ? 0.5227 0.5216 0.5257 -0.0003 0.0015  0.0006  189 HOH A O   
919 O O   . HOH B .  ? 0.4829 0.4853 0.4831 -0.0025 0.0018  -0.0013 190 HOH A O   
# 
